data_5CEF
#
_entry.id   5CEF
#
_cell.length_a   76.590
_cell.length_b   130.960
_cell.length_c   91.940
_cell.angle_alpha   90.000
_cell.angle_beta   92.870
_cell.angle_gamma   90.000
#
_symmetry.space_group_name_H-M   'P 1 21 1'
#
loop_
_entity.id
_entity.type
_entity.pdbx_description
1 polymer 'Aspartate-semialdehyde dehydrogenase'
2 non-polymer 1,2-ETHANEDIOL
3 water water
#
_entity_poly.entity_id   1
_entity_poly.type   'polypeptide(L)'
_entity_poly.pdbx_seq_one_letter_code
;MGMSPRPQIKVGVLGATGTVGQRFIELLAAHPYFALHALGASSRSAGQQYARVVRWKLPSPIPDAVRHMVVHECRPDAPG
FAECGVVFSGLDADVAGDIENAFRAADLVVYSNAKNYRRDPLCPLIVPLVNPSHLSIIPYQREQLGLKKGYIVTNANCST
TGIVVPLAALEKAFGPLDTVIVTTLQAISGAGYPGVSSLDIMDNVVPLISGEEDKIEWETNKILGGVTPDNKAFDLHAPK
QINVSATCTRVPVIDGHTGCVSVKFARSPPPSVAEVENAFREYTCDAQHLGVPSAPAQAIVVHDAPDRPQPRLDKNLHNG
ACVSVGRIRECPVFDIKFVCLIDNVRLGAATSSIINAEIAVEKGLIQLEHHHHHH
;
_entity_poly.pdbx_strand_id   A,B,C,D
#
# COMPACT_ATOMS: atom_id res chain seq x y z
N ARG A 6 29.32 16.08 -31.11
CA ARG A 6 30.58 15.78 -30.34
C ARG A 6 31.24 17.00 -29.70
N PRO A 7 31.48 18.07 -30.48
CA PRO A 7 31.81 19.28 -29.73
C PRO A 7 30.64 19.65 -28.81
N GLN A 8 30.95 20.24 -27.66
CA GLN A 8 29.94 20.62 -26.71
C GLN A 8 28.91 21.55 -27.30
N ILE A 9 27.69 21.44 -26.79
CA ILE A 9 26.56 22.33 -27.15
C ILE A 9 25.91 22.89 -25.88
N LYS A 10 25.91 24.21 -25.77
CA LYS A 10 25.48 24.84 -24.54
C LYS A 10 23.97 24.74 -24.47
N VAL A 11 23.45 24.33 -23.32
CA VAL A 11 21.99 24.16 -23.18
C VAL A 11 21.41 24.86 -21.96
N GLY A 12 20.12 25.20 -22.10
CA GLY A 12 19.36 25.82 -21.03
C GLY A 12 18.31 24.89 -20.45
N VAL A 13 17.98 25.13 -19.18
CA VAL A 13 16.91 24.42 -18.51
C VAL A 13 15.97 25.43 -17.84
N LEU A 14 14.73 25.51 -18.33
CA LEU A 14 13.69 26.32 -17.70
C LEU A 14 12.92 25.48 -16.71
N GLY A 15 12.60 26.05 -15.56
CA GLY A 15 11.92 25.32 -14.49
C GLY A 15 12.90 24.44 -13.76
N ALA A 16 14.08 24.97 -13.51
CA ALA A 16 15.19 24.17 -13.09
C ALA A 16 15.10 23.69 -11.70
N THR A 17 14.33 24.37 -10.86
CA THR A 17 14.19 23.94 -9.47
C THR A 17 13.07 22.94 -9.31
N GLY A 18 12.17 22.86 -10.30
CA GLY A 18 11.08 21.85 -10.33
C GLY A 18 11.59 20.44 -10.58
N THR A 19 10.74 19.43 -10.37
CA THR A 19 11.21 18.05 -10.36
C THR A 19 11.67 17.61 -11.74
N VAL A 20 10.95 18.00 -12.77
CA VAL A 20 11.38 17.72 -14.13
C VAL A 20 12.72 18.41 -14.42
N GLY A 21 12.84 19.66 -13.97
CA GLY A 21 14.06 20.43 -14.13
C GLY A 21 15.26 19.78 -13.48
N GLN A 22 15.04 19.22 -12.30
CA GLN A 22 16.06 18.50 -11.57
C GLN A 22 16.57 17.30 -12.36
N ARG A 23 15.64 16.59 -12.98
CA ARG A 23 16.02 15.42 -13.74
C ARG A 23 16.80 15.85 -14.99
N PHE A 24 16.33 16.90 -15.66
CA PHE A 24 17.07 17.45 -16.79
C PHE A 24 18.53 17.72 -16.37
N ILE A 25 18.67 18.33 -15.20
CA ILE A 25 19.98 18.70 -14.72
C ILE A 25 20.84 17.46 -14.43
N GLU A 26 20.28 16.49 -13.73
CA GLU A 26 20.99 15.25 -13.50
C GLU A 26 21.49 14.62 -14.80
N LEU A 27 20.62 14.54 -15.80
CA LEU A 27 20.96 13.85 -17.02
C LEU A 27 21.92 14.64 -17.86
N LEU A 28 21.77 15.95 -17.87
CA LEU A 28 22.60 16.76 -18.75
C LEU A 28 24.01 16.91 -18.17
N ALA A 29 24.14 16.86 -16.84
CA ALA A 29 25.48 16.87 -16.23
C ALA A 29 26.27 15.65 -16.67
N ALA A 30 25.60 14.51 -16.81
CA ALA A 30 26.24 13.25 -17.24
C ALA A 30 26.37 13.08 -18.76
N HIS A 31 25.88 14.05 -19.53
CA HIS A 31 25.72 13.89 -20.96
C HIS A 31 27.05 14.14 -21.71
N PRO A 32 27.29 13.33 -22.75
CA PRO A 32 28.59 13.46 -23.46
C PRO A 32 28.84 14.75 -24.24
N TYR A 33 27.82 15.50 -24.65
CA TYR A 33 28.06 16.79 -25.32
C TYR A 33 27.19 18.00 -24.98
N PHE A 34 26.00 17.78 -24.42
CA PHE A 34 25.14 18.89 -24.01
C PHE A 34 25.67 19.42 -22.69
N ALA A 35 25.96 20.72 -22.66
CA ALA A 35 26.64 21.31 -21.48
C ALA A 35 25.73 22.35 -20.80
N LEU A 36 25.40 22.08 -19.54
CA LEU A 36 24.52 22.95 -18.79
C LEU A 36 25.11 24.31 -18.75
N HIS A 37 24.38 25.28 -19.28
CA HIS A 37 24.91 26.62 -19.41
C HIS A 37 24.03 27.70 -18.76
N ALA A 38 22.70 27.53 -18.80
CA ALA A 38 21.77 28.56 -18.31
C ALA A 38 20.56 27.92 -17.64
N LEU A 39 20.39 28.20 -16.35
CA LEU A 39 19.24 27.72 -15.60
C LEU A 39 18.22 28.83 -15.35
N GLY A 40 16.95 28.53 -15.56
CA GLY A 40 15.88 29.49 -15.29
C GLY A 40 14.95 28.97 -14.17
N ALA A 41 14.61 29.84 -13.23
CA ALA A 41 13.62 29.54 -12.20
C ALA A 41 12.82 30.79 -11.93
N SER A 42 12.19 30.91 -10.77
CA SER A 42 11.33 32.08 -10.50
C SER A 42 12.14 33.39 -10.31
N SER A 43 11.42 34.50 -10.39
CA SER A 43 11.97 35.81 -10.04
C SER A 43 12.44 35.89 -8.59
N ARG A 44 11.80 35.12 -7.72
CA ARG A 44 12.21 35.01 -6.31
C ARG A 44 13.57 34.31 -6.15
N SER A 45 13.89 33.32 -7.00
CA SER A 45 15.16 32.58 -6.87
C SER A 45 16.29 33.23 -7.66
N ALA A 46 15.97 34.09 -8.62
CA ALA A 46 16.98 34.62 -9.53
C ALA A 46 18.14 35.25 -8.79
N GLY A 47 19.35 35.04 -9.30
CA GLY A 47 20.55 35.57 -8.68
C GLY A 47 21.16 34.67 -7.60
N GLN A 48 20.43 33.67 -7.14
CA GLN A 48 21.00 32.77 -6.15
C GLN A 48 21.58 31.53 -6.83
N GLN A 49 22.43 30.82 -6.11
CA GLN A 49 23.01 29.59 -6.60
C GLN A 49 22.03 28.46 -6.49
N TYR A 50 22.07 27.58 -7.49
CA TYR A 50 21.12 26.48 -7.60
C TYR A 50 21.04 25.72 -6.28
N ALA A 51 22.21 25.36 -5.75
CA ALA A 51 22.27 24.54 -4.55
C ALA A 51 21.52 25.13 -3.36
N ARG A 52 21.49 26.46 -3.27
CA ARG A 52 20.84 27.13 -2.14
C ARG A 52 19.34 27.34 -2.29
N VAL A 53 18.82 27.32 -3.51
CA VAL A 53 17.38 27.52 -3.69
C VAL A 53 16.59 26.23 -3.93
N VAL A 54 17.23 25.19 -4.44
CA VAL A 54 16.49 24.00 -4.82
C VAL A 54 16.16 23.13 -3.64
N ARG A 55 14.97 22.56 -3.63
CA ARG A 55 14.64 21.49 -2.70
C ARG A 55 14.88 20.21 -3.50
N TRP A 56 16.12 19.76 -3.53
CA TRP A 56 16.49 18.59 -4.33
C TRP A 56 15.82 17.29 -3.88
N LYS A 57 14.87 16.80 -4.66
CA LYS A 57 14.09 15.62 -4.33
C LYS A 57 14.54 14.34 -5.05
N LEU A 58 15.81 14.23 -5.44
CA LEU A 58 16.28 13.04 -6.17
C LEU A 58 17.26 12.18 -5.35
N PRO A 59 17.25 10.83 -5.55
CA PRO A 59 18.08 9.90 -4.77
C PRO A 59 19.53 10.30 -4.67
N SER A 60 20.13 10.62 -5.81
CA SER A 60 21.55 10.94 -5.85
C SER A 60 21.73 12.43 -5.58
N PRO A 61 22.97 12.87 -5.27
CA PRO A 61 23.15 14.25 -4.88
C PRO A 61 23.23 15.20 -6.05
N ILE A 62 23.18 16.50 -5.75
CA ILE A 62 23.30 17.55 -6.75
C ILE A 62 24.67 17.45 -7.41
N PRO A 63 24.73 17.47 -8.75
CA PRO A 63 26.04 17.32 -9.42
C PRO A 63 26.98 18.50 -9.19
N ASP A 64 28.28 18.28 -9.38
CA ASP A 64 29.26 19.33 -9.11
C ASP A 64 29.11 20.48 -10.09
N ALA A 65 28.99 20.14 -11.36
CA ALA A 65 28.90 21.13 -12.42
C ALA A 65 27.90 22.26 -12.14
N VAL A 66 26.85 21.95 -11.40
CA VAL A 66 25.77 22.91 -11.16
C VAL A 66 25.67 23.49 -9.77
N ARG A 67 26.34 22.90 -8.79
CA ARG A 67 26.19 23.34 -7.39
C ARG A 67 26.24 24.88 -7.31
N HIS A 68 27.25 25.44 -7.96
CA HIS A 68 27.53 26.87 -7.88
C HIS A 68 27.09 27.67 -9.12
N MET A 69 26.30 27.07 -10.00
CA MET A 69 25.65 27.82 -11.10
C MET A 69 24.53 28.69 -10.55
N VAL A 70 24.35 29.82 -11.18
CA VAL A 70 23.36 30.74 -10.71
C VAL A 70 22.10 30.64 -11.56
N VAL A 71 20.94 30.60 -10.91
CA VAL A 71 19.66 30.62 -11.62
C VAL A 71 19.29 32.05 -11.97
N HIS A 72 18.58 32.20 -13.09
CA HIS A 72 18.17 33.51 -13.59
C HIS A 72 16.68 33.50 -13.88
N GLU A 73 16.18 34.64 -14.36
CA GLU A 73 14.80 34.71 -14.77
C GLU A 73 14.60 33.88 -16.02
N CYS A 74 13.36 33.43 -16.24
CA CYS A 74 13.00 32.66 -17.42
C CYS A 74 12.68 33.59 -18.58
N ARG A 75 13.68 34.28 -19.10
CA ARG A 75 13.54 35.04 -20.37
C ARG A 75 14.76 34.84 -21.26
N PRO A 76 14.58 34.96 -22.57
CA PRO A 76 15.63 34.65 -23.54
C PRO A 76 16.84 35.57 -23.48
N ASP A 77 16.66 36.77 -22.91
CA ASP A 77 17.75 37.74 -22.77
C ASP A 77 18.32 37.74 -21.36
N ALA A 78 18.02 36.74 -20.56
CA ALA A 78 18.71 36.61 -19.28
C ALA A 78 20.07 35.96 -19.52
N PRO A 79 20.95 35.99 -18.52
CA PRO A 79 22.35 35.60 -18.79
C PRO A 79 22.51 34.13 -19.23
N GLY A 80 23.18 33.94 -20.36
CA GLY A 80 23.51 32.60 -20.84
C GLY A 80 22.58 32.07 -21.92
N PHE A 81 21.33 32.54 -21.90
CA PHE A 81 20.32 31.94 -22.72
C PHE A 81 20.53 32.18 -24.19
N ALA A 82 20.93 33.40 -24.56
CA ALA A 82 21.15 33.71 -25.99
C ALA A 82 22.21 32.80 -26.67
N GLU A 83 23.11 32.22 -25.89
CA GLU A 83 24.16 31.34 -26.44
C GLU A 83 23.77 29.88 -26.44
N CYS A 84 22.64 29.54 -25.83
CA CYS A 84 22.21 28.13 -25.78
C CYS A 84 21.77 27.67 -27.14
N GLY A 85 22.25 26.49 -27.53
CA GLY A 85 21.86 25.85 -28.78
C GLY A 85 20.52 25.12 -28.71
N VAL A 86 20.16 24.72 -27.51
CA VAL A 86 18.83 24.19 -27.21
C VAL A 86 18.44 24.55 -25.76
N VAL A 87 17.18 24.94 -25.55
CA VAL A 87 16.62 25.19 -24.24
C VAL A 87 15.55 24.17 -23.93
N PHE A 88 15.76 23.43 -22.85
CA PHE A 88 14.83 22.43 -22.39
C PHE A 88 13.85 23.04 -21.40
N SER A 89 12.56 22.74 -21.55
CA SER A 89 11.53 23.29 -20.66
C SER A 89 10.84 22.23 -19.81
N GLY A 90 10.97 22.35 -18.50
CA GLY A 90 10.17 21.56 -17.58
C GLY A 90 9.20 22.45 -16.84
N LEU A 91 8.55 23.35 -17.58
CA LEU A 91 7.60 24.29 -16.98
C LEU A 91 6.20 23.72 -17.00
N ASP A 92 5.39 24.12 -16.00
CA ASP A 92 3.94 23.79 -15.95
C ASP A 92 3.17 24.68 -16.91
N ALA A 93 2.04 24.14 -17.41
CA ALA A 93 1.31 24.80 -18.50
C ALA A 93 0.82 26.21 -18.14
N ASP A 94 0.56 26.44 -16.85
CA ASP A 94 0.08 27.75 -16.40
C ASP A 94 0.99 28.88 -16.88
N VAL A 95 2.30 28.67 -16.92
CA VAL A 95 3.24 29.75 -17.30
C VAL A 95 4.01 29.49 -18.60
N ALA A 96 4.01 28.25 -19.03
CA ALA A 96 4.90 27.81 -20.10
C ALA A 96 4.64 28.41 -21.44
N GLY A 97 3.39 28.73 -21.74
CA GLY A 97 3.02 29.22 -23.08
C GLY A 97 3.69 30.51 -23.52
N ASP A 98 3.53 31.56 -22.71
CA ASP A 98 4.12 32.87 -23.03
C ASP A 98 5.64 32.82 -23.04
N ILE A 99 6.20 32.11 -22.07
CA ILE A 99 7.64 31.98 -21.92
C ILE A 99 8.30 31.18 -23.05
N GLU A 100 7.74 30.02 -23.37
CA GLU A 100 8.27 29.24 -24.49
C GLU A 100 8.14 30.00 -25.80
N ASN A 101 7.05 30.72 -25.97
CA ASN A 101 6.90 31.55 -27.16
C ASN A 101 7.90 32.69 -27.24
N ALA A 102 8.22 33.26 -26.09
CA ALA A 102 9.21 34.35 -26.03
C ALA A 102 10.60 33.83 -26.44
N PHE A 103 10.98 32.67 -25.91
CA PHE A 103 12.24 32.06 -26.30
C PHE A 103 12.29 31.79 -27.81
N ARG A 104 11.23 31.22 -28.37
CA ARG A 104 11.21 30.96 -29.80
C ARG A 104 11.29 32.26 -30.59
N ALA A 105 10.55 33.27 -30.15
CA ALA A 105 10.52 34.58 -30.84
C ALA A 105 11.90 35.27 -30.86
N ALA A 106 12.69 35.02 -29.82
CA ALA A 106 14.08 35.44 -29.76
C ALA A 106 15.03 34.47 -30.46
N ASP A 107 14.50 33.68 -31.38
CA ASP A 107 15.31 32.83 -32.28
C ASP A 107 16.07 31.71 -31.57
N LEU A 108 15.52 31.22 -30.46
CA LEU A 108 16.09 30.06 -29.76
C LEU A 108 15.25 28.80 -29.95
N VAL A 109 15.91 27.67 -29.77
CA VAL A 109 15.30 26.39 -29.93
C VAL A 109 14.74 25.84 -28.61
N VAL A 110 13.46 25.43 -28.59
CA VAL A 110 12.81 25.03 -27.37
C VAL A 110 12.21 23.62 -27.45
N TYR A 111 12.60 22.77 -26.50
CA TYR A 111 12.06 21.43 -26.36
C TYR A 111 11.19 21.45 -25.13
N SER A 112 9.87 21.44 -25.36
CA SER A 112 8.89 21.65 -24.30
C SER A 112 8.19 20.38 -23.85
N ASN A 113 7.75 20.38 -22.59
CA ASN A 113 6.92 19.32 -22.03
C ASN A 113 5.56 19.79 -21.64
N ALA A 114 5.21 21.02 -22.00
CA ALA A 114 3.91 21.55 -21.64
C ALA A 114 2.93 21.21 -22.75
N LYS A 115 1.65 21.36 -22.48
CA LYS A 115 0.58 21.03 -23.43
C LYS A 115 0.40 22.11 -24.48
N ASN A 116 0.89 23.29 -24.17
CA ASN A 116 0.50 24.49 -24.93
C ASN A 116 0.67 24.40 -26.46
N TYR A 117 1.78 23.80 -26.94
CA TYR A 117 2.10 23.73 -28.38
C TYR A 117 1.87 22.35 -29.07
N ARG A 118 1.32 21.39 -28.36
CA ARG A 118 1.20 20.03 -28.84
C ARG A 118 0.33 19.88 -30.04
N ARG A 119 -0.74 20.66 -30.09
CA ARG A 119 -1.66 20.61 -31.21
C ARG A 119 -1.42 21.73 -32.23
N ASP A 120 -0.40 22.55 -32.03
CA ASP A 120 -0.08 23.62 -32.97
C ASP A 120 0.30 22.99 -34.31
N PRO A 121 -0.30 23.46 -35.41
CA PRO A 121 -0.09 22.74 -36.69
C PRO A 121 1.29 22.87 -37.30
N LEU A 122 2.18 23.67 -36.71
CA LEU A 122 3.58 23.75 -37.18
C LEU A 122 4.60 23.12 -36.22
N CYS A 123 4.12 22.65 -35.08
CA CYS A 123 5.01 22.16 -34.05
C CYS A 123 4.90 20.65 -33.92
N PRO A 124 5.99 19.93 -34.18
CA PRO A 124 5.97 18.49 -34.01
C PRO A 124 5.77 18.08 -32.57
N LEU A 125 5.05 16.97 -32.39
CA LEU A 125 4.83 16.34 -31.11
C LEU A 125 5.48 14.97 -31.20
N ILE A 126 6.67 14.84 -30.65
CA ILE A 126 7.52 13.70 -30.96
C ILE A 126 7.73 12.79 -29.77
N VAL A 127 7.41 11.53 -29.98
CA VAL A 127 7.90 10.43 -29.16
C VAL A 127 9.14 9.93 -29.84
N PRO A 128 10.29 10.12 -29.20
CA PRO A 128 11.57 9.86 -29.90
C PRO A 128 11.74 8.46 -30.46
N LEU A 129 11.06 7.47 -29.90
CA LEU A 129 11.16 6.10 -30.42
C LEU A 129 10.11 5.77 -31.48
N VAL A 130 9.45 6.80 -31.98
CA VAL A 130 8.40 6.60 -32.95
C VAL A 130 8.45 7.53 -34.13
N ASN A 131 8.40 8.85 -33.91
CA ASN A 131 8.18 9.77 -35.01
C ASN A 131 9.13 10.97 -35.11
N PRO A 132 10.43 10.78 -34.86
CA PRO A 132 11.37 11.85 -35.11
C PRO A 132 11.42 12.37 -36.56
N SER A 133 10.97 11.58 -37.53
CA SER A 133 10.84 12.05 -38.90
C SER A 133 10.02 13.34 -38.98
N HIS A 134 9.19 13.61 -37.97
CA HIS A 134 8.35 14.81 -38.03
C HIS A 134 9.15 16.09 -37.90
N LEU A 135 10.44 15.98 -37.58
CA LEU A 135 11.32 17.13 -37.68
C LEU A 135 11.35 17.75 -39.11
N SER A 136 10.93 17.00 -40.11
CA SER A 136 10.89 17.52 -41.48
C SER A 136 10.06 18.78 -41.67
N ILE A 137 9.14 19.08 -40.74
CA ILE A 137 8.32 20.29 -40.81
C ILE A 137 9.00 21.53 -40.24
N ILE A 138 10.17 21.38 -39.64
CA ILE A 138 10.79 22.51 -38.91
C ILE A 138 11.18 23.71 -39.80
N PRO A 139 11.76 23.46 -40.99
CA PRO A 139 12.07 24.59 -41.88
C PRO A 139 10.84 25.44 -42.19
N TYR A 140 9.72 24.77 -42.44
CA TYR A 140 8.45 25.46 -42.66
C TYR A 140 7.98 26.25 -41.42
N GLN A 141 8.20 25.72 -40.24
CA GLN A 141 7.81 26.42 -39.00
C GLN A 141 8.60 27.70 -38.89
N ARG A 142 9.92 27.58 -39.11
CA ARG A 142 10.82 28.74 -39.12
C ARG A 142 10.40 29.80 -40.15
N GLU A 143 10.24 29.36 -41.39
CA GLU A 143 9.85 30.27 -42.46
C GLU A 143 8.57 31.01 -42.09
N GLN A 144 7.55 30.30 -41.58
CA GLN A 144 6.29 30.95 -41.21
C GLN A 144 6.37 31.94 -40.05
N LEU A 145 7.40 31.82 -39.21
CA LEU A 145 7.56 32.75 -38.10
C LEU A 145 8.65 33.80 -38.37
N GLY A 146 9.22 33.81 -39.57
CA GLY A 146 10.30 34.72 -39.90
C GLY A 146 11.53 34.44 -39.05
N LEU A 147 11.81 33.17 -38.79
CA LEU A 147 12.92 32.80 -37.95
C LEU A 147 13.93 31.98 -38.73
N LYS A 148 15.19 32.12 -38.37
CA LYS A 148 16.26 31.46 -39.09
C LYS A 148 16.71 30.26 -38.28
N LYS A 149 16.70 30.39 -36.96
CA LYS A 149 17.21 29.33 -36.09
C LYS A 149 16.15 28.71 -35.14
N GLY A 150 15.27 29.54 -34.58
CA GLY A 150 14.37 29.09 -33.53
C GLY A 150 13.18 28.22 -33.96
N TYR A 151 12.75 27.35 -33.06
CA TYR A 151 11.52 26.59 -33.20
C TYR A 151 11.12 25.92 -31.87
N ILE A 152 9.91 25.37 -31.87
CA ILE A 152 9.41 24.58 -30.76
C ILE A 152 9.07 23.15 -31.20
N VAL A 153 9.50 22.19 -30.37
CA VAL A 153 9.07 20.79 -30.46
C VAL A 153 8.58 20.41 -29.12
N THR A 154 7.46 19.69 -29.10
CA THR A 154 6.93 19.22 -27.84
C THR A 154 7.12 17.73 -27.73
N ASN A 155 7.49 17.32 -26.52
CA ASN A 155 7.68 15.96 -26.12
C ASN A 155 6.34 15.44 -25.61
N ALA A 156 5.97 14.20 -25.92
CA ALA A 156 4.73 13.66 -25.36
C ALA A 156 4.96 13.10 -23.93
N ASN A 157 3.89 12.96 -23.15
CA ASN A 157 4.02 12.44 -21.79
C ASN A 157 4.26 10.92 -21.72
N CYS A 158 4.40 10.38 -20.51
CA CYS A 158 4.79 8.99 -20.33
C CYS A 158 3.68 7.98 -20.68
N SER A 159 2.44 8.26 -20.32
CA SER A 159 1.39 7.26 -20.56
C SER A 159 1.08 7.15 -22.07
N THR A 160 1.05 8.29 -22.75
CA THR A 160 0.95 8.31 -24.21
C THR A 160 2.10 7.51 -24.82
N THR A 161 3.30 7.77 -24.34
CA THR A 161 4.46 7.09 -24.88
C THR A 161 4.36 5.60 -24.67
N GLY A 162 3.96 5.17 -23.47
CA GLY A 162 3.86 3.72 -23.20
C GLY A 162 2.88 2.97 -24.09
N ILE A 163 1.89 3.69 -24.62
CA ILE A 163 0.94 3.12 -25.55
C ILE A 163 1.41 3.20 -27.01
N VAL A 164 1.84 4.37 -27.45
CA VAL A 164 2.14 4.57 -28.85
C VAL A 164 3.36 3.83 -29.37
N VAL A 165 4.31 3.54 -28.49
CA VAL A 165 5.46 2.80 -28.92
C VAL A 165 5.02 1.42 -29.42
N PRO A 166 4.25 0.67 -28.62
CA PRO A 166 3.79 -0.61 -29.16
C PRO A 166 2.94 -0.45 -30.40
N LEU A 167 2.11 0.59 -30.43
CA LEU A 167 1.27 0.82 -31.62
C LEU A 167 2.11 1.03 -32.88
N ALA A 168 3.20 1.76 -32.74
CA ALA A 168 4.05 2.06 -33.85
C ALA A 168 4.68 0.78 -34.38
N ALA A 169 5.06 -0.11 -33.49
CA ALA A 169 5.71 -1.35 -33.90
C ALA A 169 4.71 -2.19 -34.68
N LEU A 170 3.46 -2.12 -34.26
CA LEU A 170 2.40 -2.80 -34.98
C LEU A 170 2.21 -2.20 -36.37
N GLU A 171 2.21 -0.87 -36.47
CA GLU A 171 1.92 -0.24 -37.77
C GLU A 171 3.06 -0.52 -38.74
N LYS A 172 4.27 -0.41 -38.26
CA LYS A 172 5.44 -0.69 -39.11
C LYS A 172 5.37 -2.10 -39.67
N ALA A 173 4.96 -3.07 -38.88
CA ALA A 173 4.96 -4.45 -39.30
C ALA A 173 3.69 -4.85 -40.04
N PHE A 174 2.52 -4.32 -39.67
CA PHE A 174 1.26 -4.80 -40.21
C PHE A 174 0.38 -3.77 -40.86
N GLY A 175 0.90 -2.56 -41.05
CA GLY A 175 0.09 -1.49 -41.63
C GLY A 175 -0.84 -0.80 -40.65
N PRO A 176 -1.68 0.12 -41.16
CA PRO A 176 -2.36 1.02 -40.25
C PRO A 176 -3.38 0.36 -39.37
N LEU A 177 -3.61 0.98 -38.23
CA LEU A 177 -4.59 0.51 -37.27
C LEU A 177 -5.92 1.18 -37.52
N ASP A 178 -6.98 0.44 -37.24
CA ASP A 178 -8.33 0.92 -37.35
C ASP A 178 -8.78 1.48 -36.03
N THR A 179 -8.73 0.65 -35.00
CA THR A 179 -9.36 0.94 -33.70
C THR A 179 -8.47 0.50 -32.55
N VAL A 180 -8.42 1.33 -31.51
CA VAL A 180 -7.70 1.06 -30.28
C VAL A 180 -8.49 1.43 -29.02
N ILE A 181 -8.58 0.49 -28.09
CA ILE A 181 -9.20 0.75 -26.79
C ILE A 181 -8.18 0.47 -25.73
N VAL A 182 -8.10 1.35 -24.75
CA VAL A 182 -7.07 1.21 -23.77
C VAL A 182 -7.53 1.67 -22.39
N THR A 183 -7.19 0.89 -21.36
CA THR A 183 -7.34 1.33 -20.01
C THR A 183 -5.91 1.42 -19.42
N THR A 184 -5.57 2.53 -18.77
CA THR A 184 -4.29 2.64 -18.10
C THR A 184 -4.41 2.53 -16.59
N LEU A 185 -3.34 2.00 -16.00
CA LEU A 185 -3.16 1.96 -14.57
C LEU A 185 -1.84 2.67 -14.30
N GLN A 186 -1.93 3.93 -13.89
CA GLN A 186 -0.77 4.77 -13.83
C GLN A 186 -0.26 4.89 -12.41
N ALA A 187 1.06 4.78 -12.30
CA ALA A 187 1.79 4.96 -11.06
C ALA A 187 1.76 6.40 -10.64
N ILE A 188 2.24 6.64 -9.42
CA ILE A 188 2.23 8.00 -8.84
C ILE A 188 3.46 8.86 -9.16
N SER A 189 4.61 8.28 -9.48
CA SER A 189 5.73 9.06 -10.11
C SER A 189 5.34 10.04 -11.24
N GLY A 190 4.35 9.69 -12.06
CA GLY A 190 3.62 10.70 -12.90
C GLY A 190 3.79 12.20 -12.47
N ALA A 191 3.27 12.59 -11.29
CA ALA A 191 3.35 14.00 -10.69
C ALA A 191 2.77 15.15 -11.52
N GLY A 195 3.30 15.54 -4.84
CA GLY A 195 2.61 14.96 -6.04
C GLY A 195 1.17 14.53 -5.83
N VAL A 196 0.90 13.22 -5.95
CA VAL A 196 -0.37 12.66 -5.43
C VAL A 196 -0.19 12.36 -3.92
N SER A 197 -1.15 12.82 -3.14
CA SER A 197 -1.06 12.71 -1.70
C SER A 197 -1.42 11.30 -1.28
N SER A 198 -0.80 10.82 -0.21
CA SER A 198 -1.04 9.42 0.19
C SER A 198 -2.51 9.26 0.43
N LEU A 199 -3.13 10.26 1.03
CA LEU A 199 -4.52 10.15 1.33
C LEU A 199 -5.39 9.88 0.12
N ASP A 200 -5.03 10.44 -1.04
CA ASP A 200 -5.87 10.32 -2.23
C ASP A 200 -5.82 8.93 -2.77
N ILE A 201 -4.69 8.26 -2.59
CA ILE A 201 -4.40 7.05 -3.34
C ILE A 201 -4.17 5.73 -2.56
N MET A 202 -3.75 5.76 -1.31
CA MET A 202 -3.45 4.50 -0.61
C MET A 202 -4.68 3.63 -0.55
N ASP A 203 -4.52 2.34 -0.82
CA ASP A 203 -5.63 1.38 -0.68
C ASP A 203 -6.84 1.83 -1.51
N ASN A 204 -6.55 2.36 -2.70
CA ASN A 204 -7.56 3.00 -3.51
C ASN A 204 -7.22 3.03 -5.01
N VAL A 205 -8.17 3.46 -5.81
CA VAL A 205 -7.97 3.75 -7.20
C VAL A 205 -8.67 5.06 -7.50
N VAL A 206 -8.03 5.95 -8.25
CA VAL A 206 -8.66 7.21 -8.63
C VAL A 206 -8.87 7.11 -10.11
N PRO A 207 -10.13 7.02 -10.54
CA PRO A 207 -10.40 6.75 -11.96
C PRO A 207 -10.41 7.96 -12.88
N LEU A 208 -9.75 9.06 -12.49
CA LEU A 208 -9.67 10.22 -13.35
C LEU A 208 -8.33 10.80 -13.20
N ILE A 209 -7.69 11.11 -14.32
CA ILE A 209 -6.49 11.90 -14.33
C ILE A 209 -6.73 12.98 -15.35
N SER A 210 -6.90 14.20 -14.89
CA SER A 210 -7.61 15.15 -15.74
C SER A 210 -6.76 15.44 -16.97
N GLY A 211 -7.43 15.48 -18.11
CA GLY A 211 -6.76 15.71 -19.40
C GLY A 211 -6.07 14.54 -20.05
N GLU A 212 -5.95 13.42 -19.35
CA GLU A 212 -5.06 12.36 -19.79
C GLU A 212 -5.67 11.51 -20.93
N GLU A 213 -6.96 11.20 -20.83
CA GLU A 213 -7.64 10.48 -21.87
C GLU A 213 -7.63 11.29 -23.16
N ASP A 214 -7.96 12.56 -23.02
CA ASP A 214 -8.10 13.40 -24.16
C ASP A 214 -6.78 13.51 -24.90
N LYS A 215 -5.69 13.59 -24.16
CA LYS A 215 -4.37 13.59 -24.77
C LYS A 215 -4.10 12.31 -25.54
N ILE A 216 -4.28 11.15 -24.92
CA ILE A 216 -4.08 9.90 -25.61
C ILE A 216 -4.92 9.81 -26.87
N GLU A 217 -6.16 10.23 -26.79
CA GLU A 217 -7.13 10.08 -27.91
C GLU A 217 -6.81 10.96 -29.09
N TRP A 218 -6.34 12.16 -28.83
CA TRP A 218 -6.02 13.07 -29.91
C TRP A 218 -4.60 12.81 -30.39
N GLU A 219 -3.66 12.73 -29.45
CA GLU A 219 -2.23 12.77 -29.80
C GLU A 219 -1.78 11.52 -30.57
N THR A 220 -2.45 10.40 -30.31
CA THR A 220 -2.05 9.17 -30.96
C THR A 220 -2.03 9.32 -32.47
N ASN A 221 -3.03 10.04 -33.04
CA ASN A 221 -3.15 10.20 -34.50
C ASN A 221 -2.14 11.16 -35.08
N LYS A 222 -1.85 12.21 -34.33
CA LYS A 222 -0.71 13.04 -34.70
C LYS A 222 0.63 12.29 -34.70
N ILE A 223 0.91 11.57 -33.63
CA ILE A 223 2.20 10.88 -33.48
C ILE A 223 2.39 9.72 -34.44
N LEU A 224 1.35 8.93 -34.68
CA LEU A 224 1.49 7.78 -35.58
C LEU A 224 1.23 8.17 -37.02
N GLY A 225 0.65 9.35 -37.24
CA GLY A 225 0.54 9.91 -38.57
C GLY A 225 1.88 10.34 -39.16
N GLY A 226 1.78 11.06 -40.29
CA GLY A 226 2.94 11.53 -41.03
C GLY A 226 2.92 13.05 -41.23
N VAL A 227 3.94 13.51 -41.95
CA VAL A 227 4.03 14.85 -42.45
C VAL A 227 3.74 14.81 -43.94
N THR A 228 2.99 15.78 -44.43
CA THR A 228 2.59 15.78 -45.84
C THR A 228 3.85 15.85 -46.74
N PRO A 229 3.76 15.35 -47.99
CA PRO A 229 4.98 15.33 -48.84
C PRO A 229 5.61 16.70 -49.03
N ASP A 230 4.83 17.79 -48.96
CA ASP A 230 5.40 19.16 -49.03
C ASP A 230 6.15 19.64 -47.76
N ASN A 231 6.13 18.83 -46.70
CA ASN A 231 6.68 19.19 -45.38
C ASN A 231 6.12 20.47 -44.77
N LYS A 232 4.84 20.75 -44.98
CA LYS A 232 4.20 21.92 -44.38
C LYS A 232 3.10 21.60 -43.36
N ALA A 233 2.74 20.31 -43.23
CA ALA A 233 1.63 19.94 -42.37
C ALA A 233 1.70 18.51 -41.85
N PHE A 234 0.94 18.28 -40.80
CA PHE A 234 0.74 16.94 -40.25
C PHE A 234 -0.53 16.40 -40.86
N ASP A 235 -0.51 15.13 -41.32
CA ASP A 235 -1.72 14.52 -41.87
C ASP A 235 -2.64 13.94 -40.80
N LEU A 236 -2.15 13.85 -39.56
CA LEU A 236 -2.93 13.36 -38.43
C LEU A 236 -3.54 11.99 -38.72
N HIS A 237 -2.80 11.18 -39.46
CA HIS A 237 -3.20 9.82 -39.81
C HIS A 237 -4.50 9.77 -40.65
N ALA A 238 -4.85 10.91 -41.26
CA ALA A 238 -5.94 10.98 -42.25
C ALA A 238 -5.53 10.35 -43.57
N PRO A 239 -6.52 9.98 -44.41
CA PRO A 239 -7.99 10.10 -44.22
C PRO A 239 -8.53 9.08 -43.21
N LYS A 240 -7.86 7.93 -43.04
CA LYS A 240 -8.39 6.86 -42.18
C LYS A 240 -7.80 6.95 -40.79
N GLN A 241 -8.31 7.84 -39.98
CA GLN A 241 -7.75 8.05 -38.66
C GLN A 241 -8.02 6.86 -37.75
N ILE A 242 -7.11 6.60 -36.83
CA ILE A 242 -7.31 5.58 -35.80
C ILE A 242 -8.41 6.02 -34.84
N ASN A 243 -9.33 5.15 -34.54
CA ASN A 243 -10.30 5.39 -33.50
C ASN A 243 -9.82 4.97 -32.16
N VAL A 244 -9.63 5.93 -31.26
CA VAL A 244 -9.06 5.64 -29.97
C VAL A 244 -9.99 6.01 -28.83
N SER A 245 -10.15 5.09 -27.87
CA SER A 245 -10.93 5.38 -26.67
C SER A 245 -10.15 4.92 -25.47
N ALA A 246 -9.93 5.84 -24.54
CA ALA A 246 -9.15 5.58 -23.34
C ALA A 246 -9.89 5.84 -22.02
N THR A 247 -9.52 5.08 -21.00
CA THR A 247 -9.86 5.38 -19.63
C THR A 247 -8.54 5.34 -18.87
N CYS A 248 -8.25 6.37 -18.09
CA CYS A 248 -6.95 6.49 -17.42
C CYS A 248 -7.17 6.53 -15.94
N THR A 249 -6.51 5.62 -15.22
CA THR A 249 -6.70 5.53 -13.79
C THR A 249 -5.38 5.68 -13.10
N ARG A 250 -5.42 6.05 -11.82
CA ARG A 250 -4.24 6.09 -10.97
C ARG A 250 -4.34 4.94 -9.97
N VAL A 251 -3.21 4.27 -9.73
CA VAL A 251 -3.16 3.14 -8.79
C VAL A 251 -2.04 3.39 -7.80
N PRO A 252 -2.07 2.72 -6.64
CA PRO A 252 -1.05 2.91 -5.63
C PRO A 252 0.23 2.14 -5.89
N VAL A 253 0.96 2.65 -6.88
CA VAL A 253 2.22 2.08 -7.30
C VAL A 253 3.18 3.24 -7.53
N ILE A 254 4.40 3.10 -7.12
CA ILE A 254 5.35 4.17 -7.21
C ILE A 254 5.82 4.44 -8.62
N ASP A 255 6.29 3.39 -9.31
CA ASP A 255 6.82 3.53 -10.67
C ASP A 255 6.24 2.51 -11.59
N GLY A 256 6.01 2.89 -12.86
CA GLY A 256 5.53 1.94 -13.85
C GLY A 256 4.09 2.17 -14.27
N HIS A 257 3.88 2.58 -15.52
CA HIS A 257 2.51 2.76 -16.04
C HIS A 257 2.15 1.54 -16.83
N THR A 258 1.06 0.92 -16.47
CA THR A 258 0.59 -0.28 -17.13
C THR A 258 -0.59 0.04 -18.03
N GLY A 259 -0.66 -0.57 -19.21
CA GLY A 259 -1.77 -0.33 -20.15
C GLY A 259 -2.37 -1.63 -20.64
N CYS A 260 -3.68 -1.68 -20.71
CA CYS A 260 -4.41 -2.84 -21.18
C CYS A 260 -5.09 -2.46 -22.50
N VAL A 261 -4.59 -3.01 -23.61
CA VAL A 261 -4.83 -2.49 -24.93
C VAL A 261 -5.50 -3.52 -25.81
N SER A 262 -6.56 -3.13 -26.52
CA SER A 262 -7.13 -3.98 -27.59
C SER A 262 -7.01 -3.26 -28.94
N VAL A 263 -6.64 -4.01 -29.97
CA VAL A 263 -6.34 -3.42 -31.26
C VAL A 263 -7.05 -4.15 -32.37
N LYS A 264 -7.61 -3.37 -33.29
CA LYS A 264 -8.13 -3.86 -34.55
C LYS A 264 -7.30 -3.31 -35.68
N PHE A 265 -6.77 -4.20 -36.54
CA PHE A 265 -5.98 -3.80 -37.69
C PHE A 265 -6.87 -3.42 -38.87
N ALA A 266 -6.41 -2.51 -39.71
CA ALA A 266 -7.15 -2.17 -40.95
C ALA A 266 -7.11 -3.33 -41.96
N ARG A 267 -6.00 -4.04 -41.98
CA ARG A 267 -5.76 -5.08 -42.93
C ARG A 267 -6.16 -6.43 -42.40
N SER A 268 -6.57 -7.27 -43.34
CA SER A 268 -7.14 -8.59 -43.11
C SER A 268 -6.37 -9.61 -43.95
N PRO A 269 -6.13 -10.83 -43.41
CA PRO A 269 -6.44 -11.25 -42.05
C PRO A 269 -5.45 -10.61 -41.05
N PRO A 270 -5.83 -10.60 -39.78
CA PRO A 270 -4.89 -10.05 -38.83
C PRO A 270 -3.79 -11.04 -38.53
N PRO A 271 -2.67 -10.55 -38.02
CA PRO A 271 -1.56 -11.38 -37.69
C PRO A 271 -1.84 -12.32 -36.53
N SER A 272 -1.08 -13.39 -36.48
CA SER A 272 -1.14 -14.30 -35.37
C SER A 272 -0.38 -13.72 -34.17
N VAL A 273 -0.64 -14.34 -33.04
CA VAL A 273 0.06 -14.02 -31.81
C VAL A 273 1.57 -14.04 -32.05
N ALA A 274 2.07 -15.05 -32.73
CA ALA A 274 3.53 -15.21 -32.88
C ALA A 274 4.06 -14.09 -33.73
N GLU A 275 3.33 -13.74 -34.77
CA GLU A 275 3.75 -12.66 -35.64
C GLU A 275 3.80 -11.34 -34.88
N VAL A 276 2.88 -11.18 -33.93
CA VAL A 276 2.84 -9.96 -33.14
C VAL A 276 4.01 -9.92 -32.17
N GLU A 277 4.26 -11.04 -31.50
CA GLU A 277 5.45 -11.14 -30.66
C GLU A 277 6.72 -10.75 -31.40
N ASN A 278 6.89 -11.25 -32.63
CA ASN A 278 8.07 -10.91 -33.43
C ASN A 278 8.13 -9.48 -33.80
N ALA A 279 7.00 -8.92 -34.20
CA ALA A 279 6.97 -7.50 -34.52
C ALA A 279 7.49 -6.64 -33.36
N PHE A 280 7.11 -6.98 -32.14
CA PHE A 280 7.57 -6.27 -30.97
C PHE A 280 9.05 -6.49 -30.71
N ARG A 281 9.49 -7.75 -30.66
CA ARG A 281 10.94 -8.08 -30.47
C ARG A 281 11.87 -7.42 -31.44
N GLU A 282 11.47 -7.35 -32.70
CA GLU A 282 12.34 -6.88 -33.78
C GLU A 282 12.29 -5.36 -33.96
N TYR A 283 11.29 -4.68 -33.39
CA TYR A 283 11.12 -3.27 -33.64
C TYR A 283 12.39 -2.48 -33.32
N THR A 284 12.83 -1.68 -34.28
CA THR A 284 13.94 -0.77 -34.07
C THR A 284 13.59 0.53 -34.80
N CYS A 285 14.06 1.66 -34.27
CA CYS A 285 13.56 2.96 -34.73
C CYS A 285 14.67 3.87 -35.17
N ASP A 286 14.31 4.99 -35.80
CA ASP A 286 15.31 5.93 -36.30
C ASP A 286 16.35 6.30 -35.26
N ALA A 287 15.91 6.53 -34.03
CA ALA A 287 16.80 6.99 -33.00
C ALA A 287 17.90 5.95 -32.70
N GLN A 288 17.56 4.68 -32.79
CA GLN A 288 18.57 3.63 -32.61
C GLN A 288 19.49 3.56 -33.82
N HIS A 289 18.92 3.69 -35.02
CA HIS A 289 19.67 3.60 -36.27
C HIS A 289 20.67 4.72 -36.33
N LEU A 290 20.29 5.90 -35.85
CA LEU A 290 21.19 7.04 -35.78
C LEU A 290 22.23 6.88 -34.67
N GLY A 291 22.03 5.94 -33.77
CA GLY A 291 22.94 5.75 -32.67
C GLY A 291 23.07 6.92 -31.71
N VAL A 292 22.01 7.72 -31.51
CA VAL A 292 22.09 8.78 -30.51
C VAL A 292 22.40 8.19 -29.15
N PRO A 293 23.17 8.93 -28.34
CA PRO A 293 23.67 8.38 -27.09
C PRO A 293 22.63 7.94 -26.06
N SER A 294 21.48 8.61 -26.00
CA SER A 294 20.50 8.31 -24.97
C SER A 294 19.44 7.29 -25.41
N ALA A 295 19.53 6.80 -26.64
CA ALA A 295 18.60 5.78 -27.15
C ALA A 295 18.93 4.42 -26.58
N PRO A 296 17.93 3.58 -26.33
CA PRO A 296 18.22 2.28 -25.79
C PRO A 296 18.67 1.29 -26.88
N ALA A 297 19.39 0.26 -26.48
CA ALA A 297 19.78 -0.82 -27.37
C ALA A 297 18.55 -1.66 -27.76
N GLN A 298 17.59 -1.84 -26.84
CA GLN A 298 16.39 -2.66 -27.09
C GLN A 298 15.14 -1.79 -26.92
N ALA A 299 14.30 -1.68 -27.95
CA ALA A 299 13.17 -0.72 -27.88
C ALA A 299 11.94 -1.30 -27.15
N ILE A 300 11.62 -2.56 -27.44
CA ILE A 300 10.53 -3.23 -26.75
C ILE A 300 10.90 -4.63 -26.31
N VAL A 301 10.66 -4.94 -25.03
CA VAL A 301 10.86 -6.28 -24.54
C VAL A 301 9.55 -7.02 -24.54
N VAL A 302 9.56 -8.27 -25.00
CA VAL A 302 8.37 -9.15 -24.95
C VAL A 302 8.54 -10.13 -23.79
N HIS A 303 7.54 -10.24 -22.93
CA HIS A 303 7.57 -11.17 -21.83
C HIS A 303 6.82 -12.40 -22.25
N ASP A 304 7.38 -13.58 -21.98
CA ASP A 304 6.68 -14.85 -22.29
C ASP A 304 5.82 -15.31 -21.12
N ALA A 305 6.13 -14.90 -19.89
CA ALA A 305 5.34 -15.41 -18.76
C ALA A 305 3.89 -14.89 -18.82
N PRO A 306 2.94 -15.76 -18.51
CA PRO A 306 1.53 -15.34 -18.64
C PRO A 306 1.09 -14.19 -17.71
N ASP A 307 1.84 -13.95 -16.62
CA ASP A 307 1.50 -12.90 -15.64
C ASP A 307 2.41 -11.68 -15.67
N ARG A 308 2.98 -11.38 -16.83
CA ARG A 308 3.95 -10.28 -16.97
C ARG A 308 3.60 -9.46 -18.20
N PRO A 309 3.98 -8.17 -18.23
CA PRO A 309 4.82 -7.45 -17.28
C PRO A 309 4.12 -7.05 -16.03
N GLN A 310 4.91 -6.78 -14.99
CA GLN A 310 4.43 -6.21 -13.74
C GLN A 310 5.33 -5.04 -13.43
N PRO A 311 4.76 -3.88 -13.08
CA PRO A 311 5.58 -2.65 -12.92
C PRO A 311 6.69 -2.75 -11.88
N ARG A 312 6.45 -3.46 -10.79
CA ARG A 312 7.46 -3.60 -9.74
C ARG A 312 8.54 -4.59 -10.12
N LEU A 313 8.22 -5.59 -10.89
CA LEU A 313 9.21 -6.58 -11.29
C LEU A 313 10.02 -6.18 -12.54
N ASP A 314 9.40 -5.45 -13.47
CA ASP A 314 9.98 -5.24 -14.78
C ASP A 314 10.44 -3.81 -15.00
N LYS A 315 10.98 -3.20 -13.98
CA LYS A 315 11.68 -1.94 -14.15
C LYS A 315 13.17 -2.26 -14.24
N ASN A 316 13.90 -1.30 -14.82
CA ASN A 316 15.34 -1.40 -15.09
C ASN A 316 15.70 -2.66 -15.84
N LEU A 317 15.03 -2.85 -16.97
CA LEU A 317 15.28 -3.96 -17.83
C LEU A 317 16.69 -3.87 -18.43
N HIS A 318 17.14 -4.98 -18.96
CA HIS A 318 18.41 -5.04 -19.64
C HIS A 318 18.36 -4.29 -20.97
N ASN A 319 19.54 -3.87 -21.44
CA ASN A 319 19.72 -3.24 -22.75
C ASN A 319 19.09 -1.87 -22.84
N GLY A 320 18.91 -1.26 -21.67
CA GLY A 320 18.29 0.04 -21.54
C GLY A 320 16.82 0.05 -21.93
N ALA A 321 16.17 -1.12 -22.00
CA ALA A 321 14.80 -1.22 -22.49
C ALA A 321 13.82 -0.53 -21.55
N CYS A 322 12.87 0.17 -22.16
CA CYS A 322 12.00 1.09 -21.46
C CYS A 322 10.51 0.76 -21.59
N VAL A 323 10.11 0.05 -22.67
CA VAL A 323 8.76 -0.38 -22.89
C VAL A 323 8.71 -1.90 -23.02
N SER A 324 7.75 -2.54 -22.37
CA SER A 324 7.59 -3.97 -22.54
C SER A 324 6.14 -4.32 -22.69
N VAL A 325 5.87 -5.51 -23.19
CA VAL A 325 4.53 -6.02 -23.44
C VAL A 325 4.45 -7.51 -23.12
N GLY A 326 3.23 -7.98 -22.92
CA GLY A 326 2.98 -9.34 -22.45
C GLY A 326 1.51 -9.67 -22.62
N ARG A 327 1.15 -10.91 -22.28
CA ARG A 327 -0.20 -11.39 -22.44
C ARG A 327 -0.78 -11.12 -23.82
N ILE A 328 0.03 -11.32 -24.83
CA ILE A 328 -0.42 -11.08 -26.17
C ILE A 328 -1.30 -12.24 -26.62
N ARG A 329 -2.53 -11.91 -27.01
CA ARG A 329 -3.51 -12.94 -27.26
C ARG A 329 -4.67 -12.41 -28.10
N GLU A 330 -5.48 -13.32 -28.59
CA GLU A 330 -6.62 -12.93 -29.39
C GLU A 330 -7.64 -12.20 -28.56
N CYS A 331 -8.28 -11.21 -29.19
CA CYS A 331 -9.40 -10.46 -28.62
C CYS A 331 -10.66 -10.90 -29.33
N PRO A 332 -11.64 -11.43 -28.60
CA PRO A 332 -12.89 -11.83 -29.25
C PRO A 332 -13.63 -10.71 -29.99
N VAL A 333 -13.30 -9.45 -29.70
CA VAL A 333 -14.00 -8.33 -30.26
C VAL A 333 -13.22 -7.65 -31.38
N PHE A 334 -11.93 -7.41 -31.15
CA PHE A 334 -11.07 -6.82 -32.14
C PHE A 334 -10.12 -7.92 -32.63
N ASP A 335 -8.83 -7.63 -32.84
CA ASP A 335 -7.96 -8.66 -33.35
C ASP A 335 -7.03 -9.17 -32.27
N ILE A 336 -6.35 -8.26 -31.60
CA ILE A 336 -5.30 -8.62 -30.68
C ILE A 336 -5.42 -7.75 -29.45
N LYS A 337 -5.20 -8.34 -28.28
CA LYS A 337 -5.05 -7.56 -27.04
C LYS A 337 -3.81 -7.92 -26.27
N PHE A 338 -3.39 -7.01 -25.41
CA PHE A 338 -2.14 -7.21 -24.68
C PHE A 338 -2.02 -6.25 -23.53
N VAL A 339 -0.96 -6.43 -22.77
CA VAL A 339 -0.63 -5.56 -21.65
C VAL A 339 0.75 -4.95 -21.93
N CYS A 340 0.88 -3.65 -21.68
CA CYS A 340 2.16 -2.98 -21.87
C CYS A 340 2.58 -2.25 -20.60
N LEU A 341 3.85 -1.95 -20.53
CA LEU A 341 4.42 -1.28 -19.39
C LEU A 341 5.46 -0.31 -19.86
N ILE A 342 5.44 0.89 -19.29
CA ILE A 342 6.54 1.84 -19.48
C ILE A 342 7.14 2.21 -18.15
N ASP A 343 8.44 2.08 -18.12
CA ASP A 343 9.27 2.53 -17.03
C ASP A 343 9.36 4.05 -17.14
N ASN A 344 8.45 4.74 -16.48
CA ASN A 344 8.43 6.19 -16.55
C ASN A 344 9.54 6.92 -15.83
N VAL A 345 10.32 6.19 -15.04
CA VAL A 345 11.49 6.77 -14.42
C VAL A 345 12.62 6.81 -15.45
N ARG A 346 12.92 5.66 -16.04
CA ARG A 346 13.93 5.64 -17.07
C ARG A 346 13.49 6.48 -18.31
N LEU A 347 12.25 6.30 -18.79
CA LEU A 347 11.81 7.00 -19.99
C LEU A 347 10.80 8.06 -19.64
N GLY A 348 11.25 8.99 -18.79
CA GLY A 348 10.43 10.10 -18.35
C GLY A 348 10.51 11.30 -19.29
N ALA A 349 9.91 12.42 -18.87
CA ALA A 349 9.89 13.65 -19.68
C ALA A 349 11.29 14.16 -20.08
N ALA A 350 12.18 14.20 -19.12
CA ALA A 350 13.46 14.76 -19.37
C ALA A 350 14.19 13.83 -20.38
N THR A 351 14.19 12.50 -20.13
CA THR A 351 14.86 11.58 -21.05
C THR A 351 14.30 11.70 -22.47
N SER A 352 12.98 11.82 -22.60
CA SER A 352 12.40 11.86 -23.92
C SER A 352 12.81 13.11 -24.62
N SER A 353 12.77 14.22 -23.91
CA SER A 353 13.14 15.49 -24.52
C SER A 353 14.59 15.49 -24.98
N ILE A 354 15.46 14.89 -24.18
CA ILE A 354 16.88 14.86 -24.50
C ILE A 354 17.14 14.02 -25.74
N ILE A 355 16.51 12.84 -25.81
CA ILE A 355 16.65 11.99 -26.99
C ILE A 355 16.17 12.73 -28.23
N ASN A 356 15.05 13.45 -28.10
CA ASN A 356 14.55 14.25 -29.21
C ASN A 356 15.60 15.23 -29.66
N ALA A 357 16.21 15.90 -28.71
CA ALA A 357 17.23 16.88 -29.05
C ALA A 357 18.46 16.23 -29.69
N GLU A 358 18.88 15.07 -29.20
CA GLU A 358 20.02 14.35 -29.79
C GLU A 358 19.74 14.06 -31.27
N ILE A 359 18.54 13.62 -31.58
CA ILE A 359 18.18 13.38 -32.96
C ILE A 359 18.26 14.67 -33.80
N ALA A 360 17.79 15.78 -33.26
CA ALA A 360 17.84 17.06 -33.99
C ALA A 360 19.28 17.50 -34.25
N VAL A 361 20.17 17.17 -33.32
CA VAL A 361 21.58 17.40 -33.53
C VAL A 361 22.05 16.58 -34.74
N GLU A 362 21.74 15.29 -34.78
CA GLU A 362 22.11 14.49 -35.94
C GLU A 362 21.55 15.00 -37.28
N LYS A 363 20.40 15.64 -37.28
CA LYS A 363 19.81 16.14 -38.54
C LYS A 363 20.22 17.56 -38.83
N GLY A 364 21.09 18.15 -38.02
CA GLY A 364 21.54 19.52 -38.29
C GLY A 364 20.54 20.59 -37.96
N LEU A 365 19.56 20.27 -37.12
CA LEU A 365 18.65 21.31 -36.65
C LEU A 365 19.17 22.08 -35.45
N ILE A 366 20.31 21.65 -34.91
CA ILE A 366 21.00 22.31 -33.80
C ILE A 366 22.48 22.37 -34.14
N GLN A 367 23.19 23.44 -33.74
CA GLN A 367 24.67 23.60 -33.98
C GLN A 367 25.57 22.68 -33.12
N ARG B 6 -40.87 -16.89 8.20
CA ARG B 6 -40.94 -16.75 9.70
C ARG B 6 -40.60 -18.04 10.43
N PRO B 7 -41.24 -19.18 10.08
CA PRO B 7 -40.64 -20.40 10.66
C PRO B 7 -39.20 -20.54 10.14
N GLN B 8 -38.33 -21.06 10.99
CA GLN B 8 -36.94 -21.24 10.61
C GLN B 8 -36.83 -22.21 9.40
N ILE B 9 -35.75 -22.07 8.64
CA ILE B 9 -35.36 -23.04 7.62
C ILE B 9 -33.95 -23.49 7.93
N LYS B 10 -33.78 -24.79 8.16
CA LYS B 10 -32.50 -25.31 8.53
C LYS B 10 -31.60 -25.30 7.30
N VAL B 11 -30.37 -24.83 7.49
CA VAL B 11 -29.43 -24.80 6.38
C VAL B 11 -28.08 -25.43 6.68
N GLY B 12 -27.42 -25.86 5.61
CA GLY B 12 -26.09 -26.41 5.66
C GLY B 12 -25.06 -25.47 5.05
N VAL B 13 -23.82 -25.61 5.51
CA VAL B 13 -22.68 -24.94 4.90
C VAL B 13 -21.56 -25.95 4.65
N LEU B 14 -21.24 -26.17 3.38
CA LEU B 14 -20.09 -26.98 3.00
C LEU B 14 -18.87 -26.08 2.81
N GLY B 15 -17.71 -26.55 3.25
CA GLY B 15 -16.48 -25.79 3.23
C GLY B 15 -16.45 -24.77 4.35
N ALA B 16 -16.93 -25.19 5.51
CA ALA B 16 -17.28 -24.26 6.56
C ALA B 16 -16.08 -23.64 7.19
N THR B 17 -14.93 -24.31 7.12
CA THR B 17 -13.72 -23.77 7.72
C THR B 17 -12.97 -22.84 6.75
N GLY B 18 -13.27 -22.90 5.45
CA GLY B 18 -12.70 -22.01 4.43
C GLY B 18 -13.27 -20.60 4.53
N THR B 19 -12.66 -19.65 3.82
CA THR B 19 -12.96 -18.24 4.07
C THR B 19 -14.39 -17.89 3.63
N VAL B 20 -14.82 -18.41 2.49
CA VAL B 20 -16.22 -18.25 2.06
C VAL B 20 -17.21 -18.90 3.06
N GLY B 21 -16.88 -20.10 3.52
CA GLY B 21 -17.64 -20.77 4.56
C GLY B 21 -17.80 -19.93 5.84
N GLN B 22 -16.72 -19.30 6.25
CA GLN B 22 -16.72 -18.43 7.46
C GLN B 22 -17.68 -17.25 7.30
N ARG B 23 -17.70 -16.66 6.11
CA ARG B 23 -18.62 -15.58 5.83
C ARG B 23 -20.07 -16.08 5.81
N PHE B 24 -20.32 -17.22 5.16
CA PHE B 24 -21.67 -17.82 5.18
C PHE B 24 -22.14 -17.94 6.65
N ILE B 25 -21.23 -18.41 7.51
CA ILE B 25 -21.55 -18.63 8.91
C ILE B 25 -21.84 -17.33 9.64
N GLU B 26 -20.99 -16.34 9.45
CA GLU B 26 -21.25 -15.01 10.00
C GLU B 26 -22.63 -14.48 9.61
N LEU B 27 -22.96 -14.56 8.32
CA LEU B 27 -24.22 -13.97 7.85
C LEU B 27 -25.45 -14.79 8.26
N LEU B 28 -25.32 -16.11 8.28
CA LEU B 28 -26.47 -16.95 8.54
C LEU B 28 -26.80 -16.98 10.04
N ALA B 29 -25.77 -16.79 10.88
CA ALA B 29 -26.01 -16.63 12.32
C ALA B 29 -26.92 -15.42 12.57
N ALA B 30 -26.74 -14.35 11.81
CA ALA B 30 -27.55 -13.13 11.94
C ALA B 30 -28.86 -13.11 11.12
N HIS B 31 -29.17 -14.18 10.41
CA HIS B 31 -30.25 -14.15 9.43
C HIS B 31 -31.62 -14.34 10.09
N PRO B 32 -32.63 -13.59 9.62
CA PRO B 32 -33.94 -13.71 10.25
C PRO B 32 -34.66 -15.06 10.17
N TYR B 33 -34.39 -15.91 9.18
CA TYR B 33 -35.05 -17.26 9.14
C TYR B 33 -34.22 -18.49 8.77
N PHE B 34 -33.09 -18.31 8.13
CA PHE B 34 -32.18 -19.40 7.86
C PHE B 34 -31.42 -19.72 9.14
N ALA B 35 -31.44 -20.99 9.54
CA ALA B 35 -30.79 -21.40 10.80
C ALA B 35 -29.69 -22.40 10.54
N LEU B 36 -28.48 -22.03 10.96
CA LEU B 36 -27.35 -22.90 10.79
C LEU B 36 -27.63 -24.22 11.46
N HIS B 37 -27.63 -25.30 10.69
CA HIS B 37 -27.93 -26.62 11.20
C HIS B 37 -26.85 -27.69 10.95
N ALA B 38 -26.13 -27.61 9.84
CA ALA B 38 -25.12 -28.60 9.50
C ALA B 38 -23.91 -27.96 8.85
N LEU B 39 -22.74 -28.16 9.45
CA LEU B 39 -21.47 -27.75 8.88
C LEU B 39 -20.64 -28.91 8.29
N GLY B 40 -20.09 -28.73 7.10
CA GLY B 40 -19.21 -29.72 6.51
C GLY B 40 -17.81 -29.18 6.32
N ALA B 41 -16.80 -29.96 6.68
CA ALA B 41 -15.42 -29.62 6.41
C ALA B 41 -14.65 -30.90 6.05
N SER B 42 -13.33 -30.93 6.24
CA SER B 42 -12.55 -32.08 5.80
C SER B 42 -12.77 -33.30 6.71
N SER B 43 -12.37 -34.45 6.20
CA SER B 43 -12.33 -35.68 6.97
C SER B 43 -11.43 -35.55 8.19
N ARG B 44 -10.40 -34.74 8.07
CA ARG B 44 -9.49 -34.46 9.18
C ARG B 44 -10.19 -33.70 10.31
N SER B 45 -11.10 -32.81 9.99
CA SER B 45 -11.75 -32.00 11.01
C SER B 45 -13.01 -32.64 11.57
N ALA B 46 -13.59 -33.59 10.84
CA ALA B 46 -14.90 -34.14 11.22
C ALA B 46 -14.93 -34.62 12.66
N GLY B 47 -16.04 -34.37 13.35
CA GLY B 47 -16.19 -34.76 14.75
C GLY B 47 -15.70 -33.75 15.75
N GLN B 48 -14.94 -32.75 15.33
CA GLN B 48 -14.49 -31.72 16.25
C GLN B 48 -15.42 -30.51 16.20
N GLN B 49 -15.34 -29.66 17.21
CA GLN B 49 -16.13 -28.44 17.24
C GLN B 49 -15.52 -27.38 16.37
N TYR B 50 -16.39 -26.60 15.72
CA TYR B 50 -15.98 -25.57 14.74
C TYR B 50 -14.88 -24.69 15.32
N ALA B 51 -15.12 -24.19 16.53
CA ALA B 51 -14.19 -23.26 17.17
C ALA B 51 -12.76 -23.81 17.29
N ARG B 52 -12.62 -25.13 17.49
CA ARG B 52 -11.30 -25.75 17.66
C ARG B 52 -10.56 -26.12 16.37
N VAL B 53 -11.27 -26.23 15.25
CA VAL B 53 -10.61 -26.54 13.99
C VAL B 53 -10.40 -25.35 13.05
N VAL B 54 -11.24 -24.32 13.13
CA VAL B 54 -11.16 -23.23 12.18
C VAL B 54 -10.00 -22.29 12.47
N ARG B 55 -9.32 -21.83 11.44
CA ARG B 55 -8.41 -20.67 11.54
C ARG B 55 -9.23 -19.42 11.18
N TRP B 56 -9.97 -18.87 12.14
CA TRP B 56 -10.93 -17.79 11.87
C TRP B 56 -10.26 -16.49 11.42
N LYS B 57 -10.41 -16.15 10.14
CA LYS B 57 -9.73 -15.01 9.55
C LYS B 57 -10.61 -13.78 9.38
N LEU B 58 -11.67 -13.63 10.18
CA LEU B 58 -12.59 -12.49 10.02
C LEU B 58 -12.49 -11.49 11.19
N PRO B 59 -12.70 -10.17 10.92
CA PRO B 59 -12.51 -9.09 11.92
C PRO B 59 -13.23 -9.37 13.23
N SER B 60 -14.51 -9.69 13.13
CA SER B 60 -15.33 -9.90 14.32
C SER B 60 -15.17 -11.37 14.77
N PRO B 61 -15.57 -11.68 16.01
CA PRO B 61 -15.33 -13.03 16.52
C PRO B 61 -16.36 -14.05 16.04
N ILE B 62 -16.05 -15.32 16.28
CA ILE B 62 -16.90 -16.43 15.93
C ILE B 62 -18.21 -16.25 16.70
N PRO B 63 -19.37 -16.37 16.04
CA PRO B 63 -20.68 -16.25 16.73
C PRO B 63 -20.91 -17.35 17.78
N ASP B 64 -21.80 -17.09 18.74
CA ASP B 64 -22.09 -18.04 19.83
C ASP B 64 -22.77 -19.30 19.32
N ALA B 65 -23.80 -19.12 18.50
CA ALA B 65 -24.55 -20.24 17.93
C ALA B 65 -23.68 -21.38 17.40
N VAL B 66 -22.50 -21.06 16.87
CA VAL B 66 -21.69 -22.05 16.18
C VAL B 66 -20.43 -22.47 16.91
N ARG B 67 -20.00 -21.73 17.92
CA ARG B 67 -18.75 -22.05 18.63
C ARG B 67 -18.66 -23.57 18.90
N HIS B 68 -19.75 -24.13 19.43
CA HIS B 68 -19.79 -25.52 19.88
C HIS B 68 -20.50 -26.48 18.90
N MET B 69 -20.82 -26.02 17.68
CA MET B 69 -21.34 -26.90 16.64
C MET B 69 -20.23 -27.80 16.14
N VAL B 70 -20.61 -29.02 15.77
CA VAL B 70 -19.65 -30.01 15.34
C VAL B 70 -19.66 -30.15 13.81
N VAL B 71 -18.46 -30.11 13.22
CA VAL B 71 -18.32 -30.24 11.78
C VAL B 71 -18.31 -31.71 11.44
N HIS B 72 -18.82 -32.01 10.25
CA HIS B 72 -18.95 -33.37 9.77
C HIS B 72 -18.33 -33.50 8.41
N GLU B 73 -18.34 -34.71 7.87
CA GLU B 73 -17.88 -34.91 6.52
C GLU B 73 -18.83 -34.26 5.55
N CYS B 74 -18.34 -33.94 4.35
CA CYS B 74 -19.16 -33.29 3.32
C CYS B 74 -19.89 -34.34 2.49
N ARG B 75 -20.87 -35.01 3.08
CA ARG B 75 -21.76 -35.89 2.33
C ARG B 75 -23.19 -35.66 2.79
N PRO B 76 -24.15 -35.96 1.91
CA PRO B 76 -25.56 -35.70 2.19
C PRO B 76 -26.18 -36.53 3.32
N ASP B 77 -25.55 -37.66 3.63
CA ASP B 77 -26.02 -38.53 4.69
C ASP B 77 -25.17 -38.35 5.97
N ALA B 78 -24.38 -37.28 6.08
CA ALA B 78 -23.76 -36.97 7.36
C ALA B 78 -24.77 -36.25 8.25
N PRO B 79 -24.44 -36.10 9.54
CA PRO B 79 -25.49 -35.66 10.47
C PRO B 79 -26.01 -34.24 10.19
N GLY B 80 -27.33 -34.12 10.07
CA GLY B 80 -27.98 -32.82 9.95
C GLY B 80 -28.37 -32.49 8.51
N PHE B 81 -27.62 -33.04 7.56
CA PHE B 81 -27.73 -32.59 6.19
C PHE B 81 -29.03 -32.98 5.55
N ALA B 82 -29.51 -34.20 5.81
CA ALA B 82 -30.79 -34.66 5.26
C ALA B 82 -31.99 -33.77 5.66
N GLU B 83 -31.88 -33.04 6.77
CA GLU B 83 -32.96 -32.12 7.22
C GLU B 83 -32.80 -30.67 6.71
N CYS B 84 -31.67 -30.34 6.08
CA CYS B 84 -31.46 -29.00 5.58
C CYS B 84 -32.35 -28.70 4.37
N GLY B 85 -32.99 -27.52 4.36
CA GLY B 85 -33.84 -27.08 3.24
C GLY B 85 -33.03 -26.47 2.09
N VAL B 86 -31.86 -25.95 2.45
CA VAL B 86 -30.88 -25.47 1.49
C VAL B 86 -29.48 -25.69 2.05
N VAL B 87 -28.57 -26.16 1.19
CA VAL B 87 -27.16 -26.33 1.54
C VAL B 87 -26.33 -25.34 0.69
N PHE B 88 -25.62 -24.46 1.39
CA PHE B 88 -24.74 -23.49 0.77
C PHE B 88 -23.35 -24.08 0.62
N SER B 89 -22.74 -23.90 -0.54
CA SER B 89 -21.41 -24.42 -0.80
C SER B 89 -20.35 -23.32 -1.01
N GLY B 90 -19.35 -23.30 -0.15
CA GLY B 90 -18.15 -22.48 -0.38
C GLY B 90 -16.94 -23.34 -0.65
N LEU B 91 -17.11 -24.35 -1.49
CA LEU B 91 -16.04 -25.30 -1.77
C LEU B 91 -15.22 -24.84 -2.98
N ASP B 92 -13.94 -25.20 -2.99
CA ASP B 92 -13.07 -24.97 -4.17
C ASP B 92 -13.36 -25.99 -5.26
N ALA B 93 -13.13 -25.61 -6.51
CA ALA B 93 -13.56 -26.42 -7.65
C ALA B 93 -12.92 -27.79 -7.69
N ASP B 94 -11.72 -27.92 -7.12
CA ASP B 94 -11.00 -29.21 -7.11
C ASP B 94 -11.87 -30.34 -6.52
N VAL B 95 -12.70 -30.05 -5.52
CA VAL B 95 -13.52 -31.08 -4.86
C VAL B 95 -15.02 -30.91 -5.03
N ALA B 96 -15.45 -29.73 -5.43
CA ALA B 96 -16.83 -29.33 -5.35
C ALA B 96 -17.76 -30.11 -6.25
N GLY B 97 -17.26 -30.54 -7.40
CA GLY B 97 -18.10 -31.18 -8.42
C GLY B 97 -18.80 -32.44 -7.98
N ASP B 98 -18.02 -33.41 -7.49
CA ASP B 98 -18.57 -34.69 -7.07
C ASP B 98 -19.47 -34.52 -5.88
N ILE B 99 -19.04 -33.69 -4.94
CA ILE B 99 -19.77 -33.46 -3.68
C ILE B 99 -21.10 -32.76 -3.89
N GLU B 100 -21.09 -31.67 -4.65
CA GLU B 100 -22.33 -30.95 -4.93
C GLU B 100 -23.30 -31.85 -5.71
N ASN B 101 -22.76 -32.66 -6.61
CA ASN B 101 -23.58 -33.63 -7.33
C ASN B 101 -24.17 -34.72 -6.43
N ALA B 102 -23.40 -35.18 -5.45
CA ALA B 102 -23.91 -36.14 -4.48
C ALA B 102 -25.08 -35.54 -3.66
N PHE B 103 -24.92 -34.30 -3.20
CA PHE B 103 -25.99 -33.65 -2.45
C PHE B 103 -27.27 -33.53 -3.26
N ARG B 104 -27.12 -33.10 -4.50
CA ARG B 104 -28.28 -33.00 -5.37
C ARG B 104 -28.90 -34.38 -5.63
N ALA B 105 -28.08 -35.39 -5.87
CA ALA B 105 -28.56 -36.77 -6.13
C ALA B 105 -29.35 -37.34 -4.96
N ALA B 106 -28.98 -36.92 -3.74
CA ALA B 106 -29.72 -37.26 -2.52
C ALA B 106 -30.91 -36.31 -2.26
N ASP B 107 -31.36 -35.65 -3.31
CA ASP B 107 -32.58 -34.84 -3.29
C ASP B 107 -32.50 -33.60 -2.40
N LEU B 108 -31.29 -33.04 -2.25
CA LEU B 108 -31.10 -31.77 -1.52
C LEU B 108 -30.83 -30.60 -2.46
N VAL B 109 -31.12 -29.41 -1.96
CA VAL B 109 -30.97 -28.17 -2.71
C VAL B 109 -29.62 -27.50 -2.44
N VAL B 110 -28.87 -27.21 -3.51
CA VAL B 110 -27.51 -26.73 -3.38
C VAL B 110 -27.32 -25.36 -4.08
N TYR B 111 -26.85 -24.38 -3.31
CA TYR B 111 -26.46 -23.06 -3.83
C TYR B 111 -24.93 -23.02 -3.82
N SER B 112 -24.32 -23.15 -5.01
CA SER B 112 -22.87 -23.31 -5.16
C SER B 112 -22.15 -22.03 -5.63
N ASN B 113 -20.87 -21.92 -5.23
CA ASN B 113 -19.97 -20.88 -5.71
C ASN B 113 -18.81 -21.43 -6.47
N ALA B 114 -18.84 -22.72 -6.81
CA ALA B 114 -17.80 -23.28 -7.63
C ALA B 114 -18.12 -23.08 -9.08
N LYS B 115 -17.14 -23.28 -9.95
CA LYS B 115 -17.29 -23.14 -11.39
C LYS B 115 -18.03 -24.32 -12.01
N ASN B 116 -18.04 -25.45 -11.32
CA ASN B 116 -18.33 -26.73 -11.96
C ASN B 116 -19.65 -26.77 -12.72
N TYR B 117 -20.69 -26.17 -12.15
CA TYR B 117 -22.02 -26.26 -12.71
C TYR B 117 -22.49 -24.98 -13.44
N ARG B 118 -21.63 -23.98 -13.55
CA ARG B 118 -22.00 -22.68 -14.12
C ARG B 118 -22.45 -22.71 -15.56
N ARG B 119 -21.82 -23.57 -16.34
CA ARG B 119 -22.17 -23.73 -17.75
C ARG B 119 -23.10 -24.92 -18.02
N ASP B 120 -23.51 -25.65 -16.98
CA ASP B 120 -24.38 -26.80 -17.14
C ASP B 120 -25.69 -26.29 -17.72
N PRO B 121 -26.14 -26.91 -18.81
CA PRO B 121 -27.36 -26.37 -19.47
C PRO B 121 -28.69 -26.48 -18.69
N LEU B 122 -28.73 -27.13 -17.53
CA LEU B 122 -29.94 -27.16 -16.69
C LEU B 122 -29.83 -26.34 -15.42
N CYS B 123 -28.65 -25.77 -15.17
CA CYS B 123 -28.37 -25.13 -13.89
C CYS B 123 -28.27 -23.65 -14.10
N PRO B 124 -29.18 -22.90 -13.47
CA PRO B 124 -29.10 -21.46 -13.57
C PRO B 124 -27.82 -20.89 -12.94
N LEU B 125 -27.33 -19.81 -13.55
CA LEU B 125 -26.20 -19.06 -13.03
C LEU B 125 -26.75 -17.69 -12.74
N ILE B 126 -27.00 -17.40 -11.47
CA ILE B 126 -27.80 -16.25 -11.12
C ILE B 126 -27.03 -15.18 -10.37
N VAL B 127 -27.11 -13.97 -10.90
CA VAL B 127 -26.78 -12.76 -10.18
C VAL B 127 -28.11 -12.28 -9.64
N PRO B 128 -28.27 -12.31 -8.31
CA PRO B 128 -29.56 -12.04 -7.72
C PRO B 128 -30.20 -10.72 -8.13
N LEU B 129 -29.41 -9.71 -8.48
CA LEU B 129 -29.99 -8.42 -8.89
C LEU B 129 -30.28 -8.30 -10.39
N VAL B 130 -30.20 -9.43 -11.11
CA VAL B 130 -30.31 -9.40 -12.56
C VAL B 130 -31.24 -10.46 -13.07
N ASN B 131 -30.98 -11.72 -12.76
CA ASN B 131 -31.66 -12.80 -13.48
C ASN B 131 -32.24 -13.92 -12.63
N PRO B 132 -32.85 -13.59 -11.47
CA PRO B 132 -33.53 -14.66 -10.68
C PRO B 132 -34.70 -15.35 -11.44
N SER B 133 -35.26 -14.68 -12.45
CA SER B 133 -36.24 -15.31 -13.35
C SER B 133 -35.74 -16.65 -13.88
N HIS B 134 -34.42 -16.85 -13.91
CA HIS B 134 -33.90 -18.08 -14.47
C HIS B 134 -34.21 -19.29 -13.58
N LEU B 135 -34.73 -19.05 -12.37
CA LEU B 135 -35.30 -20.14 -11.56
C LEU B 135 -36.43 -20.91 -12.30
N SER B 136 -37.00 -20.33 -13.36
CA SER B 136 -38.05 -20.98 -14.14
C SER B 136 -37.63 -22.32 -14.74
N ILE B 137 -36.33 -22.53 -14.89
CA ILE B 137 -35.83 -23.81 -15.45
C ILE B 137 -35.69 -24.93 -14.40
N ILE B 138 -35.91 -24.64 -13.13
CA ILE B 138 -35.66 -25.64 -12.08
C ILE B 138 -36.56 -26.89 -12.15
N PRO B 139 -37.86 -26.73 -12.40
CA PRO B 139 -38.69 -27.92 -12.55
C PRO B 139 -38.17 -28.87 -13.62
N TYR B 140 -37.76 -28.32 -14.77
CA TYR B 140 -37.16 -29.13 -15.84
C TYR B 140 -35.85 -29.81 -15.39
N GLN B 141 -35.06 -29.13 -14.57
CA GLN B 141 -33.81 -29.73 -14.04
C GLN B 141 -34.14 -30.92 -13.16
N ARG B 142 -35.08 -30.74 -12.23
CA ARG B 142 -35.58 -31.82 -11.41
C ARG B 142 -36.09 -33.00 -12.23
N GLU B 143 -37.01 -32.72 -13.15
CA GLU B 143 -37.58 -33.77 -13.99
C GLU B 143 -36.49 -34.56 -14.69
N GLN B 144 -35.53 -33.87 -15.31
CA GLN B 144 -34.45 -34.56 -16.04
C GLN B 144 -33.56 -35.43 -15.17
N LEU B 145 -33.51 -35.17 -13.87
CA LEU B 145 -32.66 -35.96 -12.96
C LEU B 145 -33.47 -36.96 -12.12
N GLY B 146 -34.78 -37.04 -12.37
CA GLY B 146 -35.65 -37.89 -11.57
C GLY B 146 -35.71 -37.45 -10.12
N LEU B 147 -35.72 -36.13 -9.90
CA LEU B 147 -35.73 -35.60 -8.54
C LEU B 147 -37.00 -34.81 -8.29
N LYS B 148 -37.44 -34.82 -7.05
CA LYS B 148 -38.67 -34.13 -6.68
C LYS B 148 -38.30 -32.82 -6.01
N LYS B 149 -37.23 -32.79 -5.24
CA LYS B 149 -36.90 -31.64 -4.43
C LYS B 149 -35.54 -31.00 -4.81
N GLY B 150 -34.54 -31.81 -5.09
CA GLY B 150 -33.18 -31.34 -5.23
C GLY B 150 -32.84 -30.64 -6.53
N TYR B 151 -31.88 -29.72 -6.45
CA TYR B 151 -31.34 -29.05 -7.62
C TYR B 151 -30.08 -28.26 -7.26
N ILE B 152 -29.39 -27.80 -8.30
CA ILE B 152 -28.25 -26.90 -8.15
C ILE B 152 -28.50 -25.56 -8.83
N VAL B 153 -28.16 -24.50 -8.11
CA VAL B 153 -28.02 -23.14 -8.68
C VAL B 153 -26.63 -22.64 -8.36
N THR B 154 -25.98 -21.99 -9.32
CA THR B 154 -24.65 -21.42 -9.07
C THR B 154 -24.75 -19.91 -9.04
N ASN B 155 -24.03 -19.36 -8.09
CA ASN B 155 -23.90 -17.95 -7.91
C ASN B 155 -22.74 -17.47 -8.75
N ALA B 156 -22.83 -16.31 -9.37
CA ALA B 156 -21.65 -15.75 -10.07
C ALA B 156 -20.67 -15.01 -9.15
N ASN B 157 -19.44 -14.86 -9.58
CA ASN B 157 -18.41 -14.17 -8.74
C ASN B 157 -18.58 -12.62 -8.71
N CYS B 158 -17.74 -11.95 -7.93
CA CYS B 158 -17.95 -10.53 -7.68
C CYS B 158 -17.62 -9.66 -8.91
N SER B 159 -16.56 -9.97 -9.63
CA SER B 159 -16.15 -9.11 -10.74
C SER B 159 -17.16 -9.19 -11.88
N THR B 160 -17.65 -10.39 -12.16
CA THR B 160 -18.74 -10.59 -13.11
C THR B 160 -19.95 -9.79 -12.66
N THR B 161 -20.28 -9.89 -11.38
CA THR B 161 -21.47 -9.21 -10.88
C THR B 161 -21.31 -7.70 -11.05
N GLY B 162 -20.15 -7.15 -10.73
CA GLY B 162 -19.97 -5.71 -10.79
C GLY B 162 -20.15 -5.15 -12.17
N ILE B 163 -19.93 -6.00 -13.16
CA ILE B 163 -20.12 -5.60 -14.54
C ILE B 163 -21.55 -5.82 -15.02
N VAL B 164 -22.10 -7.02 -14.83
CA VAL B 164 -23.36 -7.35 -15.45
C VAL B 164 -24.56 -6.60 -14.84
N VAL B 165 -24.44 -6.13 -13.60
CA VAL B 165 -25.53 -5.37 -13.03
C VAL B 165 -25.74 -4.09 -13.85
N PRO B 166 -24.69 -3.28 -14.08
CA PRO B 166 -24.90 -2.12 -14.94
C PRO B 166 -25.33 -2.50 -16.33
N LEU B 167 -24.78 -3.59 -16.88
CA LEU B 167 -25.20 -4.00 -18.22
C LEU B 167 -26.71 -4.31 -18.26
N ALA B 168 -27.23 -4.93 -17.21
CA ALA B 168 -28.62 -5.34 -17.16
C ALA B 168 -29.51 -4.12 -17.16
N ALA B 169 -29.07 -3.07 -16.47
CA ALA B 169 -29.83 -1.86 -16.38
C ALA B 169 -29.89 -1.20 -17.76
N LEU B 170 -28.79 -1.31 -18.50
CA LEU B 170 -28.74 -0.78 -19.85
C LEU B 170 -29.66 -1.55 -20.78
N GLU B 171 -29.67 -2.88 -20.66
CA GLU B 171 -30.53 -3.69 -21.54
C GLU B 171 -32.02 -3.47 -21.25
N LYS B 172 -32.38 -3.43 -19.98
CA LYS B 172 -33.76 -3.15 -19.60
C LYS B 172 -34.23 -1.82 -20.19
N ALA B 173 -33.38 -0.79 -20.16
CA ALA B 173 -33.80 0.54 -20.60
C ALA B 173 -33.61 0.80 -22.08
N PHE B 174 -32.59 0.23 -22.73
CA PHE B 174 -32.28 0.53 -24.13
C PHE B 174 -32.18 -0.66 -25.05
N GLY B 175 -32.57 -1.85 -24.59
CA GLY B 175 -32.53 -3.02 -25.48
C GLY B 175 -31.16 -3.67 -25.52
N PRO B 176 -31.01 -4.73 -26.34
CA PRO B 176 -29.81 -5.53 -26.25
C PRO B 176 -28.52 -4.82 -26.61
N LEU B 177 -27.45 -5.29 -26.00
CA LEU B 177 -26.10 -4.80 -26.26
C LEU B 177 -25.43 -5.62 -27.36
N ASP B 178 -24.65 -4.93 -28.16
CA ASP B 178 -23.93 -5.52 -29.26
C ASP B 178 -22.56 -5.96 -28.78
N THR B 179 -21.83 -5.00 -28.20
CA THR B 179 -20.43 -5.17 -27.89
C THR B 179 -20.12 -4.55 -26.54
N VAL B 180 -19.27 -5.24 -25.77
CA VAL B 180 -18.74 -4.75 -24.51
C VAL B 180 -17.22 -5.04 -24.37
N ILE B 181 -16.46 -4.01 -23.99
CA ILE B 181 -15.07 -4.15 -23.65
C ILE B 181 -14.88 -3.69 -22.21
N VAL B 182 -14.12 -4.46 -21.44
CA VAL B 182 -13.92 -4.13 -20.04
C VAL B 182 -12.51 -4.44 -19.52
N THR B 183 -11.91 -3.49 -18.78
CA THR B 183 -10.71 -3.75 -18.02
C THR B 183 -11.07 -3.66 -16.52
N THR B 184 -10.72 -4.68 -15.73
CA THR B 184 -11.00 -4.63 -14.30
C THR B 184 -9.72 -4.34 -13.50
N LEU B 185 -9.94 -3.68 -12.37
CA LEU B 185 -8.91 -3.47 -11.37
C LEU B 185 -9.48 -4.08 -10.07
N GLN B 186 -9.07 -5.29 -9.75
CA GLN B 186 -9.70 -6.07 -8.71
C GLN B 186 -8.91 -6.05 -7.41
N ALA B 187 -9.64 -5.80 -6.33
CA ALA B 187 -9.10 -5.80 -5.00
C ALA B 187 -8.72 -7.19 -4.58
N ILE B 188 -8.01 -7.30 -3.46
CA ILE B 188 -7.46 -8.57 -2.99
C ILE B 188 -8.45 -9.41 -2.18
N SER B 189 -9.46 -8.80 -1.55
CA SER B 189 -10.58 -9.54 -0.98
C SER B 189 -11.25 -10.54 -1.93
N GLY B 190 -11.56 -11.74 -1.44
CA GLY B 190 -12.10 -12.79 -2.33
C GLY B 190 -11.25 -13.43 -3.43
N ALA B 191 -9.91 -13.37 -3.42
CA ALA B 191 -9.14 -14.60 -3.64
C ALA B 191 -9.28 -15.19 -5.05
N GLY B 195 -4.59 -17.39 -1.08
CA GLY B 195 -5.06 -16.13 -1.71
C GLY B 195 -3.93 -15.33 -2.33
N VAL B 196 -3.95 -14.00 -2.25
CA VAL B 196 -2.85 -13.12 -2.75
C VAL B 196 -1.80 -12.75 -1.68
N SER B 197 -0.56 -13.09 -1.92
CA SER B 197 0.48 -12.84 -0.96
C SER B 197 0.94 -11.41 -1.09
N SER B 198 1.36 -10.84 0.02
CA SER B 198 1.73 -9.45 0.00
C SER B 198 2.92 -9.22 -0.93
N LEU B 199 3.80 -10.17 -0.99
CA LEU B 199 4.90 -10.10 -1.93
C LEU B 199 4.49 -10.00 -3.38
N ASP B 200 3.39 -10.63 -3.78
CA ASP B 200 2.96 -10.61 -5.16
C ASP B 200 2.44 -9.27 -5.55
N ILE B 201 1.81 -8.56 -4.60
CA ILE B 201 0.95 -7.43 -4.94
C ILE B 201 1.37 -6.04 -4.41
N MET B 202 2.15 -5.94 -3.34
CA MET B 202 2.45 -4.62 -2.79
C MET B 202 3.20 -3.75 -3.77
N ASP B 203 2.79 -2.49 -3.91
CA ASP B 203 3.50 -1.58 -4.84
C ASP B 203 3.59 -2.15 -6.28
N ASN B 204 2.52 -2.82 -6.70
CA ASN B 204 2.55 -3.56 -7.94
C ASN B 204 1.15 -3.76 -8.59
N VAL B 205 1.14 -4.29 -9.80
CA VAL B 205 -0.09 -4.70 -10.49
C VAL B 205 0.19 -6.06 -11.09
N VAL B 206 -0.73 -6.99 -10.92
CA VAL B 206 -0.60 -8.33 -11.48
C VAL B 206 -1.65 -8.40 -12.56
N PRO B 207 -1.22 -8.45 -13.82
CA PRO B 207 -2.19 -8.35 -14.91
C PRO B 207 -2.83 -9.66 -15.31
N LEU B 208 -2.83 -10.67 -14.44
CA LEU B 208 -3.50 -11.93 -14.76
C LEU B 208 -4.18 -12.38 -13.55
N ILE B 209 -5.43 -12.79 -13.71
CA ILE B 209 -6.13 -13.53 -12.71
C ILE B 209 -6.71 -14.74 -13.43
N SER B 210 -6.21 -15.91 -13.12
CA SER B 210 -6.43 -16.99 -14.04
C SER B 210 -7.90 -17.39 -14.06
N GLY B 211 -8.41 -17.63 -15.27
CA GLY B 211 -9.81 -17.96 -15.48
C GLY B 211 -10.79 -16.81 -15.47
N GLU B 212 -10.35 -15.62 -15.11
CA GLU B 212 -11.30 -14.56 -14.78
C GLU B 212 -11.91 -13.90 -16.04
N GLU B 213 -11.08 -13.63 -17.03
CA GLU B 213 -11.54 -13.05 -18.28
C GLU B 213 -12.50 -14.01 -18.95
N ASP B 214 -12.13 -15.28 -18.97
CA ASP B 214 -12.93 -16.27 -19.63
C ASP B 214 -14.31 -16.36 -19.00
N LYS B 215 -14.36 -16.25 -17.69
CA LYS B 215 -15.64 -16.25 -17.00
C LYS B 215 -16.48 -15.06 -17.40
N ILE B 216 -15.94 -13.86 -17.30
CA ILE B 216 -16.69 -12.68 -17.69
C ILE B 216 -17.21 -12.79 -19.11
N GLU B 217 -16.36 -13.29 -20.01
CA GLU B 217 -16.68 -13.37 -21.43
C GLU B 217 -17.80 -14.36 -21.76
N TRP B 218 -17.81 -15.49 -21.08
CA TRP B 218 -18.80 -16.53 -21.33
C TRP B 218 -20.09 -16.26 -20.52
N GLU B 219 -19.91 -15.98 -19.24
CA GLU B 219 -21.03 -15.89 -18.35
C GLU B 219 -21.97 -14.71 -18.61
N THR B 220 -21.42 -13.63 -19.13
CA THR B 220 -22.22 -12.43 -19.34
C THR B 220 -23.44 -12.74 -20.22
N ASN B 221 -23.25 -13.56 -21.25
CA ASN B 221 -24.36 -13.90 -22.15
C ASN B 221 -25.39 -14.83 -21.49
N LYS B 222 -24.92 -15.77 -20.69
CA LYS B 222 -25.86 -16.59 -19.97
C LYS B 222 -26.71 -15.73 -19.02
N ILE B 223 -26.05 -14.87 -18.27
CA ILE B 223 -26.73 -14.09 -17.21
C ILE B 223 -27.68 -13.04 -17.77
N LEU B 224 -27.27 -12.38 -18.83
CA LEU B 224 -28.11 -11.36 -19.42
C LEU B 224 -29.10 -11.93 -20.41
N GLY B 225 -28.89 -13.17 -20.80
CA GLY B 225 -29.86 -13.84 -21.65
C GLY B 225 -31.13 -14.19 -20.90
N GLY B 226 -31.93 -15.02 -21.56
CA GLY B 226 -33.18 -15.54 -21.02
C GLY B 226 -33.27 -17.05 -20.97
N VAL B 227 -34.41 -17.51 -20.48
CA VAL B 227 -34.81 -18.91 -20.55
C VAL B 227 -35.81 -19.05 -21.69
N THR B 228 -35.71 -20.13 -22.46
CA THR B 228 -36.60 -20.31 -23.61
C THR B 228 -38.08 -20.36 -23.15
N PRO B 229 -39.04 -19.97 -24.04
CA PRO B 229 -40.44 -19.97 -23.62
C PRO B 229 -40.95 -21.32 -23.06
N ASP B 230 -40.36 -22.44 -23.47
CA ASP B 230 -40.71 -23.76 -22.86
C ASP B 230 -40.16 -24.04 -21.46
N ASN B 231 -39.33 -23.14 -20.93
CA ASN B 231 -38.58 -23.34 -19.65
C ASN B 231 -37.70 -24.57 -19.55
N LYS B 232 -37.09 -24.96 -20.67
CA LYS B 232 -36.17 -26.10 -20.69
C LYS B 232 -34.69 -25.76 -21.01
N ALA B 233 -34.43 -24.50 -21.37
CA ALA B 233 -33.10 -24.10 -21.78
C ALA B 233 -32.79 -22.62 -21.60
N PHE B 234 -31.50 -22.32 -21.59
CA PHE B 234 -31.00 -20.96 -21.58
C PHE B 234 -30.74 -20.57 -23.02
N ASP B 235 -31.15 -19.37 -23.41
CA ASP B 235 -30.91 -18.96 -24.78
C ASP B 235 -29.50 -18.38 -24.96
N LEU B 236 -28.81 -18.12 -23.85
CA LEU B 236 -27.47 -17.52 -23.87
C LEU B 236 -27.39 -16.23 -24.70
N HIS B 237 -28.47 -15.47 -24.68
CA HIS B 237 -28.57 -14.19 -25.39
C HIS B 237 -28.50 -14.36 -26.92
N ALA B 238 -28.76 -15.57 -27.40
CA ALA B 238 -28.94 -15.82 -28.86
C ALA B 238 -30.31 -15.27 -29.30
N PRO B 239 -30.51 -15.10 -30.62
CA PRO B 239 -29.58 -15.37 -31.73
C PRO B 239 -28.40 -14.39 -31.83
N LYS B 240 -28.57 -13.17 -31.34
CA LYS B 240 -27.55 -12.12 -31.44
C LYS B 240 -26.77 -11.91 -30.06
N GLN B 241 -25.75 -12.73 -29.84
CA GLN B 241 -24.99 -12.69 -28.59
C GLN B 241 -24.11 -11.45 -28.43
N ILE B 242 -23.93 -11.01 -27.18
CA ILE B 242 -23.06 -9.88 -26.87
C ILE B 242 -21.60 -10.29 -27.10
N ASN B 243 -20.86 -9.47 -27.82
CA ASN B 243 -19.42 -9.65 -27.97
C ASN B 243 -18.67 -9.00 -26.82
N VAL B 244 -18.01 -9.83 -25.98
CA VAL B 244 -17.36 -9.37 -24.77
C VAL B 244 -15.89 -9.68 -24.80
N SER B 245 -15.07 -8.68 -24.47
CA SER B 245 -13.63 -8.86 -24.34
C SER B 245 -13.17 -8.20 -23.07
N ALA B 246 -12.51 -8.98 -22.22
CA ALA B 246 -12.05 -8.51 -20.90
C ALA B 246 -10.55 -8.65 -20.68
N THR B 247 -10.00 -7.74 -19.89
CA THR B 247 -8.68 -7.91 -19.32
C THR B 247 -8.91 -7.71 -17.83
N CYS B 248 -8.42 -8.62 -17.02
CA CYS B 248 -8.63 -8.52 -15.58
C CYS B 248 -7.29 -8.35 -14.88
N THR B 249 -7.20 -7.37 -14.00
CA THR B 249 -5.97 -7.14 -13.27
C THR B 249 -6.23 -7.11 -11.78
N ARG B 250 -5.18 -7.31 -11.01
CA ARG B 250 -5.23 -7.22 -9.58
C ARG B 250 -4.43 -6.00 -9.15
N VAL B 251 -4.95 -5.26 -8.17
CA VAL B 251 -4.30 -4.06 -7.69
C VAL B 251 -4.20 -4.14 -6.19
N PRO B 252 -3.35 -3.30 -5.57
CA PRO B 252 -3.13 -3.38 -4.11
C PRO B 252 -4.17 -2.62 -3.31
N VAL B 253 -5.38 -3.15 -3.31
CA VAL B 253 -6.52 -2.54 -2.71
C VAL B 253 -7.27 -3.65 -2.00
N ILE B 254 -7.71 -3.37 -0.78
CA ILE B 254 -8.29 -4.40 0.04
C ILE B 254 -9.69 -4.78 -0.45
N ASP B 255 -10.53 -3.78 -0.63
CA ASP B 255 -11.91 -4.00 -1.01
C ASP B 255 -12.33 -3.07 -2.13
N GLY B 256 -13.13 -3.59 -3.07
CA GLY B 256 -13.67 -2.77 -4.14
C GLY B 256 -13.13 -3.15 -5.49
N HIS B 257 -13.95 -3.76 -6.34
CA HIS B 257 -13.54 -4.09 -7.70
C HIS B 257 -14.02 -2.99 -8.63
N THR B 258 -13.07 -2.38 -9.33
CA THR B 258 -13.37 -1.29 -10.24
C THR B 258 -13.34 -1.79 -11.68
N GLY B 259 -14.28 -1.35 -12.51
CA GLY B 259 -14.35 -1.76 -13.91
C GLY B 259 -14.44 -0.56 -14.85
N CYS B 260 -13.66 -0.59 -15.94
CA CYS B 260 -13.67 0.44 -16.95
C CYS B 260 -14.30 -0.13 -18.23
N VAL B 261 -15.50 0.32 -18.56
CA VAL B 261 -16.36 -0.39 -19.49
C VAL B 261 -16.74 0.48 -20.69
N SER B 262 -16.66 -0.09 -21.89
CA SER B 262 -17.20 0.57 -23.08
C SER B 262 -18.29 -0.27 -23.69
N VAL B 263 -19.38 0.37 -24.09
CA VAL B 263 -20.55 -0.35 -24.57
C VAL B 263 -21.02 0.19 -25.91
N LYS B 264 -21.35 -0.74 -26.81
CA LYS B 264 -22.08 -0.42 -28.04
C LYS B 264 -23.46 -1.06 -27.98
N PHE B 265 -24.50 -0.23 -28.16
CA PHE B 265 -25.88 -0.70 -28.21
C PHE B 265 -26.26 -1.23 -29.59
N ALA B 266 -27.15 -2.23 -29.64
CA ALA B 266 -27.64 -2.77 -30.92
C ALA B 266 -28.51 -1.73 -31.63
N ARG B 267 -29.24 -0.94 -30.85
CA ARG B 267 -30.19 -0.01 -31.39
C ARG B 267 -29.58 1.36 -31.62
N SER B 268 -30.13 2.05 -32.61
CA SER B 268 -29.69 3.36 -33.09
C SER B 268 -30.86 4.32 -33.13
N PRO B 269 -30.63 5.62 -32.81
CA PRO B 269 -29.40 6.14 -32.25
C PRO B 269 -29.21 5.68 -30.77
N PRO B 270 -27.98 5.79 -30.25
CA PRO B 270 -27.78 5.42 -28.86
C PRO B 270 -28.27 6.53 -27.94
N PRO B 271 -28.51 6.18 -26.67
CA PRO B 271 -28.97 7.14 -25.69
C PRO B 271 -27.92 8.18 -25.34
N SER B 272 -28.39 9.31 -24.85
CA SER B 272 -27.52 10.35 -24.35
C SER B 272 -27.00 9.96 -22.95
N VAL B 273 -25.96 10.69 -22.55
CA VAL B 273 -25.40 10.57 -21.22
C VAL B 273 -26.48 10.68 -20.17
N ALA B 274 -27.39 11.65 -20.32
CA ALA B 274 -28.42 11.91 -19.30
C ALA B 274 -29.38 10.73 -19.22
N GLU B 275 -29.76 10.20 -20.38
CA GLU B 275 -30.62 9.03 -20.42
C GLU B 275 -29.96 7.83 -19.75
N VAL B 276 -28.63 7.69 -19.91
CA VAL B 276 -27.93 6.56 -19.32
C VAL B 276 -27.87 6.72 -17.81
N GLU B 277 -27.56 7.92 -17.35
CA GLU B 277 -27.60 8.22 -15.93
C GLU B 277 -28.96 7.83 -15.32
N ASN B 278 -30.04 8.19 -15.97
CA ASN B 278 -31.38 7.85 -15.44
C ASN B 278 -31.68 6.39 -15.44
N ALA B 279 -31.30 5.70 -16.51
CA ALA B 279 -31.44 4.26 -16.55
C ALA B 279 -30.79 3.57 -15.31
N PHE B 280 -29.62 4.05 -14.93
CA PHE B 280 -28.92 3.50 -13.80
C PHE B 280 -29.64 3.85 -12.50
N ARG B 281 -29.93 5.14 -12.28
CA ARG B 281 -30.64 5.57 -11.07
C ARG B 281 -31.94 4.86 -10.82
N GLU B 282 -32.70 4.64 -11.90
CA GLU B 282 -34.07 4.11 -11.80
C GLU B 282 -34.11 2.58 -11.73
N TYR B 283 -33.03 1.90 -12.09
CA TYR B 283 -33.04 0.44 -12.16
C TYR B 283 -33.48 -0.22 -10.86
N THR B 284 -34.46 -1.10 -10.97
CA THR B 284 -34.91 -1.91 -9.82
C THR B 284 -35.20 -3.32 -10.35
N CYS B 285 -35.03 -4.32 -9.50
CA CYS B 285 -35.02 -5.69 -9.98
C CYS B 285 -36.01 -6.56 -9.19
N ASP B 286 -36.25 -7.78 -9.68
CA ASP B 286 -37.16 -8.70 -8.99
C ASP B 286 -36.90 -8.86 -7.49
N ALA B 287 -35.64 -8.97 -7.11
CA ALA B 287 -35.31 -9.23 -5.71
C ALA B 287 -35.78 -8.08 -4.79
N GLN B 288 -35.72 -6.86 -5.29
CA GLN B 288 -36.24 -5.72 -4.57
C GLN B 288 -37.77 -5.72 -4.55
N HIS B 289 -38.38 -6.05 -5.70
CA HIS B 289 -39.84 -6.09 -5.82
C HIS B 289 -40.42 -7.15 -4.89
N LEU B 290 -39.73 -8.27 -4.73
CA LEU B 290 -40.11 -9.31 -3.78
C LEU B 290 -39.82 -8.97 -2.33
N GLY B 291 -39.02 -7.94 -2.11
CA GLY B 291 -38.68 -7.54 -0.73
C GLY B 291 -37.95 -8.58 0.10
N VAL B 292 -37.12 -9.42 -0.52
CA VAL B 292 -36.30 -10.35 0.27
C VAL B 292 -35.39 -9.59 1.23
N PRO B 293 -35.08 -10.20 2.38
CA PRO B 293 -34.44 -9.42 3.45
C PRO B 293 -33.05 -8.92 3.13
N SER B 294 -32.28 -9.69 2.35
CA SER B 294 -30.89 -9.33 2.13
C SER B 294 -30.70 -8.43 0.88
N ALA B 295 -31.77 -8.11 0.16
CA ALA B 295 -31.71 -7.22 -1.03
C ALA B 295 -31.53 -5.77 -0.61
N PRO B 296 -30.84 -4.97 -1.42
CA PRO B 296 -30.69 -3.58 -1.08
C PRO B 296 -31.89 -2.72 -1.49
N ALA B 297 -32.04 -1.59 -0.82
CA ALA B 297 -33.06 -0.62 -1.19
C ALA B 297 -32.71 0.07 -2.51
N GLN B 298 -31.43 0.32 -2.76
CA GLN B 298 -30.99 1.01 -4.00
C GLN B 298 -30.05 0.09 -4.78
N ALA B 299 -30.37 -0.22 -6.03
CA ALA B 299 -29.56 -1.22 -6.76
C ALA B 299 -28.28 -0.63 -7.33
N ILE B 300 -28.38 0.55 -7.92
CA ILE B 300 -27.21 1.23 -8.50
C ILE B 300 -27.16 2.69 -8.13
N VAL B 301 -26.03 3.15 -7.60
CA VAL B 301 -25.83 4.54 -7.31
C VAL B 301 -25.05 5.17 -8.48
N VAL B 302 -25.49 6.34 -8.95
CA VAL B 302 -24.77 7.11 -9.95
C VAL B 302 -24.04 8.21 -9.23
N HIS B 303 -22.75 8.36 -9.50
CA HIS B 303 -21.94 9.41 -8.89
C HIS B 303 -21.83 10.55 -9.88
N ASP B 304 -22.01 11.77 -9.42
CA ASP B 304 -21.93 12.95 -10.31
C ASP B 304 -20.53 13.52 -10.33
N ALA B 305 -19.74 13.28 -9.29
CA ALA B 305 -18.40 13.83 -9.30
C ALA B 305 -17.55 13.21 -10.43
N PRO B 306 -16.75 14.04 -11.09
CA PRO B 306 -15.99 13.53 -12.24
C PRO B 306 -14.95 12.46 -11.88
N ASP B 307 -14.55 12.38 -10.60
CA ASP B 307 -13.51 11.44 -10.15
C ASP B 307 -14.04 10.28 -9.30
N ARG B 308 -15.28 9.86 -9.54
CA ARG B 308 -15.89 8.86 -8.72
C ARG B 308 -16.58 7.91 -9.60
N PRO B 309 -16.77 6.67 -9.14
CA PRO B 309 -16.48 6.08 -7.83
C PRO B 309 -15.04 5.71 -7.60
N GLN B 310 -14.68 5.63 -6.32
CA GLN B 310 -13.36 5.20 -5.88
C GLN B 310 -13.59 4.13 -4.82
N PRO B 311 -12.88 2.99 -4.91
CA PRO B 311 -13.19 1.86 -4.03
C PRO B 311 -13.08 2.17 -2.54
N ARG B 312 -12.11 2.97 -2.15
CA ARG B 312 -11.92 3.26 -0.76
C ARG B 312 -12.94 4.26 -0.25
N LEU B 313 -13.40 5.16 -1.09
CA LEU B 313 -14.33 6.18 -0.64
C LEU B 313 -15.79 5.70 -0.69
N ASP B 314 -16.14 4.86 -1.66
CA ASP B 314 -17.52 4.55 -1.97
C ASP B 314 -17.93 3.15 -1.55
N LYS B 315 -17.38 2.70 -0.44
CA LYS B 315 -17.86 1.46 0.16
C LYS B 315 -18.84 1.86 1.23
N ASN B 316 -19.71 0.91 1.58
CA ASN B 316 -20.79 1.10 2.55
C ASN B 316 -21.68 2.28 2.24
N LEU B 317 -22.17 2.28 1.01
CA LEU B 317 -23.05 3.33 0.52
C LEU B 317 -24.37 3.29 1.28
N HIS B 318 -25.13 4.37 1.14
CA HIS B 318 -26.44 4.46 1.73
C HIS B 318 -27.42 3.55 0.99
N ASN B 319 -28.47 3.15 1.72
CA ASN B 319 -29.59 2.37 1.17
C ASN B 319 -29.21 0.95 0.83
N GLY B 320 -28.14 0.48 1.47
CA GLY B 320 -27.58 -0.84 1.22
C GLY B 320 -27.00 -1.01 -0.18
N ALA B 321 -26.75 0.09 -0.90
CA ALA B 321 -26.31 0.02 -2.30
C ALA B 321 -24.92 -0.62 -2.43
N CYS B 322 -24.79 -1.47 -3.45
CA CYS B 322 -23.64 -2.32 -3.60
C CYS B 322 -22.85 -2.11 -4.89
N VAL B 323 -23.51 -1.57 -5.93
CA VAL B 323 -22.91 -1.27 -7.20
C VAL B 323 -23.07 0.19 -7.54
N SER B 324 -21.99 0.83 -7.99
CA SER B 324 -22.11 2.22 -8.39
C SER B 324 -21.37 2.46 -9.69
N VAL B 325 -21.67 3.58 -10.35
CA VAL B 325 -21.08 3.93 -11.60
C VAL B 325 -20.87 5.42 -11.66
N GLY B 326 -19.99 5.85 -12.56
CA GLY B 326 -19.55 7.21 -12.65
C GLY B 326 -18.82 7.40 -13.95
N ARG B 327 -18.38 8.64 -14.19
CA ARG B 327 -17.70 9.02 -15.42
C ARG B 327 -18.43 8.49 -16.64
N ILE B 328 -19.76 8.63 -16.63
CA ILE B 328 -20.54 8.26 -17.81
C ILE B 328 -20.41 9.28 -18.94
N ARG B 329 -19.94 8.83 -20.09
CA ARG B 329 -19.58 9.75 -21.16
C ARG B 329 -19.51 9.06 -22.49
N GLU B 330 -19.46 9.85 -23.54
CA GLU B 330 -19.39 9.28 -24.88
C GLU B 330 -18.07 8.56 -25.09
N CYS B 331 -18.14 7.46 -25.83
CA CYS B 331 -16.98 6.72 -26.29
C CYS B 331 -16.77 7.00 -27.78
N PRO B 332 -15.62 7.54 -28.16
CA PRO B 332 -15.34 7.73 -29.60
C PRO B 332 -15.41 6.45 -30.47
N VAL B 333 -15.35 5.28 -29.86
CA VAL B 333 -15.27 4.03 -30.58
C VAL B 333 -16.60 3.27 -30.61
N PHE B 334 -17.23 3.16 -29.46
CA PHE B 334 -18.55 2.53 -29.33
C PHE B 334 -19.59 3.64 -29.04
N ASP B 335 -20.50 3.46 -28.09
CA ASP B 335 -21.49 4.49 -27.78
C ASP B 335 -21.25 5.19 -26.48
N ILE B 336 -21.10 4.41 -25.42
CA ILE B 336 -21.00 4.95 -24.08
C ILE B 336 -19.92 4.21 -23.30
N LYS B 337 -19.15 4.94 -22.49
CA LYS B 337 -18.21 4.34 -21.55
C LYS B 337 -18.37 4.88 -20.13
N PHE B 338 -17.92 4.08 -19.17
CA PHE B 338 -18.12 4.45 -17.78
C PHE B 338 -17.23 3.65 -16.88
N VAL B 339 -17.27 4.00 -15.60
CA VAL B 339 -16.54 3.33 -14.58
C VAL B 339 -17.52 2.79 -13.56
N CYS B 340 -17.34 1.55 -13.13
CA CYS B 340 -18.21 0.93 -12.18
C CYS B 340 -17.42 0.36 -11.01
N LEU B 341 -18.11 0.15 -9.90
CA LEU B 341 -17.54 -0.32 -8.71
C LEU B 341 -18.50 -1.25 -8.05
N ILE B 342 -17.98 -2.36 -7.57
CA ILE B 342 -18.76 -3.23 -6.69
C ILE B 342 -18.04 -3.38 -5.37
N ASP B 343 -18.80 -3.15 -4.32
CA ASP B 343 -18.39 -3.44 -2.92
C ASP B 343 -18.45 -4.95 -2.71
N ASN B 344 -17.38 -5.64 -3.01
CA ASN B 344 -17.35 -7.10 -2.92
C ASN B 344 -17.37 -7.66 -1.49
N VAL B 345 -17.27 -6.80 -0.48
CA VAL B 345 -17.49 -7.23 0.92
C VAL B 345 -18.96 -7.29 1.21
N ARG B 346 -19.66 -6.18 0.99
CA ARG B 346 -21.10 -6.18 1.16
C ARG B 346 -21.73 -7.19 0.19
N LEU B 347 -21.39 -7.14 -1.09
CA LEU B 347 -21.99 -8.03 -2.08
C LEU B 347 -21.01 -9.11 -2.57
N GLY B 348 -20.54 -9.92 -1.62
CA GLY B 348 -19.62 -11.04 -1.87
C GLY B 348 -20.32 -12.35 -2.26
N ALA B 349 -19.56 -13.46 -2.40
CA ALA B 349 -20.13 -14.78 -2.72
C ALA B 349 -21.22 -15.26 -1.77
N ALA B 350 -20.94 -15.16 -0.49
CA ALA B 350 -21.88 -15.62 0.51
C ALA B 350 -23.16 -14.79 0.41
N THR B 351 -23.04 -13.46 0.37
CA THR B 351 -24.24 -12.59 0.29
C THR B 351 -25.06 -12.89 -0.97
N SER B 352 -24.40 -13.05 -2.10
CA SER B 352 -25.13 -13.28 -3.34
C SER B 352 -25.89 -14.59 -3.24
N SER B 353 -25.23 -15.64 -2.72
CA SER B 353 -25.87 -16.95 -2.63
C SER B 353 -27.08 -16.91 -1.71
N ILE B 354 -26.95 -16.20 -0.60
CA ILE B 354 -28.02 -16.07 0.32
C ILE B 354 -29.22 -15.36 -0.32
N ILE B 355 -28.99 -14.24 -1.01
CA ILE B 355 -30.09 -13.50 -1.65
C ILE B 355 -30.79 -14.40 -2.66
N ASN B 356 -30.00 -15.15 -3.42
CA ASN B 356 -30.55 -16.11 -4.36
C ASN B 356 -31.49 -17.05 -3.64
N ALA B 357 -31.03 -17.58 -2.51
CA ALA B 357 -31.83 -18.52 -1.76
C ALA B 357 -33.11 -17.86 -1.24
N GLU B 358 -33.01 -16.62 -0.78
CA GLU B 358 -34.18 -15.92 -0.25
C GLU B 358 -35.21 -15.85 -1.36
N ILE B 359 -34.78 -15.54 -2.58
CA ILE B 359 -35.71 -15.47 -3.73
C ILE B 359 -36.36 -16.82 -4.01
N ALA B 360 -35.59 -17.90 -3.93
CA ALA B 360 -36.15 -19.22 -4.11
C ALA B 360 -37.17 -19.58 -3.01
N VAL B 361 -36.94 -19.11 -1.79
CA VAL B 361 -37.93 -19.25 -0.74
C VAL B 361 -39.22 -18.55 -1.17
N GLU B 362 -39.16 -17.29 -1.63
CA GLU B 362 -40.37 -16.63 -2.08
C GLU B 362 -41.08 -17.34 -3.23
N LYS B 363 -40.36 -18.02 -4.09
CA LYS B 363 -41.01 -18.72 -5.21
C LYS B 363 -41.45 -20.14 -4.85
N GLY B 364 -41.26 -20.57 -3.61
CA GLY B 364 -41.66 -21.92 -3.23
C GLY B 364 -40.73 -23.01 -3.73
N LEU B 365 -39.50 -22.67 -4.09
CA LEU B 365 -38.53 -23.69 -4.47
C LEU B 365 -37.80 -24.26 -3.26
N ILE B 366 -38.06 -23.68 -2.07
CA ILE B 366 -37.53 -24.16 -0.80
C ILE B 366 -38.65 -24.15 0.25
N GLN B 367 -38.66 -25.11 1.19
CA GLN B 367 -39.73 -25.19 2.25
C GLN B 367 -39.65 -24.10 3.32
N ARG C 6 -28.98 22.77 26.74
CA ARG C 6 -30.24 22.37 26.00
C ARG C 6 -30.77 23.44 25.06
N PRO C 7 -30.94 24.68 25.54
CA PRO C 7 -31.20 25.67 24.48
C PRO C 7 -29.98 25.72 23.52
N GLN C 8 -30.22 26.00 22.25
CA GLN C 8 -29.17 26.01 21.28
C GLN C 8 -28.09 26.99 21.67
N ILE C 9 -26.86 26.68 21.28
CA ILE C 9 -25.68 27.55 21.48
C ILE C 9 -25.02 27.78 20.14
N LYS C 10 -24.97 29.03 19.73
CA LYS C 10 -24.42 29.35 18.43
C LYS C 10 -22.91 29.15 18.48
N VAL C 11 -22.36 28.51 17.44
CA VAL C 11 -20.94 28.28 17.38
C VAL C 11 -20.30 28.66 16.07
N GLY C 12 -19.00 28.94 16.16
CA GLY C 12 -18.18 29.26 15.01
C GLY C 12 -17.19 28.15 14.68
N VAL C 13 -16.82 28.07 13.41
CA VAL C 13 -15.76 27.18 12.93
C VAL C 13 -14.76 27.95 12.07
N LEU C 14 -13.54 28.07 12.55
CA LEU C 14 -12.45 28.68 11.80
C LEU C 14 -11.71 27.57 11.06
N GLY C 15 -11.31 27.84 9.82
CA GLY C 15 -10.67 26.83 8.97
C GLY C 15 -11.71 25.85 8.45
N ALA C 16 -12.87 26.39 8.07
CA ALA C 16 -14.03 25.58 7.79
C ALA C 16 -13.93 24.77 6.53
N THR C 17 -13.10 25.19 5.58
CA THR C 17 -12.98 24.47 4.32
C THR C 17 -11.91 23.40 4.41
N GLY C 18 -11.03 23.51 5.42
CA GLY C 18 -10.00 22.47 5.69
C GLY C 18 -10.60 21.20 6.25
N THR C 19 -9.83 20.12 6.31
CA THR C 19 -10.42 18.81 6.61
C THR C 19 -10.95 18.72 8.02
N VAL C 20 -10.19 19.26 8.96
CA VAL C 20 -10.65 19.34 10.33
C VAL C 20 -11.93 20.16 10.41
N GLY C 21 -11.96 21.28 9.70
CA GLY C 21 -13.16 22.13 9.65
C GLY C 21 -14.40 21.41 9.14
N GLN C 22 -14.19 20.59 8.11
CA GLN C 22 -15.27 19.78 7.53
C GLN C 22 -15.85 18.83 8.55
N ARG C 23 -14.98 18.23 9.35
CA ARG C 23 -15.46 17.30 10.34
C ARG C 23 -16.24 18.06 11.43
N PHE C 24 -15.72 19.19 11.87
CA PHE C 24 -16.42 20.01 12.84
C PHE C 24 -17.84 20.27 12.32
N ILE C 25 -17.93 20.62 11.04
CA ILE C 25 -19.22 20.93 10.44
C ILE C 25 -20.16 19.73 10.39
N GLU C 26 -19.66 18.59 9.95
CA GLU C 26 -20.43 17.36 10.01
C GLU C 26 -20.99 17.08 11.41
N LEU C 27 -20.15 17.15 12.43
CA LEU C 27 -20.55 16.76 13.78
C LEU C 27 -21.46 17.80 14.38
N LEU C 28 -21.22 19.07 14.08
CA LEU C 28 -22.02 20.10 14.72
C LEU C 28 -23.39 20.22 14.09
N ALA C 29 -23.52 19.91 12.81
CA ALA C 29 -24.84 19.86 12.19
C ALA C 29 -25.74 18.84 12.90
N ALA C 30 -25.16 17.71 13.30
CA ALA C 30 -25.91 16.63 13.97
C ALA C 30 -26.06 16.81 15.47
N HIS C 31 -25.49 17.86 16.01
CA HIS C 31 -25.35 17.97 17.45
C HIS C 31 -26.67 18.46 18.15
N PRO C 32 -26.97 17.92 19.34
CA PRO C 32 -28.26 18.25 19.96
C PRO C 32 -28.43 19.67 20.44
N TYR C 33 -27.36 20.42 20.67
CA TYR C 33 -27.50 21.85 21.02
C TYR C 33 -26.57 22.89 20.40
N PHE C 34 -25.40 22.51 19.91
CA PHE C 34 -24.49 23.43 19.29
C PHE C 34 -25.02 23.67 17.89
N ALA C 35 -25.16 24.93 17.50
CA ALA C 35 -25.72 25.29 16.19
C ALA C 35 -24.73 26.08 15.37
N LEU C 36 -24.39 25.52 14.23
CA LEU C 36 -23.48 26.22 13.33
C LEU C 36 -24.02 27.61 12.98
N HIS C 37 -23.25 28.63 13.31
CA HIS C 37 -23.67 30.00 13.08
C HIS C 37 -22.69 30.86 12.27
N ALA C 38 -21.39 30.62 12.39
CA ALA C 38 -20.38 31.43 11.69
C ALA C 38 -19.21 30.59 11.22
N LEU C 39 -18.98 30.59 9.91
CA LEU C 39 -17.86 29.89 9.31
C LEU C 39 -16.77 30.86 8.85
N GLY C 40 -15.53 30.54 9.17
CA GLY C 40 -14.39 31.33 8.70
C GLY C 40 -13.46 30.53 7.79
N ALA C 41 -13.05 31.13 6.68
CA ALA C 41 -12.08 30.52 5.79
C ALA C 41 -11.18 31.62 5.24
N SER C 42 -10.52 31.39 4.11
CA SER C 42 -9.55 32.37 3.59
C SER C 42 -10.24 33.61 3.02
N SER C 43 -9.43 34.63 2.80
CA SER C 43 -9.85 35.83 2.06
C SER C 43 -10.29 35.52 0.64
N ARG C 44 -9.69 34.47 0.06
CA ARG C 44 -10.08 33.99 -1.24
C ARG C 44 -11.49 33.34 -1.25
N SER C 45 -11.92 32.72 -0.17
CA SER C 45 -13.28 32.13 -0.17
C SER C 45 -14.38 33.02 0.43
N ALA C 46 -14.00 34.06 1.18
CA ALA C 46 -14.98 34.89 1.88
C ALA C 46 -16.06 35.40 0.96
N GLY C 47 -17.29 35.41 1.45
CA GLY C 47 -18.44 35.88 0.68
C GLY C 47 -19.13 34.81 -0.14
N GLN C 48 -18.49 33.68 -0.36
CA GLN C 48 -19.10 32.61 -1.15
C GLN C 48 -19.78 31.64 -0.25
N GLN C 49 -20.68 30.86 -0.81
CA GLN C 49 -21.37 29.82 -0.05
C GLN C 49 -20.48 28.59 0.13
N TYR C 50 -20.59 27.98 1.30
CA TYR C 50 -19.71 26.87 1.71
C TYR C 50 -19.67 25.80 0.62
N ALA C 51 -20.85 25.41 0.17
CA ALA C 51 -20.97 24.35 -0.82
C ALA C 51 -20.16 24.61 -2.09
N ARG C 52 -20.03 25.87 -2.52
CA ARG C 52 -19.30 26.19 -3.75
C ARG C 52 -17.79 26.34 -3.59
N VAL C 53 -17.30 26.56 -2.37
CA VAL C 53 -15.87 26.72 -2.20
C VAL C 53 -15.17 25.47 -1.66
N VAL C 54 -15.89 24.65 -0.93
CA VAL C 54 -15.23 23.53 -0.25
C VAL C 54 -14.96 22.38 -1.21
N ARG C 55 -13.79 21.76 -1.08
CA ARG C 55 -13.50 20.48 -1.74
C ARG C 55 -13.83 19.42 -0.72
N TRP C 56 -15.10 19.06 -0.62
CA TRP C 56 -15.59 18.16 0.45
C TRP C 56 -15.02 16.75 0.37
N LYS C 57 -14.11 16.42 1.29
CA LYS C 57 -13.38 15.16 1.27
C LYS C 57 -13.91 14.13 2.26
N LEU C 58 -15.19 14.18 2.60
CA LEU C 58 -15.75 13.23 3.55
C LEU C 58 -16.77 12.27 2.92
N PRO C 59 -16.82 11.00 3.41
CA PRO C 59 -17.68 9.95 2.84
C PRO C 59 -19.11 10.40 2.62
N SER C 60 -19.73 10.97 3.65
CA SER C 60 -21.13 11.37 3.58
C SER C 60 -21.23 12.79 2.98
N PRO C 61 -22.44 13.21 2.58
CA PRO C 61 -22.54 14.48 1.86
C PRO C 61 -22.61 15.70 2.78
N ILE C 62 -22.47 16.88 2.19
CA ILE C 62 -22.52 18.14 2.91
C ILE C 62 -23.90 18.24 3.53
N PRO C 63 -24.00 18.53 4.84
CA PRO C 63 -25.32 18.73 5.47
C PRO C 63 -26.15 19.90 4.93
N ASP C 64 -27.46 19.85 5.14
CA ASP C 64 -28.38 20.88 4.62
C ASP C 64 -28.18 22.22 5.30
N ALA C 65 -28.11 22.19 6.63
CA ALA C 65 -27.95 23.41 7.42
C ALA C 65 -26.86 24.35 6.88
N VAL C 66 -25.81 23.79 6.26
CA VAL C 66 -24.64 24.60 5.85
C VAL C 66 -24.45 24.81 4.36
N ARG C 67 -25.15 24.06 3.51
CA ARG C 67 -24.92 24.16 2.05
C ARG C 67 -24.90 25.62 1.59
N HIS C 68 -25.86 26.40 2.08
CA HIS C 68 -26.04 27.81 1.67
C HIS C 68 -25.52 28.84 2.69
N MET C 69 -24.79 28.42 3.71
CA MET C 69 -24.14 29.34 4.63
C MET C 69 -22.98 30.00 3.92
N VAL C 70 -22.76 31.27 4.24
CA VAL C 70 -21.70 32.06 3.59
C VAL C 70 -20.46 32.15 4.51
N VAL C 71 -19.31 31.78 3.95
CA VAL C 71 -18.05 31.82 4.71
C VAL C 71 -17.57 33.27 4.78
N HIS C 72 -16.93 33.63 5.88
CA HIS C 72 -16.44 34.98 6.09
C HIS C 72 -14.94 34.96 6.38
N GLU C 73 -14.38 36.15 6.56
CA GLU C 73 -13.01 36.27 6.95
C GLU C 73 -12.85 35.76 8.38
N CYS C 74 -11.64 35.32 8.73
CA CYS C 74 -11.36 34.80 10.08
C CYS C 74 -10.99 35.97 11.00
N ARG C 75 -11.97 36.79 11.34
CA ARG C 75 -11.80 37.78 12.45
C ARG C 75 -13.02 37.82 13.34
N PRO C 76 -12.83 38.20 14.60
CA PRO C 76 -13.92 38.18 15.58
C PRO C 76 -15.11 39.15 15.30
N ASP C 77 -14.86 40.18 14.50
CA ASP C 77 -15.91 41.13 14.14
C ASP C 77 -16.49 40.84 12.74
N ALA C 78 -16.22 39.66 12.17
CA ALA C 78 -16.90 39.30 10.93
C ALA C 78 -18.30 38.81 11.30
N PRO C 79 -19.20 38.72 10.30
CA PRO C 79 -20.60 38.45 10.61
C PRO C 79 -20.84 37.13 11.33
N GLY C 80 -21.53 37.23 12.46
CA GLY C 80 -21.94 36.07 13.22
C GLY C 80 -21.06 35.77 14.44
N PHE C 81 -19.79 36.15 14.36
CA PHE C 81 -18.81 35.64 15.30
C PHE C 81 -19.03 36.21 16.67
N ALA C 82 -19.35 37.51 16.76
CA ALA C 82 -19.60 38.14 18.06
C ALA C 82 -20.71 37.47 18.89
N GLU C 83 -21.63 36.76 18.22
CA GLU C 83 -22.74 36.07 18.92
C GLU C 83 -22.44 34.61 19.24
N CYS C 84 -21.32 34.07 18.76
CA CYS C 84 -20.97 32.67 19.03
C CYS C 84 -20.54 32.46 20.47
N GLY C 85 -21.09 31.43 21.10
CA GLY C 85 -20.78 31.11 22.49
C GLY C 85 -19.49 30.32 22.62
N VAL C 86 -19.12 29.64 21.54
CA VAL C 86 -17.83 29.00 21.40
C VAL C 86 -17.42 29.01 19.92
N VAL C 87 -16.13 29.26 19.67
CA VAL C 87 -15.54 29.19 18.33
C VAL C 87 -14.50 28.08 18.28
N PHE C 88 -14.76 27.10 17.40
CA PHE C 88 -13.90 25.96 17.21
C PHE C 88 -12.87 26.27 16.12
N SER C 89 -11.61 25.95 16.37
CA SER C 89 -10.56 26.25 15.41
C SER C 89 -9.90 24.99 14.84
N GLY C 90 -10.02 24.82 13.53
CA GLY C 90 -9.25 23.81 12.82
C GLY C 90 -8.19 24.47 11.94
N LEU C 91 -7.47 25.44 12.48
CA LEU C 91 -6.47 26.18 11.73
C LEU C 91 -5.10 25.56 11.90
N ASP C 92 -4.26 25.71 10.85
CA ASP C 92 -2.85 25.29 10.90
C ASP C 92 -2.02 26.30 11.66
N ALA C 93 -0.94 25.82 12.29
CA ALA C 93 -0.19 26.64 13.26
C ALA C 93 0.39 27.90 12.62
N ASP C 94 0.68 27.84 11.32
CA ASP C 94 1.26 29.00 10.63
C ASP C 94 0.44 30.28 10.82
N VAL C 95 -0.88 30.16 10.85
CA VAL C 95 -1.76 31.34 10.97
C VAL C 95 -2.57 31.42 12.28
N ALA C 96 -2.66 30.29 12.99
CA ALA C 96 -3.60 30.13 14.09
C ALA C 96 -3.33 31.00 15.28
N GLY C 97 -2.06 31.29 15.55
CA GLY C 97 -1.67 32.06 16.75
C GLY C 97 -2.29 33.45 16.86
N ASP C 98 -2.06 34.29 15.84
CA ASP C 98 -2.55 35.66 15.87
C ASP C 98 -4.06 35.71 15.85
N ILE C 99 -4.65 34.84 15.01
CA ILE C 99 -6.10 34.78 14.85
C ILE C 99 -6.82 34.31 16.12
N GLU C 100 -6.35 33.21 16.71
CA GLU C 100 -6.95 32.72 17.92
C GLU C 100 -6.82 33.74 19.02
N ASN C 101 -5.68 34.42 19.07
CA ASN C 101 -5.49 35.46 20.07
C ASN C 101 -6.43 36.64 19.85
N ALA C 102 -6.66 36.98 18.59
CA ALA C 102 -7.59 38.08 18.27
C ALA C 102 -9.03 37.75 18.73
N PHE C 103 -9.46 36.52 18.46
CA PHE C 103 -10.76 36.09 18.95
C PHE C 103 -10.86 36.16 20.47
N ARG C 104 -9.87 35.64 21.18
CA ARG C 104 -9.90 35.68 22.64
C ARG C 104 -9.90 37.13 23.13
N ALA C 105 -9.07 38.00 22.53
CA ALA C 105 -8.98 39.44 22.89
C ALA C 105 -10.29 40.18 22.73
N ALA C 106 -11.09 39.75 21.73
CA ALA C 106 -12.46 40.26 21.53
C ALA C 106 -13.49 39.53 22.40
N ASP C 107 -13.02 38.92 23.48
CA ASP C 107 -13.89 38.33 24.48
C ASP C 107 -14.72 37.13 23.98
N LEU C 108 -14.16 36.37 23.04
CA LEU C 108 -14.75 35.11 22.61
C LEU C 108 -13.99 33.86 23.10
N VAL C 109 -14.73 32.76 23.19
CA VAL C 109 -14.22 31.49 23.68
C VAL C 109 -13.69 30.62 22.52
N VAL C 110 -12.44 30.18 22.61
CA VAL C 110 -11.77 29.48 21.51
C VAL C 110 -11.24 28.11 21.91
N TYR C 111 -11.70 27.07 21.21
CA TYR C 111 -11.25 25.69 21.39
C TYR C 111 -10.36 25.38 20.23
N SER C 112 -9.06 25.35 20.48
CA SER C 112 -8.05 25.28 19.41
C SER C 112 -7.39 23.89 19.27
N ASN C 113 -6.95 23.59 18.05
CA ASN C 113 -6.17 22.42 17.77
C ASN C 113 -4.80 22.72 17.31
N ALA C 114 -4.39 23.97 17.39
CA ALA C 114 -3.05 24.32 16.99
C ALA C 114 -2.12 24.15 18.17
N LYS C 115 -0.83 24.18 17.90
CA LYS C 115 0.20 24.02 18.93
C LYS C 115 0.47 25.31 19.72
N ASN C 116 0.04 26.42 19.15
CA ASN C 116 0.53 27.71 19.63
C ASN C 116 0.37 27.95 21.16
N TYR C 117 -0.79 27.56 21.73
CA TYR C 117 -1.14 27.86 23.13
C TYR C 117 -1.04 26.67 24.11
N ARG C 118 -0.54 25.54 23.64
CA ARG C 118 -0.50 24.32 24.44
C ARG C 118 0.35 24.37 25.68
N ARG C 119 1.45 25.09 25.59
CA ARG C 119 2.34 25.23 26.73
C ARG C 119 2.12 26.55 27.48
N ASP C 120 1.17 27.37 27.03
CA ASP C 120 0.91 28.62 27.69
C ASP C 120 0.49 28.29 29.14
N PRO C 121 1.12 28.94 30.10
CA PRO C 121 0.80 28.59 31.50
C PRO C 121 -0.63 28.90 32.04
N LEU C 122 -1.46 29.60 31.27
CA LEU C 122 -2.84 29.86 31.68
C LEU C 122 -3.87 29.07 30.85
N CYS C 123 -3.41 28.34 29.84
CA CYS C 123 -4.30 27.70 28.91
C CYS C 123 -4.27 26.22 29.09
N PRO C 124 -5.40 25.62 29.46
CA PRO C 124 -5.44 24.19 29.66
C PRO C 124 -5.23 23.45 28.36
N LEU C 125 -4.59 22.28 28.45
CA LEU C 125 -4.38 21.39 27.32
C LEU C 125 -5.10 20.12 27.69
N ILE C 126 -6.28 19.93 27.11
CA ILE C 126 -7.19 18.95 27.62
C ILE C 126 -7.45 17.80 26.66
N VAL C 127 -7.25 16.58 27.17
CA VAL C 127 -7.74 15.40 26.54
C VAL C 127 -9.04 15.10 27.26
N PRO C 128 -10.17 15.18 26.56
CA PRO C 128 -11.46 15.17 27.25
C PRO C 128 -11.71 13.94 28.10
N LEU C 129 -11.11 12.81 27.75
CA LEU C 129 -11.28 11.58 28.56
C LEU C 129 -10.28 11.45 29.68
N VAL C 130 -9.55 12.53 29.97
CA VAL C 130 -8.52 12.47 31.00
C VAL C 130 -8.58 13.63 32.00
N ASN C 131 -8.47 14.88 31.54
CA ASN C 131 -8.19 15.99 32.42
C ASN C 131 -9.07 17.25 32.26
N PRO C 132 -10.38 17.07 32.05
CA PRO C 132 -11.26 18.23 31.96
C PRO C 132 -11.28 19.05 33.27
N SER C 133 -10.90 18.44 34.39
CA SER C 133 -10.76 19.21 35.64
C SER C 133 -9.86 20.42 35.47
N HIS C 134 -9.02 20.42 34.45
CA HIS C 134 -8.13 21.57 34.27
C HIS C 134 -8.83 22.83 33.84
N LEU C 135 -10.09 22.71 33.49
CA LEU C 135 -10.94 23.91 33.33
C LEU C 135 -10.96 24.84 34.59
N SER C 136 -10.59 24.30 35.75
CA SER C 136 -10.55 25.11 36.97
C SER C 136 -9.65 26.35 36.88
N ILE C 137 -8.69 26.37 35.97
CA ILE C 137 -7.83 27.52 35.82
C ILE C 137 -8.41 28.64 34.95
N ILE C 138 -9.56 28.43 34.35
CA ILE C 138 -10.11 29.40 33.39
C ILE C 138 -10.43 30.79 33.99
N PRO C 139 -11.08 30.83 35.17
CA PRO C 139 -11.33 32.15 35.80
C PRO C 139 -10.07 32.97 35.97
N TYR C 140 -8.99 32.32 36.41
CA TYR C 140 -7.69 32.99 36.49
C TYR C 140 -7.17 33.46 35.12
N GLN C 141 -7.39 32.67 34.06
CA GLN C 141 -6.93 33.08 32.74
C GLN C 141 -7.65 34.36 32.32
N ARG C 142 -8.98 34.38 32.51
CA ARG C 142 -9.79 35.55 32.22
C ARG C 142 -9.32 36.77 33.00
N GLU C 143 -9.20 36.60 34.30
CA GLU C 143 -8.80 37.68 35.15
C GLU C 143 -7.48 38.25 34.64
N GLN C 144 -6.51 37.40 34.36
CA GLN C 144 -5.20 37.90 33.94
C GLN C 144 -5.19 38.63 32.62
N LEU C 145 -6.20 38.41 31.80
CA LEU C 145 -6.28 39.10 30.50
C LEU C 145 -7.28 40.24 30.49
N GLY C 146 -7.89 40.50 31.63
CA GLY C 146 -8.92 41.52 31.72
C GLY C 146 -10.12 41.14 30.90
N LEU C 147 -10.48 39.86 30.92
CA LEU C 147 -11.62 39.39 30.13
C LEU C 147 -12.68 38.84 31.04
N LYS C 148 -13.93 38.97 30.62
CA LYS C 148 -15.06 38.52 31.41
C LYS C 148 -15.57 37.20 30.87
N LYS C 149 -15.51 37.02 29.56
CA LYS C 149 -16.05 35.84 28.93
C LYS C 149 -14.99 34.97 28.20
N GLY C 150 -14.06 35.60 27.49
CA GLY C 150 -13.18 34.89 26.57
C GLY C 150 -12.04 34.11 27.20
N TYR C 151 -11.65 33.05 26.51
CA TYR C 151 -10.50 32.24 26.90
C TYR C 151 -10.11 31.27 25.79
N ILE C 152 -8.92 30.68 25.94
CA ILE C 152 -8.45 29.62 25.05
C ILE C 152 -8.20 28.29 25.80
N VAL C 153 -8.70 27.20 25.20
CA VAL C 153 -8.37 25.86 25.60
C VAL C 153 -7.83 25.14 24.36
N THR C 154 -6.75 24.38 24.52
CA THR C 154 -6.25 23.62 23.44
C THR C 154 -6.57 22.17 23.64
N ASN C 155 -6.96 21.55 22.56
CA ASN C 155 -7.16 20.13 22.44
C ASN C 155 -5.80 19.46 22.11
N ALA C 156 -5.47 18.30 22.66
CA ALA C 156 -4.22 17.59 22.25
C ALA C 156 -4.41 16.82 20.95
N ASN C 157 -3.29 16.52 20.28
CA ASN C 157 -3.32 15.76 19.03
C ASN C 157 -3.66 14.28 19.27
N CYS C 158 -3.83 13.55 18.18
CA CYS C 158 -4.33 12.20 18.30
C CYS C 158 -3.26 11.25 18.90
N SER C 159 -1.98 11.38 18.56
CA SER C 159 -0.98 10.41 18.99
C SER C 159 -0.78 10.55 20.48
N THR C 160 -0.73 11.78 20.94
CA THR C 160 -0.65 12.06 22.37
C THR C 160 -1.86 11.46 23.07
N THR C 161 -3.03 11.68 22.50
CA THR C 161 -4.25 11.19 23.12
C THR C 161 -4.23 9.67 23.21
N GLY C 162 -3.84 9.01 22.14
CA GLY C 162 -3.84 7.55 22.14
C GLY C 162 -2.94 6.93 23.22
N ILE C 163 -1.92 7.66 23.63
CA ILE C 163 -1.05 7.24 24.69
C ILE C 163 -1.54 7.63 26.08
N VAL C 164 -1.89 8.89 26.28
CA VAL C 164 -2.19 9.35 27.64
C VAL C 164 -3.51 8.78 28.22
N VAL C 165 -4.45 8.35 27.36
CA VAL C 165 -5.68 7.78 27.87
C VAL C 165 -5.37 6.51 28.61
N PRO C 166 -4.67 5.57 27.98
CA PRO C 166 -4.24 4.42 28.79
C PRO C 166 -3.40 4.78 30.01
N LEU C 167 -2.49 5.74 29.87
CA LEU C 167 -1.68 6.13 31.03
C LEU C 167 -2.53 6.61 32.20
N ALA C 168 -3.59 7.35 31.87
CA ALA C 168 -4.45 7.93 32.88
C ALA C 168 -5.17 6.85 33.64
N ALA C 169 -5.56 5.81 32.92
CA ALA C 169 -6.26 4.68 33.53
C ALA C 169 -5.35 3.96 34.49
N LEU C 170 -4.07 3.89 34.12
CA LEU C 170 -3.07 3.29 34.98
C LEU C 170 -2.84 4.11 36.21
N GLU C 171 -2.75 5.43 36.06
CA GLU C 171 -2.53 6.28 37.22
C GLU C 171 -3.72 6.25 38.19
N LYS C 172 -4.93 6.32 37.64
CA LYS C 172 -6.12 6.27 38.49
C LYS C 172 -6.16 4.99 39.30
N ALA C 173 -5.76 3.88 38.69
CA ALA C 173 -5.84 2.60 39.39
C ALA C 173 -4.64 2.28 40.26
N PHE C 174 -3.44 2.67 39.84
CA PHE C 174 -2.20 2.24 40.52
C PHE C 174 -1.27 3.35 40.96
N GLY C 175 -1.71 4.60 40.88
CA GLY C 175 -0.89 5.71 41.34
C GLY C 175 0.09 6.17 40.29
N PRO C 176 0.94 7.16 40.63
CA PRO C 176 1.73 7.81 39.60
C PRO C 176 2.75 6.92 38.90
N LEU C 177 3.03 7.29 37.65
CA LEU C 177 4.00 6.59 36.85
C LEU C 177 5.37 7.23 37.00
N ASP C 178 6.38 6.38 36.96
CA ASP C 178 7.78 6.76 37.07
C ASP C 178 8.35 7.01 35.65
N THR C 179 8.27 5.99 34.80
CA THR C 179 8.93 5.94 33.52
C THR C 179 8.03 5.36 32.43
N VAL C 180 8.06 5.99 31.26
CA VAL C 180 7.34 5.53 30.09
C VAL C 180 8.20 5.59 28.83
N ILE C 181 8.25 4.49 28.09
CA ILE C 181 8.90 4.45 26.79
C ILE C 181 7.88 4.07 25.76
N VAL C 182 7.87 4.81 24.68
CA VAL C 182 6.87 4.55 23.66
C VAL C 182 7.43 4.68 22.25
N THR C 183 7.10 3.74 21.39
CA THR C 183 7.34 3.89 19.96
C THR C 183 5.98 3.98 19.26
N THR C 184 5.77 4.98 18.43
CA THR C 184 4.52 5.05 17.70
C THR C 184 4.68 4.65 16.25
N LEU C 185 3.57 4.12 15.71
CA LEU C 185 3.42 3.85 14.29
C LEU C 185 2.17 4.59 13.84
N GLN C 186 2.37 5.79 13.28
CA GLN C 186 1.29 6.72 13.03
C GLN C 186 0.86 6.66 11.56
N ALA C 187 -0.43 6.59 11.40
CA ALA C 187 -1.11 6.60 10.13
C ALA C 187 -0.97 7.96 9.47
N ILE C 188 -1.34 8.04 8.21
CA ILE C 188 -1.17 9.27 7.44
C ILE C 188 -2.29 10.28 7.62
N SER C 189 -3.50 9.86 8.00
CA SER C 189 -4.57 10.79 8.42
C SER C 189 -4.12 11.91 9.37
N GLY C 190 -3.18 11.61 10.25
CA GLY C 190 -2.40 12.65 10.96
C GLY C 190 -2.20 14.07 10.38
N ALA C 191 -1.62 14.19 9.19
CA ALA C 191 -1.21 15.48 8.56
C ALA C 191 -0.37 16.34 9.50
N GLY C 195 -0.33 17.30 3.05
CA GLY C 195 0.03 16.29 4.06
C GLY C 195 1.27 15.46 3.72
N VAL C 196 1.17 14.14 3.87
CA VAL C 196 2.20 13.20 3.49
C VAL C 196 2.04 12.78 2.03
N SER C 197 3.09 12.94 1.25
CA SER C 197 3.03 12.58 -0.17
C SER C 197 3.21 11.08 -0.34
N SER C 198 2.58 10.54 -1.37
CA SER C 198 2.61 9.10 -1.52
C SER C 198 4.02 8.65 -1.78
N LEU C 199 4.80 9.46 -2.48
CA LEU C 199 6.21 9.15 -2.68
C LEU C 199 7.00 8.99 -1.41
N ASP C 200 6.69 9.75 -0.38
CA ASP C 200 7.47 9.71 0.86
C ASP C 200 7.24 8.44 1.62
N ILE C 201 6.03 7.89 1.53
CA ILE C 201 5.58 6.87 2.47
C ILE C 201 5.27 5.51 1.87
N MET C 202 4.94 5.40 0.58
CA MET C 202 4.56 4.08 0.06
C MET C 202 5.69 3.09 0.19
N ASP C 203 5.39 1.85 0.63
CA ASP C 203 6.38 0.79 0.72
C ASP C 203 7.57 1.23 1.59
N ASN C 204 7.29 1.99 2.65
CA ASN C 204 8.33 2.65 3.40
C ASN C 204 7.93 2.97 4.84
N VAL C 205 8.92 3.42 5.60
CA VAL C 205 8.70 3.92 6.94
C VAL C 205 9.50 5.21 7.05
N VAL C 206 8.91 6.28 7.61
CA VAL C 206 9.62 7.50 7.84
C VAL C 206 9.79 7.64 9.32
N PRO C 207 11.03 7.60 9.82
CA PRO C 207 11.21 7.49 11.25
C PRO C 207 11.31 8.83 11.96
N LEU C 208 10.78 9.89 11.36
CA LEU C 208 10.79 11.20 12.01
C LEU C 208 9.49 11.84 11.68
N ILE C 209 8.86 12.40 12.70
CA ILE C 209 7.74 13.28 12.51
C ILE C 209 8.07 14.51 13.34
N SER C 210 8.36 15.62 12.68
CA SER C 210 9.07 16.66 13.39
C SER C 210 8.16 17.27 14.47
N GLY C 211 8.77 17.48 15.63
CA GLY C 211 8.04 17.96 16.79
C GLY C 211 7.22 16.95 17.59
N GLU C 212 7.08 15.73 17.10
CA GLU C 212 6.06 14.85 17.64
C GLU C 212 6.54 14.22 18.96
N GLU C 213 7.81 13.82 19.00
CA GLU C 213 8.38 13.22 20.19
C GLU C 213 8.38 14.23 21.32
N ASP C 214 8.82 15.42 20.98
CA ASP C 214 8.90 16.46 21.95
C ASP C 214 7.51 16.80 22.54
N LYS C 215 6.47 16.80 21.72
CA LYS C 215 5.10 16.97 22.19
C LYS C 215 4.71 15.90 23.17
N ILE C 216 4.84 14.63 22.79
CA ILE C 216 4.48 13.54 23.68
C ILE C 216 5.24 13.63 24.99
N GLU C 217 6.53 13.94 24.92
CA GLU C 217 7.40 13.96 26.10
C GLU C 217 7.01 15.07 27.07
N TRP C 218 6.64 16.23 26.55
CA TRP C 218 6.32 17.37 27.40
C TRP C 218 4.86 17.31 27.82
N GLU C 219 3.97 17.09 26.85
CA GLU C 219 2.53 17.24 27.08
C GLU C 219 1.96 16.21 28.04
N THR C 220 2.59 15.04 28.08
CA THR C 220 2.14 13.96 28.93
C THR C 220 2.07 14.39 30.39
N ASN C 221 3.07 15.15 30.83
CA ASN C 221 3.12 15.61 32.21
C ASN C 221 2.14 16.75 32.52
N LYS C 222 1.93 17.65 31.57
CA LYS C 222 0.88 18.63 31.70
C LYS C 222 -0.50 17.95 31.83
N ILE C 223 -0.81 17.02 30.93
CA ILE C 223 -2.13 16.40 30.85
C ILE C 223 -2.41 15.50 32.03
N LEU C 224 -1.40 14.75 32.48
CA LEU C 224 -1.63 13.80 33.57
C LEU C 224 -1.41 14.46 34.90
N GLY C 225 -0.81 15.65 34.89
CA GLY C 225 -0.67 16.44 36.10
C GLY C 225 -1.98 17.05 36.54
N GLY C 226 -1.85 17.97 37.49
CA GLY C 226 -2.97 18.71 38.06
C GLY C 226 -2.85 20.21 37.92
N VAL C 227 -3.85 20.88 38.47
CA VAL C 227 -3.85 22.31 38.67
C VAL C 227 -3.57 22.59 40.15
N THR C 228 -2.79 23.61 40.45
CA THR C 228 -2.45 23.90 41.84
C THR C 228 -3.72 24.23 42.67
N PRO C 229 -3.67 23.99 43.99
CA PRO C 229 -4.90 24.24 44.77
C PRO C 229 -5.48 25.66 44.62
N ASP C 230 -4.65 26.66 44.33
CA ASP C 230 -5.15 28.02 44.12
C ASP C 230 -5.81 28.25 42.78
N ASN C 231 -5.81 27.24 41.91
CA ASN C 231 -6.31 27.34 40.55
C ASN C 231 -5.66 28.40 39.69
N LYS C 232 -4.39 28.66 39.88
CA LYS C 232 -3.67 29.65 39.05
C LYS C 232 -2.55 29.06 38.19
N ALA C 233 -2.25 27.78 38.39
CA ALA C 233 -1.16 27.16 37.66
C ALA C 233 -1.31 25.65 37.44
N PHE C 234 -0.56 25.16 36.44
CA PHE C 234 -0.43 23.73 36.21
C PHE C 234 0.80 23.22 36.96
N ASP C 235 0.68 22.08 37.64
CA ASP C 235 1.86 21.53 38.38
C ASP C 235 2.77 20.66 37.49
N LEU C 236 2.29 20.35 36.28
CA LEU C 236 3.05 19.55 35.32
C LEU C 236 3.55 18.23 35.93
N HIS C 237 2.75 17.65 36.82
CA HIS C 237 3.04 16.36 37.47
C HIS C 237 4.32 16.42 38.32
N ALA C 238 4.74 17.63 38.66
CA ALA C 238 5.84 17.84 39.64
C ALA C 238 5.37 17.53 41.06
N PRO C 239 6.32 17.28 41.97
CA PRO C 239 7.78 17.29 41.79
C PRO C 239 8.26 16.05 41.06
N LYS C 240 7.53 14.94 41.16
CA LYS C 240 8.00 13.65 40.56
C LYS C 240 7.42 13.49 39.16
N GLN C 241 8.01 14.17 38.17
CA GLN C 241 7.50 14.13 36.82
C GLN C 241 7.76 12.74 36.20
N ILE C 242 6.85 12.35 35.32
CA ILE C 242 7.02 11.13 34.57
C ILE C 242 8.17 11.30 33.57
N ASN C 243 9.04 10.31 33.50
CA ASN C 243 10.10 10.28 32.50
C ASN C 243 9.61 9.58 31.25
N VAL C 244 9.49 10.35 30.17
CA VAL C 244 8.94 9.85 28.95
C VAL C 244 9.98 9.94 27.85
N SER C 245 10.17 8.86 27.11
CA SER C 245 11.03 8.85 25.94
C SER C 245 10.29 8.22 24.77
N ALA C 246 10.15 8.99 23.71
CA ALA C 246 9.36 8.55 22.56
C ALA C 246 10.20 8.50 21.26
N THR C 247 9.82 7.60 20.38
CA THR C 247 10.27 7.61 19.01
C THR C 247 8.99 7.50 18.22
N CYS C 248 8.83 8.37 17.25
CA CYS C 248 7.58 8.47 16.49
C CYS C 248 7.84 8.22 15.04
N THR C 249 7.07 7.32 14.44
CA THR C 249 7.30 6.97 13.06
C THR C 249 6.05 7.07 12.31
N ARG C 250 6.18 7.17 11.00
CA ARG C 250 5.03 7.18 10.09
C ARG C 250 5.04 5.93 9.23
N VAL C 251 3.87 5.33 9.02
CA VAL C 251 3.75 4.06 8.35
C VAL C 251 2.67 4.19 7.29
N PRO C 252 2.63 3.29 6.31
CA PRO C 252 1.74 3.49 5.18
C PRO C 252 0.37 2.91 5.46
N VAL C 253 -0.34 3.61 6.35
CA VAL C 253 -1.62 3.21 6.82
C VAL C 253 -2.47 4.48 6.80
N ILE C 254 -3.72 4.35 6.39
CA ILE C 254 -4.57 5.51 6.29
C ILE C 254 -5.04 6.02 7.66
N ASP C 255 -5.60 5.13 8.47
CA ASP C 255 -6.22 5.50 9.75
C ASP C 255 -5.78 4.57 10.84
N GLY C 256 -5.55 5.11 12.03
CA GLY C 256 -5.21 4.30 13.20
C GLY C 256 -3.78 4.54 13.64
N HIS C 257 -3.59 5.16 14.79
CA HIS C 257 -2.24 5.32 15.35
C HIS C 257 -1.99 4.25 16.37
N THR C 258 -0.94 3.48 16.16
CA THR C 258 -0.58 2.40 17.04
C THR C 258 0.57 2.81 17.91
N GLY C 259 0.50 2.47 19.18
CA GLY C 259 1.62 2.75 20.11
C GLY C 259 2.11 1.48 20.82
N CYS C 260 3.42 1.32 20.93
CA CYS C 260 4.03 0.24 21.68
C CYS C 260 4.64 0.83 22.95
N VAL C 261 4.05 0.53 24.11
CA VAL C 261 4.31 1.25 25.34
C VAL C 261 4.90 0.35 26.45
N SER C 262 5.96 0.81 27.11
CA SER C 262 6.46 0.14 28.32
C SER C 262 6.37 1.10 29.50
N VAL C 263 5.90 0.58 30.65
CA VAL C 263 5.60 1.41 31.81
C VAL C 263 6.22 0.86 33.08
N LYS C 264 6.84 1.77 33.83
CA LYS C 264 7.28 1.49 35.17
C LYS C 264 6.50 2.34 36.18
N PHE C 265 5.85 1.67 37.14
CA PHE C 265 5.08 2.36 38.16
C PHE C 265 5.96 2.90 39.28
N ALA C 266 5.55 4.01 39.90
CA ALA C 266 6.28 4.53 41.10
C ALA C 266 6.11 3.61 42.33
N ARG C 267 4.95 2.98 42.44
CA ARG C 267 4.65 2.16 43.59
C ARG C 267 4.97 0.71 43.36
N SER C 268 5.28 0.04 44.48
CA SER C 268 5.74 -1.33 44.51
C SER C 268 4.84 -2.11 45.44
N PRO C 269 4.51 -3.37 45.12
CA PRO C 269 4.89 -4.07 43.91
C PRO C 269 3.99 -3.61 42.76
N PRO C 270 4.41 -3.88 41.53
CA PRO C 270 3.57 -3.49 40.44
C PRO C 270 2.42 -4.47 40.27
N PRO C 271 1.37 -4.04 39.59
CA PRO C 271 0.22 -4.88 39.36
C PRO C 271 0.51 -6.04 38.40
N SER C 272 -0.29 -7.09 38.51
CA SER C 272 -0.26 -8.21 37.57
C SER C 272 -0.97 -7.80 36.25
N VAL C 273 -0.73 -8.61 35.24
CA VAL C 273 -1.41 -8.50 33.97
C VAL C 273 -2.92 -8.40 34.15
N ALA C 274 -3.50 -9.26 34.97
CA ALA C 274 -4.96 -9.29 35.12
C ALA C 274 -5.46 -7.98 35.76
N GLU C 275 -4.73 -7.49 36.74
CA GLU C 275 -5.09 -6.22 37.35
C GLU C 275 -5.05 -5.07 36.36
N VAL C 276 -4.11 -5.12 35.42
CA VAL C 276 -3.95 -4.06 34.46
C VAL C 276 -5.09 -4.13 33.46
N GLU C 277 -5.41 -5.33 33.01
CA GLU C 277 -6.54 -5.53 32.15
C GLU C 277 -7.80 -4.94 32.75
N ASN C 278 -8.01 -5.20 34.04
CA ASN C 278 -9.20 -4.65 34.69
C ASN C 278 -9.18 -3.18 34.79
N ALA C 279 -8.02 -2.61 35.09
CA ALA C 279 -7.92 -1.16 35.20
C ALA C 279 -8.32 -0.48 33.90
N PHE C 280 -7.91 -1.07 32.77
CA PHE C 280 -8.33 -0.57 31.48
C PHE C 280 -9.83 -0.76 31.24
N ARG C 281 -10.35 -1.97 31.43
CA ARG C 281 -11.80 -2.24 31.22
C ARG C 281 -12.71 -1.34 31.99
N GLU C 282 -12.33 -1.08 33.24
CA GLU C 282 -13.22 -0.41 34.19
C GLU C 282 -13.10 1.11 34.07
N TYR C 283 -12.06 1.62 33.43
CA TYR C 283 -11.79 3.06 33.45
C TYR C 283 -12.99 3.85 32.95
N THR C 284 -13.40 4.84 33.75
CA THR C 284 -14.45 5.75 33.36
C THR C 284 -14.02 7.12 33.86
N CYS C 285 -14.41 8.16 33.15
CA CYS C 285 -13.86 9.50 33.39
C CYS C 285 -14.95 10.54 33.60
N ASP C 286 -14.55 11.75 33.98
CA ASP C 286 -15.52 12.85 34.25
C ASP C 286 -16.54 13.05 33.12
N ALA C 287 -16.06 13.00 31.89
CA ALA C 287 -16.91 13.27 30.76
C ALA C 287 -18.03 12.25 30.65
N GLN C 288 -17.76 11.00 31.01
CA GLN C 288 -18.80 9.97 31.02
C GLN C 288 -19.74 10.15 32.21
N HIS C 289 -19.17 10.53 33.36
CA HIS C 289 -19.96 10.77 34.58
C HIS C 289 -20.92 11.93 34.39
N LEU C 290 -20.47 12.97 33.68
CA LEU C 290 -21.33 14.12 33.34
C LEU C 290 -22.33 13.79 32.24
N GLY C 291 -22.15 12.67 31.55
CA GLY C 291 -23.08 12.26 30.50
C GLY C 291 -23.12 13.19 29.32
N VAL C 292 -22.03 13.91 29.01
CA VAL C 292 -22.04 14.77 27.84
C VAL C 292 -22.35 13.94 26.61
N PRO C 293 -23.00 14.56 25.61
CA PRO C 293 -23.59 13.76 24.54
C PRO C 293 -22.58 13.04 23.65
N SER C 294 -21.39 13.63 23.47
CA SER C 294 -20.41 13.09 22.55
C SER C 294 -19.42 12.11 23.23
N ALA C 295 -19.56 11.90 24.53
CA ALA C 295 -18.69 10.99 25.24
C ALA C 295 -19.06 9.56 24.98
N PRO C 296 -18.07 8.67 24.95
CA PRO C 296 -18.39 7.30 24.59
C PRO C 296 -18.87 6.54 25.82
N ALA C 297 -19.62 5.49 25.56
CA ALA C 297 -20.08 4.61 26.63
C ALA C 297 -18.92 3.80 27.22
N GLN C 298 -17.95 3.43 26.38
CA GLN C 298 -16.80 2.65 26.80
C GLN C 298 -15.52 3.43 26.49
N ALA C 299 -14.71 3.72 27.49
CA ALA C 299 -13.54 4.57 27.27
C ALA C 299 -12.36 3.78 26.67
N ILE C 300 -12.11 2.59 27.17
CA ILE C 300 -11.02 1.76 26.66
C ILE C 300 -11.44 0.32 26.48
N VAL C 301 -11.18 -0.25 25.31
CA VAL C 301 -11.48 -1.62 25.03
C VAL C 301 -10.20 -2.42 25.19
N VAL C 302 -10.28 -3.55 25.88
CA VAL C 302 -9.16 -4.47 26.04
C VAL C 302 -9.40 -5.60 25.10
N HIS C 303 -8.40 -5.92 24.27
CA HIS C 303 -8.52 -7.01 23.31
C HIS C 303 -7.85 -8.20 23.93
N ASP C 304 -8.51 -9.36 23.83
CA ASP C 304 -7.94 -10.58 24.40
C ASP C 304 -7.08 -11.31 23.38
N ALA C 305 -7.30 -11.11 22.09
CA ALA C 305 -6.53 -11.86 21.11
C ALA C 305 -5.06 -11.43 21.16
N PRO C 306 -4.16 -12.41 21.08
CA PRO C 306 -2.76 -12.06 21.19
C PRO C 306 -2.21 -11.14 20.07
N ASP C 307 -2.88 -11.04 18.92
CA ASP C 307 -2.43 -10.20 17.79
C ASP C 307 -3.29 -8.92 17.56
N ARG C 308 -3.88 -8.39 18.62
CA ARG C 308 -4.76 -7.22 18.52
C ARG C 308 -4.40 -6.25 19.63
N PRO C 309 -4.70 -4.95 19.43
CA PRO C 309 -5.40 -4.33 18.30
C PRO C 309 -4.62 -4.14 17.02
N GLN C 310 -5.33 -3.99 15.94
CA GLN C 310 -4.75 -3.67 14.62
C GLN C 310 -5.56 -2.51 14.06
N PRO C 311 -4.88 -1.45 13.56
CA PRO C 311 -5.59 -0.28 13.09
C PRO C 311 -6.68 -0.53 12.06
N ARG C 312 -6.45 -1.43 11.12
CA ARG C 312 -7.43 -1.61 10.07
C ARG C 312 -8.60 -2.44 10.55
N LEU C 313 -8.36 -3.32 11.52
CA LEU C 313 -9.43 -4.16 11.99
C LEU C 313 -10.27 -3.51 13.08
N ASP C 314 -9.66 -2.69 13.95
CA ASP C 314 -10.27 -2.26 15.20
C ASP C 314 -10.66 -0.81 15.19
N LYS C 315 -11.12 -0.39 14.05
CA LYS C 315 -11.76 0.89 13.98
C LYS C 315 -13.27 0.66 14.08
N ASN C 316 -13.98 1.70 14.48
CA ASN C 316 -15.42 1.69 14.72
C ASN C 316 -15.89 0.60 15.66
N LEU C 317 -15.27 0.60 16.84
CA LEU C 317 -15.61 -0.36 17.89
C LEU C 317 -17.02 -0.10 18.44
N HIS C 318 -17.52 -1.09 19.17
CA HIS C 318 -18.79 -0.98 19.83
C HIS C 318 -18.72 -0.02 21.02
N ASN C 319 -19.88 0.52 21.36
CA ASN C 319 -20.06 1.40 22.53
C ASN C 319 -19.35 2.73 22.37
N GLY C 320 -19.12 3.11 21.11
CA GLY C 320 -18.47 4.36 20.76
C GLY C 320 -17.01 4.37 21.15
N ALA C 321 -16.44 3.20 21.45
CA ALA C 321 -15.09 3.13 22.02
C ALA C 321 -14.03 3.57 21.02
N CYS C 322 -13.06 4.31 21.52
CA CYS C 322 -12.12 5.06 20.66
C CYS C 322 -10.63 4.71 20.88
N VAL C 323 -10.31 4.20 22.07
CA VAL C 323 -8.98 3.75 22.39
C VAL C 323 -9.02 2.30 22.79
N SER C 324 -8.10 1.50 22.29
CA SER C 324 -8.03 0.15 22.73
C SER C 324 -6.60 -0.23 23.03
N VAL C 325 -6.43 -1.33 23.76
CA VAL C 325 -5.14 -1.85 24.11
C VAL C 325 -5.16 -3.35 24.06
N GLY C 326 -3.96 -3.94 24.02
CA GLY C 326 -3.82 -5.39 23.81
C GLY C 326 -2.40 -5.77 24.10
N ARG C 327 -2.13 -7.06 23.98
CA ARG C 327 -0.78 -7.59 24.27
C ARG C 327 -0.25 -7.11 25.59
N ILE C 328 -1.11 -7.13 26.61
CA ILE C 328 -0.66 -6.68 27.93
C ILE C 328 0.13 -7.78 28.58
N ARG C 329 1.37 -7.47 28.94
CA ARG C 329 2.28 -8.50 29.39
C ARG C 329 3.46 -7.94 30.16
N GLU C 330 4.18 -8.82 30.84
CA GLU C 330 5.29 -8.40 31.65
C GLU C 330 6.41 -7.93 30.78
N CYS C 331 7.11 -6.94 31.29
CA CYS C 331 8.28 -6.40 30.63
C CYS C 331 9.47 -6.82 31.48
N PRO C 332 10.44 -7.48 30.89
CA PRO C 332 11.64 -7.81 31.64
C PRO C 332 12.39 -6.61 32.23
N VAL C 333 12.16 -5.42 31.71
CA VAL C 333 12.89 -4.22 32.11
C VAL C 333 12.09 -3.31 33.03
N PHE C 334 10.86 -3.02 32.63
CA PHE C 334 10.01 -2.19 33.43
C PHE C 334 8.95 -3.13 34.04
N ASP C 335 7.72 -2.68 34.20
CA ASP C 335 6.75 -3.48 34.90
C ASP C 335 5.79 -4.12 33.93
N ILE C 336 5.24 -3.31 33.05
CA ILE C 336 4.25 -3.76 32.12
C ILE C 336 4.44 -3.11 30.75
N LYS C 337 4.20 -3.89 29.69
CA LYS C 337 4.18 -3.35 28.36
C LYS C 337 2.96 -3.76 27.59
N PHE C 338 2.61 -2.98 26.57
CA PHE C 338 1.36 -3.21 25.83
C PHE C 338 1.33 -2.45 24.52
N VAL C 339 0.28 -2.69 23.78
CA VAL C 339 0.06 -2.04 22.52
C VAL C 339 -1.25 -1.33 22.61
N CYS C 340 -1.30 -0.11 22.12
CA CYS C 340 -2.52 0.68 22.12
C CYS C 340 -2.82 1.23 20.74
N LEU C 341 -4.08 1.59 20.55
CA LEU C 341 -4.58 2.05 19.26
C LEU C 341 -5.59 3.13 19.48
N ILE C 342 -5.47 4.20 18.72
CA ILE C 342 -6.50 5.19 18.71
C ILE C 342 -7.03 5.33 17.31
N ASP C 343 -8.36 5.24 17.25
CA ASP C 343 -9.12 5.52 16.06
C ASP C 343 -9.15 7.04 15.87
N ASN C 344 -8.17 7.58 15.17
CA ASN C 344 -8.06 9.02 14.99
C ASN C 344 -9.14 9.63 14.07
N VAL C 345 -9.96 8.81 13.41
CA VAL C 345 -11.15 9.29 12.69
C VAL C 345 -12.33 9.55 13.65
N ARG C 346 -12.70 8.53 14.41
CA ARG C 346 -13.72 8.72 15.43
C ARG C 346 -13.29 9.70 16.54
N LEU C 347 -12.07 9.57 17.07
CA LEU C 347 -11.60 10.47 18.14
C LEU C 347 -10.52 11.39 17.59
N GLY C 348 -10.93 12.10 16.56
CA GLY C 348 -10.11 13.07 15.95
C GLY C 348 -10.19 14.36 16.69
N ALA C 349 -9.50 15.30 16.10
CA ALA C 349 -9.43 16.63 16.63
C ALA C 349 -10.82 17.28 16.84
N ALA C 350 -11.70 17.14 15.87
CA ALA C 350 -12.98 17.77 15.97
C ALA C 350 -13.77 17.16 17.12
N THR C 351 -13.83 15.83 17.16
CA THR C 351 -14.55 15.14 18.23
C THR C 351 -13.99 15.52 19.60
N SER C 352 -12.67 15.58 19.74
CA SER C 352 -12.11 15.88 21.05
C SER C 352 -12.47 17.28 21.47
N SER C 353 -12.36 18.23 20.54
CA SER C 353 -12.65 19.63 20.87
C SER C 353 -14.12 19.78 21.28
N ILE C 354 -15.02 19.10 20.58
CA ILE C 354 -16.41 19.19 20.86
C ILE C 354 -16.72 18.67 22.26
N ILE C 355 -16.14 17.51 22.61
CA ILE C 355 -16.39 16.91 23.90
C ILE C 355 -15.89 17.86 24.98
N ASN C 356 -14.73 18.47 24.75
CA ASN C 356 -14.21 19.46 25.67
C ASN C 356 -15.22 20.58 25.86
N ALA C 357 -15.76 21.09 24.76
CA ALA C 357 -16.74 22.16 24.82
C ALA C 357 -18.05 21.73 25.55
N GLU C 358 -18.51 20.50 25.33
CA GLU C 358 -19.68 19.98 26.02
C GLU C 358 -19.44 20.01 27.51
N ILE C 359 -18.26 19.60 27.94
CA ILE C 359 -17.93 19.62 29.37
C ILE C 359 -17.95 21.06 29.89
N ALA C 360 -17.36 21.99 29.14
CA ALA C 360 -17.38 23.39 29.57
C ALA C 360 -18.82 23.95 29.69
N VAL C 361 -19.71 23.50 28.80
CA VAL C 361 -21.10 23.83 28.94
C VAL C 361 -21.65 23.30 30.28
N GLU C 362 -21.42 22.03 30.63
CA GLU C 362 -21.88 21.51 31.92
C GLU C 362 -21.31 22.29 33.11
N LYS C 363 -20.10 22.85 33.01
CA LYS C 363 -19.51 23.60 34.12
C LYS C 363 -19.84 25.10 34.06
N GLY C 364 -20.65 25.55 33.12
CA GLY C 364 -21.06 26.93 33.06
C GLY C 364 -19.99 27.85 32.51
N LEU C 365 -19.01 27.31 31.82
CA LEU C 365 -18.00 28.15 31.20
C LEU C 365 -18.42 28.61 29.81
N ILE C 366 -19.58 28.12 29.34
CA ILE C 366 -20.22 28.59 28.10
C ILE C 366 -21.72 28.79 28.33
N GLN C 367 -22.35 29.77 27.65
CA GLN C 367 -23.80 30.09 27.79
C GLN C 367 -24.79 29.14 27.05
N ARG D 6 41.48 -20.07 -3.81
CA ARG D 6 41.79 -20.40 -5.24
C ARG D 6 41.41 -21.83 -5.60
N PRO D 7 41.80 -22.84 -4.76
CA PRO D 7 41.18 -24.16 -5.01
C PRO D 7 39.72 -24.22 -4.58
N GLN D 8 38.89 -24.81 -5.43
CA GLN D 8 37.47 -24.85 -5.18
C GLN D 8 37.15 -25.65 -3.91
N ILE D 9 36.02 -25.34 -3.30
CA ILE D 9 35.43 -26.16 -2.24
C ILE D 9 33.98 -26.48 -2.67
N LYS D 10 33.68 -27.77 -2.79
CA LYS D 10 32.36 -28.20 -3.23
C LYS D 10 31.36 -27.95 -2.12
N VAL D 11 30.22 -27.36 -2.47
CA VAL D 11 29.18 -27.09 -1.48
C VAL D 11 27.80 -27.60 -1.88
N GLY D 12 26.99 -27.83 -0.84
CA GLY D 12 25.61 -28.23 -0.98
C GLY D 12 24.64 -27.13 -0.55
N VAL D 13 23.44 -27.15 -1.14
CA VAL D 13 22.33 -26.29 -0.74
C VAL D 13 21.06 -27.14 -0.51
N LEU D 14 20.62 -27.20 0.74
CA LEU D 14 19.37 -27.81 1.06
C LEU D 14 18.28 -26.74 0.99
N GLY D 15 17.10 -27.12 0.48
CA GLY D 15 15.96 -26.19 0.34
C GLY D 15 16.17 -25.29 -0.84
N ALA D 16 16.69 -25.88 -1.89
CA ALA D 16 17.23 -25.13 -2.99
C ALA D 16 16.18 -24.42 -3.81
N THR D 17 14.96 -24.92 -3.78
CA THR D 17 13.89 -24.30 -4.58
C THR D 17 13.18 -23.19 -3.83
N GLY D 18 13.33 -23.18 -2.50
CA GLY D 18 12.80 -22.10 -1.65
C GLY D 18 13.56 -20.79 -1.85
N THR D 19 13.02 -19.69 -1.33
CA THR D 19 13.54 -18.35 -1.70
C THR D 19 14.94 -18.13 -1.14
N VAL D 20 15.15 -18.56 0.10
CA VAL D 20 16.49 -18.57 0.64
C VAL D 20 17.47 -19.43 -0.19
N GLY D 21 17.04 -20.62 -0.57
CA GLY D 21 17.85 -21.51 -1.41
C GLY D 21 18.25 -20.86 -2.71
N GLN D 22 17.33 -20.12 -3.30
CA GLN D 22 17.58 -19.42 -4.56
C GLN D 22 18.72 -18.41 -4.40
N ARG D 23 18.68 -17.70 -3.29
CA ARG D 23 19.66 -16.69 -3.03
C ARG D 23 21.02 -17.35 -2.79
N PHE D 24 21.05 -18.43 -2.00
CA PHE D 24 22.27 -19.21 -1.85
C PHE D 24 22.87 -19.55 -3.22
N ILE D 25 22.01 -20.02 -4.11
CA ILE D 25 22.43 -20.43 -5.44
C ILE D 25 22.98 -19.24 -6.26
N GLU D 26 22.25 -18.14 -6.27
CA GLU D 26 22.74 -16.94 -6.92
C GLU D 26 24.15 -16.53 -6.44
N LEU D 27 24.33 -16.50 -5.12
CA LEU D 27 25.59 -16.00 -4.56
C LEU D 27 26.69 -16.99 -4.72
N LEU D 28 26.38 -18.28 -4.62
CA LEU D 28 27.44 -19.27 -4.70
C LEU D 28 27.92 -19.49 -6.14
N ALA D 29 27.03 -19.31 -7.12
CA ALA D 29 27.46 -19.36 -8.52
C ALA D 29 28.53 -18.31 -8.78
N ALA D 30 28.36 -17.11 -8.20
CA ALA D 30 29.31 -15.96 -8.36
C ALA D 30 30.53 -16.00 -7.41
N HIS D 31 30.62 -17.01 -6.55
CA HIS D 31 31.62 -17.03 -5.48
C HIS D 31 33.02 -17.49 -5.94
N PRO D 32 34.07 -16.84 -5.44
CA PRO D 32 35.41 -17.13 -5.95
C PRO D 32 35.96 -18.51 -5.62
N TYR D 33 35.48 -19.20 -4.59
CA TYR D 33 35.95 -20.58 -4.33
C TYR D 33 34.96 -21.68 -3.91
N PHE D 34 33.79 -21.30 -3.41
CA PHE D 34 32.72 -22.23 -3.14
C PHE D 34 32.09 -22.62 -4.47
N ALA D 35 32.01 -23.92 -4.74
CA ALA D 35 31.42 -24.41 -5.99
C ALA D 35 30.16 -25.22 -5.76
N LEU D 36 29.05 -24.77 -6.36
CA LEU D 36 27.76 -25.50 -6.26
C LEU D 36 27.92 -26.91 -6.79
N HIS D 37 27.70 -27.88 -5.91
CA HIS D 37 27.90 -29.27 -6.26
C HIS D 37 26.66 -30.18 -6.04
N ALA D 38 25.84 -29.87 -5.04
CA ALA D 38 24.71 -30.74 -4.67
C ALA D 38 23.52 -29.92 -4.16
N LEU D 39 22.38 -30.04 -4.86
CA LEU D 39 21.15 -29.39 -4.47
C LEU D 39 20.14 -30.37 -3.88
N GLY D 40 19.52 -29.99 -2.78
CA GLY D 40 18.45 -30.79 -2.18
C GLY D 40 17.12 -30.04 -2.15
N ALA D 41 16.04 -30.72 -2.51
CA ALA D 41 14.69 -30.13 -2.38
C ALA D 41 13.74 -31.23 -1.92
N SER D 42 12.45 -31.04 -2.14
CA SER D 42 11.44 -32.03 -1.65
C SER D 42 11.49 -33.32 -2.45
N SER D 43 10.84 -34.33 -1.92
CA SER D 43 10.62 -35.57 -2.63
C SER D 43 9.84 -35.38 -3.93
N ARG D 44 8.99 -34.36 -3.95
CA ARG D 44 8.24 -34.03 -5.14
C ARG D 44 9.13 -33.46 -6.23
N SER D 45 10.19 -32.76 -5.87
CA SER D 45 11.04 -32.19 -6.92
C SER D 45 12.23 -33.06 -7.31
N ALA D 46 12.57 -34.03 -6.48
CA ALA D 46 13.79 -34.83 -6.69
C ALA D 46 13.78 -35.44 -8.06
N GLY D 47 14.95 -35.48 -8.67
CA GLY D 47 15.12 -36.08 -10.00
C GLY D 47 14.87 -35.12 -11.15
N GLN D 48 14.30 -33.95 -10.87
CA GLN D 48 14.10 -32.97 -11.93
C GLN D 48 15.23 -32.00 -11.94
N GLN D 49 15.40 -31.34 -13.08
CA GLN D 49 16.40 -30.31 -13.20
C GLN D 49 15.90 -29.08 -12.51
N TYR D 50 16.85 -28.38 -11.86
CA TYR D 50 16.53 -27.19 -11.09
C TYR D 50 15.65 -26.22 -11.89
N ALA D 51 16.08 -25.94 -13.12
CA ALA D 51 15.40 -24.94 -13.96
C ALA D 51 13.92 -25.25 -14.19
N ARG D 52 13.59 -26.54 -14.28
CA ARG D 52 12.22 -26.95 -14.59
C ARG D 52 11.30 -27.01 -13.38
N VAL D 53 11.85 -27.13 -12.17
CA VAL D 53 10.97 -27.25 -11.00
C VAL D 53 10.91 -25.99 -10.13
N VAL D 54 11.91 -25.13 -10.22
CA VAL D 54 11.92 -23.93 -9.37
C VAL D 54 10.95 -22.88 -9.91
N ARG D 55 10.24 -22.20 -9.02
CA ARG D 55 9.52 -20.97 -9.36
C ARG D 55 10.47 -19.80 -9.02
N TRP D 56 11.39 -19.48 -9.93
CA TRP D 56 12.47 -18.51 -9.67
C TRP D 56 11.97 -17.08 -9.45
N LYS D 57 12.00 -16.64 -8.19
CA LYS D 57 11.44 -15.35 -7.83
C LYS D 57 12.49 -14.24 -7.66
N LEU D 58 13.62 -14.33 -8.37
CA LEU D 58 14.67 -13.31 -8.21
C LEU D 58 14.84 -12.45 -9.48
N PRO D 59 15.19 -11.15 -9.32
CA PRO D 59 15.31 -10.20 -10.45
C PRO D 59 16.14 -10.72 -11.61
N SER D 60 17.33 -11.23 -11.32
CA SER D 60 18.25 -11.71 -12.35
C SER D 60 17.94 -13.18 -12.68
N PRO D 61 18.48 -13.70 -13.79
CA PRO D 61 18.03 -15.01 -14.24
C PRO D 61 18.78 -16.12 -13.55
N ILE D 62 18.28 -17.34 -13.72
CA ILE D 62 18.92 -18.52 -13.17
C ILE D 62 20.31 -18.65 -13.80
N PRO D 63 21.36 -18.85 -12.97
CA PRO D 63 22.73 -19.00 -13.52
C PRO D 63 22.91 -20.24 -14.39
N ASP D 64 23.90 -20.22 -15.26
CA ASP D 64 24.10 -21.33 -16.20
C ASP D 64 24.60 -22.58 -15.49
N ALA D 65 25.56 -22.42 -14.58
CA ALA D 65 26.12 -23.52 -13.81
C ALA D 65 25.06 -24.47 -13.25
N VAL D 66 23.87 -23.95 -12.90
CA VAL D 66 22.82 -24.74 -12.23
C VAL D 66 21.58 -25.10 -13.05
N ARG D 67 21.37 -24.45 -14.20
CA ARG D 67 20.16 -24.70 -14.99
C ARG D 67 19.85 -26.19 -15.08
N HIS D 68 20.87 -26.96 -15.42
CA HIS D 68 20.71 -28.38 -15.70
C HIS D 68 21.15 -29.31 -14.56
N MET D 69 21.43 -28.74 -13.39
CA MET D 69 21.75 -29.53 -12.21
C MET D 69 20.47 -30.18 -11.75
N VAL D 70 20.61 -31.38 -11.23
CA VAL D 70 19.47 -32.15 -10.80
C VAL D 70 19.35 -32.08 -9.30
N VAL D 71 18.13 -31.77 -8.85
CA VAL D 71 17.82 -31.70 -7.46
C VAL D 71 17.58 -33.11 -6.92
N HIS D 72 18.03 -33.37 -5.70
CA HIS D 72 17.96 -34.69 -5.13
C HIS D 72 17.21 -34.62 -3.85
N GLU D 73 17.04 -35.77 -3.21
CA GLU D 73 16.49 -35.79 -1.88
C GLU D 73 17.48 -35.17 -0.88
N CYS D 74 16.92 -34.66 0.21
CA CYS D 74 17.71 -34.01 1.24
C CYS D 74 18.22 -35.06 2.23
N ARG D 75 19.18 -35.89 1.78
CA ARG D 75 19.90 -36.78 2.70
C ARG D 75 21.38 -36.76 2.39
N PRO D 76 22.22 -37.05 3.40
CA PRO D 76 23.67 -36.95 3.25
C PRO D 76 24.31 -37.94 2.23
N ASP D 77 23.61 -39.04 1.94
CA ASP D 77 24.10 -40.05 1.00
C ASP D 77 23.47 -39.88 -0.37
N ALA D 78 22.79 -38.77 -0.63
CA ALA D 78 22.28 -38.54 -2.00
C ALA D 78 23.44 -38.04 -2.83
N PRO D 79 23.28 -38.05 -4.15
CA PRO D 79 24.42 -37.79 -5.04
C PRO D 79 25.08 -36.43 -4.85
N GLY D 80 26.38 -36.45 -4.59
CA GLY D 80 27.19 -35.24 -4.44
C GLY D 80 27.48 -34.82 -3.01
N PHE D 81 26.58 -35.17 -2.10
CA PHE D 81 26.59 -34.58 -0.77
C PHE D 81 27.78 -35.03 0.04
N ALA D 82 28.13 -36.32 -0.03
CA ALA D 82 29.30 -36.85 0.73
C ALA D 82 30.63 -36.12 0.40
N GLU D 83 30.73 -35.50 -0.79
CA GLU D 83 31.94 -34.75 -1.20
C GLU D 83 31.91 -33.28 -0.86
N CYS D 84 30.77 -32.77 -0.39
CA CYS D 84 30.65 -31.34 -0.05
C CYS D 84 31.42 -31.00 1.23
N GLY D 85 32.20 -29.93 1.18
CA GLY D 85 32.98 -29.48 2.34
C GLY D 85 32.15 -28.65 3.29
N VAL D 86 31.10 -28.03 2.76
CA VAL D 86 30.07 -27.36 3.57
C VAL D 86 28.70 -27.45 2.86
N VAL D 87 27.67 -27.72 3.66
CA VAL D 87 26.30 -27.78 3.16
C VAL D 87 25.52 -26.62 3.81
N PHE D 88 25.00 -25.75 2.94
CA PHE D 88 24.14 -24.63 3.36
C PHE D 88 22.68 -25.02 3.42
N SER D 89 21.99 -24.65 4.49
CA SER D 89 20.60 -24.99 4.66
C SER D 89 19.68 -23.78 4.63
N GLY D 90 18.78 -23.73 3.65
CA GLY D 90 17.64 -22.79 3.67
C GLY D 90 16.32 -23.51 3.91
N LEU D 91 16.29 -24.41 4.88
CA LEU D 91 15.09 -25.17 5.18
C LEU D 91 14.25 -24.48 6.23
N ASP D 92 12.93 -24.69 6.16
CA ASP D 92 12.00 -24.28 7.21
C ASP D 92 12.06 -25.21 8.42
N ALA D 93 11.76 -24.66 9.59
CA ALA D 93 12.00 -25.38 10.86
C ALA D 93 11.20 -26.67 10.97
N ASP D 94 10.05 -26.73 10.31
CA ASP D 94 9.20 -27.94 10.34
C ASP D 94 9.97 -29.22 9.95
N VAL D 95 10.90 -29.11 8.99
CA VAL D 95 11.65 -30.29 8.51
C VAL D 95 13.15 -30.27 8.81
N ALA D 96 13.67 -29.08 9.13
CA ALA D 96 15.11 -28.84 9.18
C ALA D 96 15.86 -29.62 10.26
N GLY D 97 15.20 -29.87 11.38
CA GLY D 97 15.86 -30.51 12.53
C GLY D 97 16.43 -31.89 12.27
N ASP D 98 15.57 -32.81 11.83
CA ASP D 98 16.01 -34.18 11.60
C ASP D 98 17.03 -34.23 10.48
N ILE D 99 16.79 -33.46 9.44
CA ILE D 99 17.64 -33.47 8.26
C ILE D 99 19.03 -32.91 8.55
N GLU D 100 19.07 -31.75 9.19
CA GLU D 100 20.35 -31.14 9.50
C GLU D 100 21.14 -32.05 10.45
N ASN D 101 20.42 -32.70 11.38
CA ASN D 101 21.06 -33.65 12.29
C ASN D 101 21.60 -34.87 11.56
N ALA D 102 20.88 -35.33 10.55
CA ALA D 102 21.34 -36.46 9.71
C ALA D 102 22.63 -36.10 8.95
N PHE D 103 22.67 -34.92 8.34
CA PHE D 103 23.90 -34.47 7.67
C PHE D 103 25.09 -34.40 8.62
N ARG D 104 24.87 -33.83 9.80
CA ARG D 104 25.95 -33.75 10.79
C ARG D 104 26.40 -35.14 11.26
N ALA D 105 25.43 -36.02 11.53
CA ALA D 105 25.72 -37.41 11.95
C ALA D 105 26.54 -38.19 10.92
N ALA D 106 26.34 -37.88 9.64
CA ALA D 106 27.13 -38.44 8.54
C ALA D 106 28.42 -37.67 8.32
N ASP D 107 28.86 -36.96 9.35
CA ASP D 107 30.17 -36.28 9.34
C ASP D 107 30.31 -35.15 8.29
N LEU D 108 29.20 -34.47 7.99
CA LEU D 108 29.21 -33.27 7.14
C LEU D 108 28.98 -31.96 7.92
N VAL D 109 29.46 -30.88 7.33
CA VAL D 109 29.39 -29.57 7.94
C VAL D 109 28.15 -28.81 7.46
N VAL D 110 27.36 -28.31 8.41
CA VAL D 110 26.08 -27.69 8.08
C VAL D 110 26.00 -26.25 8.62
N TYR D 111 25.74 -25.31 7.70
CA TYR D 111 25.43 -23.91 8.04
C TYR D 111 23.93 -23.66 7.90
N SER D 112 23.22 -23.60 9.02
CA SER D 112 21.75 -23.61 9.03
C SER D 112 21.15 -22.23 9.27
N ASN D 113 19.93 -22.06 8.76
CA ASN D 113 19.10 -20.90 9.08
C ASN D 113 17.85 -21.21 9.81
N ALA D 114 17.72 -22.43 10.30
CA ALA D 114 16.55 -22.78 11.04
C ALA D 114 16.76 -22.44 12.50
N LYS D 115 15.68 -22.44 13.26
CA LYS D 115 15.72 -22.16 14.68
C LYS D 115 16.22 -23.36 15.50
N ASN D 116 16.18 -24.54 14.90
CA ASN D 116 16.26 -25.78 15.67
C ASN D 116 17.50 -25.87 16.58
N TYR D 117 18.66 -25.44 16.06
CA TYR D 117 19.93 -25.60 16.79
C TYR D 117 20.49 -24.32 17.44
N ARG D 118 19.74 -23.23 17.39
CA ARG D 118 20.23 -21.93 17.87
C ARG D 118 20.56 -21.85 19.33
N ARG D 119 19.77 -22.53 20.13
CA ARG D 119 20.00 -22.55 21.56
C ARG D 119 20.79 -23.79 22.03
N ASP D 120 21.17 -24.67 21.09
CA ASP D 120 21.89 -25.89 21.46
C ASP D 120 23.23 -25.48 22.07
N PRO D 121 23.56 -26.05 23.27
CA PRO D 121 24.71 -25.50 24.00
C PRO D 121 26.07 -25.79 23.35
N LEU D 122 26.11 -26.57 22.28
CA LEU D 122 27.37 -26.84 21.55
C LEU D 122 27.42 -26.19 20.18
N CYS D 123 26.33 -25.54 19.79
CA CYS D 123 26.22 -25.01 18.44
C CYS D 123 26.27 -23.51 18.45
N PRO D 124 27.27 -22.92 17.80
CA PRO D 124 27.37 -21.46 17.78
C PRO D 124 26.23 -20.84 17.01
N LEU D 125 25.81 -19.66 17.46
CA LEU D 125 24.80 -18.83 16.76
C LEU D 125 25.50 -17.58 16.38
N ILE D 126 25.87 -17.49 15.13
CA ILE D 126 26.81 -16.47 14.72
C ILE D 126 26.22 -15.44 13.78
N VAL D 127 26.36 -14.18 14.18
CA VAL D 127 26.19 -13.07 13.29
C VAL D 127 27.60 -12.74 12.83
N PRO D 128 27.86 -12.86 11.51
CA PRO D 128 29.26 -12.84 11.05
C PRO D 128 29.99 -11.55 11.34
N LEU D 129 29.24 -10.44 11.46
CA LEU D 129 29.88 -9.14 11.75
C LEU D 129 30.02 -8.85 13.24
N VAL D 130 29.82 -9.87 14.07
CA VAL D 130 29.85 -9.70 15.49
C VAL D 130 30.66 -10.80 16.23
N ASN D 131 30.29 -12.07 16.08
CA ASN D 131 30.83 -13.09 16.96
C ASN D 131 31.36 -14.39 16.31
N PRO D 132 32.06 -14.28 15.19
CA PRO D 132 32.69 -15.47 14.62
C PRO D 132 33.69 -16.17 15.56
N SER D 133 34.23 -15.45 16.53
CA SER D 133 35.09 -16.08 17.53
C SER D 133 34.42 -17.30 18.16
N HIS D 134 33.09 -17.35 18.10
CA HIS D 134 32.40 -18.47 18.74
C HIS D 134 32.62 -19.82 18.02
N LEU D 135 33.23 -19.78 16.83
CA LEU D 135 33.76 -20.99 16.24
C LEU D 135 34.75 -21.80 17.17
N SER D 136 35.35 -21.15 18.15
CA SER D 136 36.25 -21.83 19.06
C SER D 136 35.64 -23.04 19.76
N ILE D 137 34.30 -23.11 19.83
CA ILE D 137 33.63 -24.23 20.49
C ILE D 137 33.46 -25.45 19.57
N ILE D 138 33.83 -25.35 18.29
CA ILE D 138 33.55 -26.43 17.35
C ILE D 138 34.26 -27.77 17.65
N PRO D 139 35.58 -27.71 17.95
CA PRO D 139 36.24 -28.96 18.32
C PRO D 139 35.50 -29.72 19.44
N TYR D 140 35.07 -29.00 20.47
CA TYR D 140 34.34 -29.61 21.56
C TYR D 140 32.99 -30.19 21.08
N GLN D 141 32.34 -29.54 20.11
CA GLN D 141 31.08 -30.06 19.55
C GLN D 141 31.33 -31.40 18.84
N ARG D 142 32.36 -31.43 17.99
CA ARG D 142 32.81 -32.66 17.33
C ARG D 142 33.13 -33.78 18.31
N GLU D 143 34.01 -33.47 19.24
CA GLU D 143 34.39 -34.46 20.22
C GLU D 143 33.14 -35.03 20.88
N GLN D 144 32.22 -34.19 21.33
CA GLN D 144 31.05 -34.68 22.06
C GLN D 144 30.11 -35.53 21.23
N LEU D 145 30.20 -35.41 19.91
CA LEU D 145 29.35 -36.22 19.04
C LEU D 145 30.10 -37.41 18.42
N GLY D 146 31.35 -37.60 18.80
CA GLY D 146 32.18 -38.62 18.18
C GLY D 146 32.40 -38.35 16.69
N LEU D 147 32.58 -37.08 16.32
CA LEU D 147 32.76 -36.74 14.93
C LEU D 147 34.11 -36.13 14.72
N LYS D 148 34.65 -36.32 13.53
CA LYS D 148 35.97 -35.83 13.20
C LYS D 148 35.85 -34.59 12.37
N LYS D 149 34.87 -34.55 11.49
CA LYS D 149 34.73 -33.45 10.55
C LYS D 149 33.43 -32.61 10.73
N GLY D 150 32.32 -33.28 11.02
CA GLY D 150 31.00 -32.64 10.97
C GLY D 150 30.64 -31.77 12.16
N TYR D 151 29.81 -30.77 11.88
CA TYR D 151 29.24 -29.91 12.92
C TYR D 151 28.10 -29.05 12.36
N ILE D 152 27.39 -28.40 13.27
CA ILE D 152 26.39 -27.39 12.93
C ILE D 152 26.73 -26.02 13.50
N VAL D 153 26.60 -25.01 12.64
CA VAL D 153 26.54 -23.62 13.05
C VAL D 153 25.23 -23.01 12.56
N THR D 154 24.58 -22.22 13.39
CA THR D 154 23.37 -21.51 12.97
C THR D 154 23.65 -20.05 12.78
N ASN D 155 23.06 -19.55 11.71
CA ASN D 155 23.06 -18.16 11.38
C ASN D 155 21.86 -17.49 12.07
N ALA D 156 21.98 -16.26 12.56
CA ALA D 156 20.79 -15.55 13.15
C ALA D 156 19.89 -14.91 12.11
N ASN D 157 18.64 -14.63 12.49
CA ASN D 157 17.65 -14.00 11.58
C ASN D 157 17.94 -12.54 11.38
N CYS D 158 17.20 -11.94 10.46
CA CYS D 158 17.56 -10.60 10.03
C CYS D 158 17.23 -9.52 11.11
N SER D 159 16.11 -9.66 11.82
CA SER D 159 15.73 -8.62 12.79
C SER D 159 16.70 -8.58 13.98
N THR D 160 17.07 -9.77 14.46
CA THR D 160 18.12 -9.92 15.46
C THR D 160 19.42 -9.31 14.95
N THR D 161 19.78 -9.60 13.72
CA THR D 161 21.04 -9.10 13.20
C THR D 161 21.03 -7.58 13.15
N GLY D 162 19.95 -7.02 12.66
CA GLY D 162 19.86 -5.55 12.52
C GLY D 162 20.03 -4.81 13.84
N ILE D 163 19.70 -5.47 14.94
CA ILE D 163 19.85 -4.91 16.27
C ILE D 163 21.23 -5.18 16.88
N VAL D 164 21.67 -6.44 16.88
CA VAL D 164 22.91 -6.77 17.58
C VAL D 164 24.19 -6.19 16.96
N VAL D 165 24.17 -5.88 15.67
CA VAL D 165 25.35 -5.29 15.08
C VAL D 165 25.64 -3.94 15.73
N PRO D 166 24.67 -3.00 15.71
CA PRO D 166 24.90 -1.75 16.45
C PRO D 166 25.25 -1.96 17.94
N LEU D 167 24.61 -2.93 18.59
CA LEU D 167 24.93 -3.18 19.98
C LEU D 167 26.37 -3.59 20.17
N ALA D 168 26.87 -4.42 19.27
CA ALA D 168 28.22 -4.90 19.35
C ALA D 168 29.20 -3.76 19.23
N ALA D 169 28.88 -2.80 18.36
CA ALA D 169 29.77 -1.66 18.16
C ALA D 169 29.82 -0.80 19.42
N LEU D 170 28.68 -0.71 20.10
CA LEU D 170 28.60 -0.01 21.36
C LEU D 170 29.40 -0.71 22.46
N GLU D 171 29.30 -2.03 22.55
CA GLU D 171 30.03 -2.76 23.58
C GLU D 171 31.52 -2.68 23.36
N LYS D 172 31.95 -2.86 22.12
CA LYS D 172 33.35 -2.76 21.82
C LYS D 172 33.91 -1.40 22.22
N ALA D 173 33.16 -0.33 21.96
CA ALA D 173 33.68 1.02 22.21
C ALA D 173 33.48 1.47 23.67
N PHE D 174 32.40 1.06 24.33
CA PHE D 174 32.06 1.64 25.64
C PHE D 174 31.81 0.63 26.74
N GLY D 175 32.08 -0.64 26.50
CA GLY D 175 31.89 -1.65 27.53
C GLY D 175 30.47 -2.16 27.61
N PRO D 176 30.21 -3.06 28.56
CA PRO D 176 28.98 -3.85 28.42
C PRO D 176 27.73 -3.00 28.57
N LEU D 177 26.66 -3.49 27.95
CA LEU D 177 25.36 -2.87 28.07
C LEU D 177 24.60 -3.47 29.24
N ASP D 178 23.85 -2.60 29.88
CA ASP D 178 23.03 -2.95 31.01
C ASP D 178 21.65 -3.36 30.51
N THR D 179 21.02 -2.43 29.78
CA THR D 179 19.62 -2.51 29.42
C THR D 179 19.44 -2.08 27.96
N VAL D 180 18.59 -2.82 27.26
CA VAL D 180 18.16 -2.50 25.88
C VAL D 180 16.65 -2.66 25.68
N ILE D 181 16.01 -1.63 25.13
CA ILE D 181 14.62 -1.70 24.77
C ILE D 181 14.54 -1.47 23.30
N VAL D 182 13.77 -2.31 22.61
CA VAL D 182 13.63 -2.15 21.18
C VAL D 182 12.21 -2.41 20.66
N THR D 183 11.76 -1.55 19.75
CA THR D 183 10.56 -1.83 18.99
C THR D 183 10.97 -2.03 17.53
N THR D 184 10.54 -3.12 16.90
CA THR D 184 10.84 -3.30 15.49
C THR D 184 9.63 -3.04 14.60
N LEU D 185 9.93 -2.60 13.37
CA LEU D 185 8.98 -2.47 12.30
C LEU D 185 9.49 -3.30 11.13
N GLN D 186 8.97 -4.50 11.01
CA GLN D 186 9.55 -5.49 10.14
C GLN D 186 8.80 -5.60 8.85
N ALA D 187 9.56 -5.62 7.78
CA ALA D 187 9.08 -5.80 6.41
C ALA D 187 8.58 -7.21 6.23
N ILE D 188 7.91 -7.45 5.11
CA ILE D 188 7.27 -8.71 4.83
C ILE D 188 8.21 -9.73 4.18
N SER D 189 9.28 -9.30 3.52
CA SER D 189 10.34 -10.25 3.10
C SER D 189 10.78 -11.26 4.18
N GLY D 190 10.80 -10.83 5.44
CA GLY D 190 10.89 -11.76 6.59
C GLY D 190 10.39 -13.23 6.53
N ALA D 191 9.15 -13.45 6.08
CA ALA D 191 8.47 -14.81 6.02
C ALA D 191 8.52 -15.60 7.33
N GLY D 195 3.89 -16.89 2.88
CA GLY D 195 4.39 -15.93 3.86
C GLY D 195 3.30 -15.10 4.54
N VAL D 196 3.38 -13.78 4.44
CA VAL D 196 2.33 -12.85 4.94
C VAL D 196 1.34 -12.54 3.82
N SER D 197 0.07 -12.78 4.09
CA SER D 197 -0.95 -12.60 3.09
C SER D 197 -1.28 -11.11 2.99
N SER D 198 -1.62 -10.66 1.80
CA SER D 198 -1.85 -9.29 1.62
C SER D 198 -3.03 -8.85 2.50
N LEU D 199 -4.03 -9.71 2.64
CA LEU D 199 -5.16 -9.38 3.51
C LEU D 199 -4.76 -9.07 4.93
N ASP D 200 -3.74 -9.74 5.46
CA ASP D 200 -3.34 -9.56 6.84
C ASP D 200 -2.70 -8.21 7.05
N ILE D 201 -1.98 -7.71 6.04
CA ILE D 201 -1.05 -6.62 6.23
C ILE D 201 -1.37 -5.29 5.50
N MET D 202 -2.11 -5.30 4.40
CA MET D 202 -2.25 -4.07 3.62
C MET D 202 -2.95 -3.01 4.44
N ASP D 203 -2.45 -1.77 4.39
CA ASP D 203 -3.10 -0.67 5.10
C ASP D 203 -3.31 -1.02 6.56
N ASN D 204 -2.33 -1.70 7.13
CA ASN D 204 -2.42 -2.21 8.46
C ASN D 204 -1.07 -2.37 9.21
N VAL D 205 -1.15 -2.71 10.49
CA VAL D 205 0.00 -3.10 11.26
C VAL D 205 -0.40 -4.33 12.04
N VAL D 206 0.45 -5.34 12.08
CA VAL D 206 0.20 -6.52 12.89
C VAL D 206 1.20 -6.48 14.00
N PRO D 207 0.73 -6.22 15.23
CA PRO D 207 1.65 -6.09 16.34
C PRO D 207 2.14 -7.38 17.00
N LEU D 208 2.12 -8.52 16.30
CA LEU D 208 2.68 -9.75 16.86
C LEU D 208 3.34 -10.46 15.77
N ILE D 209 4.52 -10.95 16.04
CA ILE D 209 5.21 -11.88 15.15
C ILE D 209 5.68 -13.00 16.07
N SER D 210 5.08 -14.16 15.93
CA SER D 210 5.15 -15.09 17.04
C SER D 210 6.59 -15.61 17.15
N GLY D 211 7.05 -15.69 18.39
CA GLY D 211 8.43 -16.10 18.66
C GLY D 211 9.50 -15.03 18.52
N GLU D 212 9.16 -13.87 17.99
CA GLU D 212 10.21 -12.97 17.51
C GLU D 212 10.86 -12.19 18.68
N GLU D 213 10.01 -11.74 19.62
CA GLU D 213 10.47 -11.01 20.75
C GLU D 213 11.35 -11.91 21.61
N ASP D 214 10.87 -13.11 21.83
CA ASP D 214 11.61 -14.06 22.60
C ASP D 214 13.00 -14.36 21.98
N LYS D 215 13.08 -14.48 20.65
CA LYS D 215 14.35 -14.65 19.96
C LYS D 215 15.30 -13.52 20.23
N ILE D 216 14.86 -12.30 19.96
CA ILE D 216 15.72 -11.14 20.19
C ILE D 216 16.17 -11.09 21.65
N GLU D 217 15.27 -11.40 22.57
CA GLU D 217 15.56 -11.28 24.00
C GLU D 217 16.59 -12.30 24.45
N TRP D 218 16.52 -13.51 23.93
CA TRP D 218 17.39 -14.60 24.36
C TRP D 218 18.69 -14.53 23.58
N GLU D 219 18.58 -14.39 22.26
CA GLU D 219 19.72 -14.55 21.37
C GLU D 219 20.74 -13.44 21.51
N THR D 220 20.29 -12.26 21.88
CA THR D 220 21.19 -11.10 22.03
C THR D 220 22.32 -11.39 23.02
N ASN D 221 21.99 -12.07 24.12
CA ASN D 221 23.00 -12.38 25.13
C ASN D 221 23.93 -13.51 24.68
N LYS D 222 23.41 -14.50 23.95
CA LYS D 222 24.29 -15.51 23.35
C LYS D 222 25.27 -14.89 22.37
N ILE D 223 24.76 -14.06 21.47
CA ILE D 223 25.57 -13.47 20.39
C ILE D 223 26.60 -12.43 20.88
N LEU D 224 26.20 -11.59 21.85
CA LEU D 224 27.12 -10.56 22.38
C LEU D 224 28.00 -11.09 23.52
N GLY D 225 27.65 -12.25 24.05
CA GLY D 225 28.45 -12.95 25.01
C GLY D 225 29.68 -13.58 24.39
N GLY D 226 30.33 -14.41 25.20
CA GLY D 226 31.55 -15.13 24.81
C GLY D 226 31.45 -16.65 24.91
N VAL D 227 32.57 -17.28 24.60
CA VAL D 227 32.80 -18.70 24.88
C VAL D 227 33.69 -18.83 26.12
N THR D 228 33.41 -19.79 26.99
CA THR D 228 34.20 -19.94 28.21
C THR D 228 35.67 -20.19 27.88
N PRO D 229 36.60 -19.81 28.78
CA PRO D 229 38.01 -20.00 28.44
C PRO D 229 38.39 -21.45 28.05
N ASP D 230 37.69 -22.46 28.58
CA ASP D 230 37.92 -23.87 28.17
C ASP D 230 37.41 -24.27 26.78
N ASN D 231 36.71 -23.36 26.09
CA ASN D 231 36.06 -23.61 24.79
C ASN D 231 35.06 -24.75 24.76
N LYS D 232 34.34 -24.95 25.86
CA LYS D 232 33.31 -25.97 25.93
C LYS D 232 31.88 -25.44 26.10
N ALA D 233 31.74 -24.13 26.31
CA ALA D 233 30.41 -23.55 26.56
C ALA D 233 30.30 -22.07 26.18
N PHE D 234 29.05 -21.64 26.05
CA PHE D 234 28.73 -20.22 25.86
C PHE D 234 28.43 -19.62 27.23
N ASP D 235 28.98 -18.42 27.52
CA ASP D 235 28.68 -17.76 28.80
C ASP D 235 27.37 -16.97 28.78
N LEU D 236 26.79 -16.77 27.59
CA LEU D 236 25.55 -16.05 27.44
C LEU D 236 25.61 -14.66 28.11
N HIS D 237 26.78 -14.01 28.04
CA HIS D 237 27.00 -12.64 28.60
C HIS D 237 26.83 -12.57 30.12
N ALA D 238 26.89 -13.75 30.77
CA ALA D 238 26.98 -13.80 32.23
C ALA D 238 28.38 -13.29 32.66
N PRO D 239 28.55 -12.94 33.93
CA PRO D 239 27.58 -13.01 35.03
C PRO D 239 26.53 -11.91 34.93
N LYS D 240 26.87 -10.80 34.30
CA LYS D 240 25.96 -9.65 34.22
C LYS D 240 25.26 -9.55 32.80
N GLN D 241 24.14 -10.27 32.64
CA GLN D 241 23.44 -10.35 31.33
C GLN D 241 22.76 -9.05 30.97
N ILE D 242 22.69 -8.76 29.67
CA ILE D 242 21.95 -7.59 29.20
C ILE D 242 20.44 -7.82 29.43
N ASN D 243 19.74 -6.82 29.94
CA ASN D 243 18.29 -6.87 30.02
C ASN D 243 17.70 -6.36 28.75
N VAL D 244 17.03 -7.25 28.01
CA VAL D 244 16.45 -6.89 26.73
C VAL D 244 14.95 -7.07 26.75
N SER D 245 14.23 -6.05 26.28
CA SER D 245 12.80 -6.13 26.14
C SER D 245 12.46 -5.64 24.75
N ALA D 246 11.76 -6.50 24.00
CA ALA D 246 11.36 -6.18 22.66
C ALA D 246 9.85 -6.17 22.42
N THR D 247 9.41 -5.35 21.47
CA THR D 247 8.10 -5.48 20.87
C THR D 247 8.34 -5.51 19.36
N CYS D 248 7.76 -6.46 18.68
CA CYS D 248 8.05 -6.68 17.25
C CYS D 248 6.78 -6.57 16.48
N THR D 249 6.80 -5.72 15.47
CA THR D 249 5.60 -5.51 14.66
C THR D 249 5.91 -5.75 13.22
N ARG D 250 4.88 -6.00 12.45
CA ARG D 250 4.99 -6.13 11.01
C ARG D 250 4.33 -4.92 10.37
N VAL D 251 4.93 -4.40 9.31
CA VAL D 251 4.38 -3.25 8.61
C VAL D 251 4.29 -3.58 7.12
N PRO D 252 3.52 -2.81 6.34
CA PRO D 252 3.36 -3.11 4.93
C PRO D 252 4.47 -2.54 4.08
N VAL D 253 5.64 -3.18 4.21
CA VAL D 253 6.83 -2.77 3.53
C VAL D 253 7.47 -4.04 3.01
N ILE D 254 7.98 -4.00 1.79
CA ILE D 254 8.53 -5.20 1.20
C ILE D 254 9.86 -5.58 1.82
N ASP D 255 10.80 -4.63 1.86
CA ASP D 255 12.15 -4.91 2.31
C ASP D 255 12.60 -3.87 3.30
N GLY D 256 13.38 -4.30 4.30
CA GLY D 256 14.01 -3.35 5.25
C GLY D 256 13.37 -3.48 6.60
N HIS D 257 14.13 -3.99 7.57
CA HIS D 257 13.65 -4.04 8.94
C HIS D 257 14.17 -2.86 9.70
N THR D 258 13.25 -2.11 10.27
CA THR D 258 13.62 -0.93 11.04
C THR D 258 13.54 -1.25 12.53
N GLY D 259 14.52 -0.79 13.31
CA GLY D 259 14.46 -0.90 14.77
C GLY D 259 14.61 0.45 15.50
N CYS D 260 13.78 0.68 16.52
CA CYS D 260 13.86 1.86 17.37
C CYS D 260 14.41 1.42 18.73
N VAL D 261 15.63 1.84 19.03
CA VAL D 261 16.37 1.24 20.13
C VAL D 261 16.71 2.28 21.22
N SER D 262 16.53 1.92 22.49
CA SER D 262 17.07 2.70 23.63
C SER D 262 18.08 1.87 24.42
N VAL D 263 19.20 2.49 24.80
CA VAL D 263 20.29 1.75 25.44
C VAL D 263 20.75 2.44 26.71
N LYS D 264 20.95 1.64 27.75
CA LYS D 264 21.63 2.08 28.94
C LYS D 264 22.94 1.35 29.08
N PHE D 265 24.03 2.11 29.19
CA PHE D 265 25.37 1.53 29.39
C PHE D 265 25.62 1.16 30.85
N ALA D 266 26.41 0.11 31.09
CA ALA D 266 26.83 -0.25 32.47
C ALA D 266 27.77 0.81 33.05
N ARG D 267 28.59 1.41 32.20
CA ARG D 267 29.59 2.35 32.66
C ARG D 267 29.14 3.80 32.60
N SER D 268 29.75 4.59 33.48
CA SER D 268 29.45 6.00 33.70
C SER D 268 30.74 6.82 33.54
N PRO D 269 30.65 8.04 32.98
CA PRO D 269 29.44 8.60 32.37
C PRO D 269 29.18 7.94 31.02
N PRO D 270 27.93 8.07 30.51
CA PRO D 270 27.71 7.53 29.21
C PRO D 270 28.32 8.45 28.16
N PRO D 271 28.58 7.90 27.01
CA PRO D 271 29.12 8.70 25.95
C PRO D 271 28.15 9.77 25.43
N SER D 272 28.71 10.77 24.80
CA SER D 272 27.91 11.77 24.08
C SER D 272 27.42 11.19 22.75
N VAL D 273 26.48 11.90 22.17
CA VAL D 273 26.01 11.64 20.83
C VAL D 273 27.16 11.51 19.82
N ALA D 274 28.09 12.45 19.86
CA ALA D 274 29.19 12.46 18.89
C ALA D 274 30.06 11.21 19.07
N GLU D 275 30.32 10.82 20.31
CA GLU D 275 31.13 9.66 20.57
C GLU D 275 30.45 8.38 20.07
N VAL D 276 29.12 8.37 20.14
CA VAL D 276 28.36 7.23 19.68
C VAL D 276 28.36 7.16 18.17
N GLU D 277 28.15 8.30 17.52
CA GLU D 277 28.32 8.40 16.08
C GLU D 277 29.68 7.83 15.60
N ASN D 278 30.76 8.21 16.28
CA ASN D 278 32.07 7.72 15.90
C ASN D 278 32.23 6.26 16.13
N ALA D 279 31.73 5.75 17.26
CA ALA D 279 31.82 4.34 17.55
C ALA D 279 31.21 3.52 16.40
N PHE D 280 30.06 3.99 15.88
CA PHE D 280 29.39 3.33 14.78
C PHE D 280 30.21 3.44 13.48
N ARG D 281 30.62 4.65 13.11
CA ARG D 281 31.45 4.86 11.89
C ARG D 281 32.70 4.03 11.84
N GLU D 282 33.37 3.90 12.96
CA GLU D 282 34.70 3.31 13.02
C GLU D 282 34.63 1.81 13.21
N TYR D 283 33.47 1.26 13.59
CA TYR D 283 33.38 -0.16 13.92
C TYR D 283 33.89 -1.04 12.76
N THR D 284 34.79 -1.97 13.08
CA THR D 284 35.27 -2.98 12.15
C THR D 284 35.39 -4.28 12.92
N CYS D 285 35.17 -5.40 12.23
CA CYS D 285 35.02 -6.70 12.94
C CYS D 285 36.00 -7.76 12.40
N ASP D 286 36.09 -8.91 13.08
CA ASP D 286 36.99 -9.99 12.66
C ASP D 286 36.87 -10.30 11.18
N ALA D 287 35.64 -10.36 10.67
CA ALA D 287 35.41 -10.79 9.30
C ALA D 287 36.06 -9.84 8.30
N GLN D 288 36.07 -8.56 8.61
CA GLN D 288 36.74 -7.58 7.76
C GLN D 288 38.26 -7.74 7.93
N HIS D 289 38.71 -7.98 9.16
CA HIS D 289 40.17 -8.11 9.46
C HIS D 289 40.77 -9.34 8.81
N LEU D 290 40.00 -10.43 8.76
CA LEU D 290 40.37 -11.64 8.04
C LEU D 290 40.30 -11.44 6.52
N GLY D 291 39.66 -10.37 6.05
CA GLY D 291 39.53 -10.12 4.62
C GLY D 291 38.73 -11.18 3.85
N VAL D 292 37.76 -11.85 4.46
CA VAL D 292 36.91 -12.80 3.71
C VAL D 292 36.15 -12.07 2.59
N PRO D 293 35.90 -12.77 1.49
CA PRO D 293 35.47 -12.08 0.26
C PRO D 293 34.11 -11.45 0.34
N SER D 294 33.20 -12.04 1.13
CA SER D 294 31.82 -11.56 1.18
C SER D 294 31.56 -10.52 2.30
N ALA D 295 32.59 -10.21 3.08
CA ALA D 295 32.48 -9.16 4.09
C ALA D 295 32.43 -7.76 3.46
N PRO D 296 31.65 -6.82 4.04
CA PRO D 296 31.51 -5.51 3.47
C PRO D 296 32.68 -4.65 3.91
N ALA D 297 32.94 -3.63 3.11
CA ALA D 297 34.01 -2.71 3.41
C ALA D 297 33.61 -1.86 4.59
N GLN D 298 32.32 -1.54 4.70
CA GLN D 298 31.81 -0.62 5.74
C GLN D 298 30.75 -1.36 6.54
N ALA D 299 30.99 -1.53 7.83
CA ALA D 299 30.11 -2.36 8.61
C ALA D 299 28.81 -1.61 8.99
N ILE D 300 28.92 -0.35 9.38
CA ILE D 300 27.77 0.44 9.75
C ILE D 300 27.83 1.81 9.18
N VAL D 301 26.76 2.24 8.54
CA VAL D 301 26.68 3.57 8.01
C VAL D 301 25.88 4.43 8.98
N VAL D 302 26.37 5.63 9.26
CA VAL D 302 25.69 6.58 10.11
C VAL D 302 25.07 7.59 9.18
N HIS D 303 23.76 7.83 9.31
CA HIS D 303 23.08 8.83 8.51
C HIS D 303 23.01 10.13 9.29
N ASP D 304 23.33 11.24 8.66
CA ASP D 304 23.30 12.54 9.34
C ASP D 304 21.94 13.19 9.18
N ALA D 305 21.18 12.88 8.13
CA ALA D 305 19.87 13.52 7.98
C ALA D 305 18.91 13.12 9.14
N PRO D 306 18.19 14.10 9.65
CA PRO D 306 17.33 13.81 10.80
C PRO D 306 16.23 12.77 10.54
N ASP D 307 15.85 12.54 9.26
CA ASP D 307 14.76 11.60 8.92
C ASP D 307 15.24 10.32 8.28
N ARG D 308 16.43 9.87 8.63
CA ARG D 308 17.01 8.69 8.04
C ARG D 308 17.64 7.84 9.12
N PRO D 309 17.77 6.54 8.89
CA PRO D 309 17.46 5.78 7.68
C PRO D 309 15.98 5.51 7.43
N GLN D 310 15.66 5.22 6.16
CA GLN D 310 14.34 4.78 5.73
C GLN D 310 14.51 3.55 4.88
N PRO D 311 13.69 2.50 5.09
CA PRO D 311 13.95 1.22 4.42
C PRO D 311 13.93 1.26 2.91
N ARG D 312 13.03 2.04 2.34
CA ARG D 312 12.95 2.12 0.90
C ARG D 312 14.05 2.97 0.29
N LEU D 313 14.55 3.96 1.01
CA LEU D 313 15.59 4.81 0.48
C LEU D 313 17.02 4.24 0.69
N ASP D 314 17.26 3.55 1.80
CA ASP D 314 18.61 3.21 2.24
C ASP D 314 18.92 1.74 2.12
N LYS D 315 18.41 1.17 1.05
CA LYS D 315 18.88 -0.12 0.64
C LYS D 315 19.96 0.09 -0.42
N ASN D 316 20.81 -0.92 -0.57
CA ASN D 316 21.96 -0.93 -1.48
C ASN D 316 22.91 0.24 -1.30
N LEU D 317 23.38 0.37 -0.07
CA LEU D 317 24.31 1.42 0.29
C LEU D 317 25.68 1.19 -0.35
N HIS D 318 26.50 2.23 -0.32
CA HIS D 318 27.87 2.15 -0.79
C HIS D 318 28.75 1.33 0.17
N ASN D 319 29.84 0.78 -0.39
CA ASN D 319 30.85 0.03 0.33
C ASN D 319 30.35 -1.30 0.86
N GLY D 320 29.29 -1.79 0.21
CA GLY D 320 28.63 -3.04 0.58
C GLY D 320 27.94 -2.97 1.93
N ALA D 321 27.70 -1.77 2.44
CA ALA D 321 27.17 -1.58 3.81
C ALA D 321 25.74 -2.09 3.96
N CYS D 322 25.49 -2.75 5.10
CA CYS D 322 24.28 -3.55 5.25
C CYS D 322 23.43 -3.15 6.44
N VAL D 323 24.06 -2.52 7.43
CA VAL D 323 23.36 -1.97 8.58
C VAL D 323 23.61 -0.48 8.69
N SER D 324 22.55 0.28 8.92
CA SER D 324 22.75 1.69 9.14
C SER D 324 21.95 2.17 10.35
N VAL D 325 22.32 3.35 10.84
CA VAL D 325 21.70 3.94 12.00
C VAL D 325 21.58 5.43 11.79
N GLY D 326 20.70 6.04 12.57
CA GLY D 326 20.37 7.45 12.43
C GLY D 326 19.60 7.90 13.67
N ARG D 327 19.25 9.18 13.68
CA ARG D 327 18.54 9.78 14.79
C ARG D 327 19.18 9.44 16.12
N ILE D 328 20.49 9.50 16.18
CA ILE D 328 21.18 9.20 17.45
C ILE D 328 21.06 10.39 18.40
N ARG D 329 20.48 10.15 19.57
CA ARG D 329 20.13 11.24 20.47
C ARG D 329 19.94 10.77 21.89
N GLU D 330 19.93 11.72 22.83
CA GLU D 330 19.77 11.38 24.24
C GLU D 330 18.40 10.81 24.48
N CYS D 331 18.33 9.84 25.38
CA CYS D 331 17.09 9.26 25.86
C CYS D 331 16.85 9.74 27.28
N PRO D 332 15.71 10.40 27.51
CA PRO D 332 15.44 10.90 28.87
C PRO D 332 15.35 9.79 29.92
N VAL D 333 15.24 8.54 29.49
CA VAL D 333 15.09 7.44 30.42
C VAL D 333 16.34 6.60 30.62
N PHE D 334 16.99 6.24 29.53
CA PHE D 334 18.26 5.50 29.57
C PHE D 334 19.39 6.44 29.20
N ASP D 335 20.33 6.01 28.37
CA ASP D 335 21.41 6.93 27.94
C ASP D 335 21.23 7.43 26.53
N ILE D 336 21.04 6.51 25.59
CA ILE D 336 21.08 6.85 24.17
C ILE D 336 20.00 6.08 23.45
N LYS D 337 19.34 6.74 22.50
CA LYS D 337 18.43 6.05 21.61
C LYS D 337 18.68 6.37 20.14
N PHE D 338 18.22 5.47 19.27
CA PHE D 338 18.53 5.61 17.83
C PHE D 338 17.63 4.73 17.00
N VAL D 339 17.76 4.90 15.68
CA VAL D 339 17.00 4.13 14.74
C VAL D 339 17.96 3.38 13.88
N CYS D 340 17.72 2.08 13.66
CA CYS D 340 18.61 1.25 12.85
C CYS D 340 17.84 0.54 11.75
N LEU D 341 18.54 0.14 10.71
CA LEU D 341 17.93 -0.44 9.55
C LEU D 341 18.84 -1.53 9.04
N ILE D 342 18.25 -2.65 8.71
CA ILE D 342 18.99 -3.68 8.05
C ILE D 342 18.34 -4.00 6.75
N ASP D 343 19.18 -3.97 5.73
CA ASP D 343 18.82 -4.38 4.39
C ASP D 343 18.78 -5.92 4.37
N ASN D 344 17.61 -6.49 4.65
CA ASN D 344 17.51 -7.94 4.77
C ASN D 344 17.60 -8.68 3.43
N VAL D 345 17.64 -7.92 2.32
CA VAL D 345 17.95 -8.50 1.01
C VAL D 345 19.48 -8.69 0.81
N ARG D 346 20.25 -7.64 0.96
CA ARG D 346 21.69 -7.77 0.93
C ARG D 346 22.26 -8.62 2.09
N LEU D 347 21.84 -8.38 3.32
CA LEU D 347 22.35 -9.13 4.47
C LEU D 347 21.30 -10.06 4.99
N GLY D 348 20.83 -10.87 4.06
CA GLY D 348 19.87 -11.87 4.36
C GLY D 348 20.54 -13.08 4.91
N ALA D 349 19.70 -14.07 5.06
CA ALA D 349 20.11 -15.33 5.56
C ALA D 349 21.24 -15.98 4.75
N ALA D 350 21.14 -15.93 3.44
CA ALA D 350 22.15 -16.59 2.61
C ALA D 350 23.49 -15.88 2.80
N THR D 351 23.48 -14.55 2.65
CA THR D 351 24.73 -13.80 2.75
C THR D 351 25.39 -14.03 4.11
N SER D 352 24.61 -14.03 5.17
CA SER D 352 25.19 -14.21 6.47
C SER D 352 25.81 -15.58 6.59
N SER D 353 25.11 -16.61 6.13
CA SER D 353 25.61 -17.99 6.24
C SER D 353 26.89 -18.16 5.43
N ILE D 354 26.96 -17.53 4.28
CA ILE D 354 28.12 -17.63 3.46
C ILE D 354 29.34 -16.99 4.14
N ILE D 355 29.15 -15.78 4.66
CA ILE D 355 30.25 -15.07 5.34
C ILE D 355 30.72 -15.88 6.52
N ASN D 356 29.78 -16.47 7.26
CA ASN D 356 30.16 -17.39 8.32
C ASN D 356 31.06 -18.52 7.83
N ALA D 357 30.68 -19.14 6.72
CA ALA D 357 31.44 -20.24 6.17
C ALA D 357 32.82 -19.75 5.72
N GLU D 358 32.90 -18.56 5.09
CA GLU D 358 34.20 -18.05 4.62
C GLU D 358 35.17 -17.94 5.83
N ILE D 359 34.65 -17.43 6.94
CA ILE D 359 35.45 -17.34 8.14
C ILE D 359 35.92 -18.72 8.65
N ALA D 360 35.02 -19.71 8.61
CA ALA D 360 35.42 -21.08 9.00
C ALA D 360 36.51 -21.67 8.09
N VAL D 361 36.49 -21.27 6.82
CA VAL D 361 37.55 -21.63 5.91
C VAL D 361 38.86 -21.02 6.43
N GLU D 362 38.86 -19.73 6.74
CA GLU D 362 40.09 -19.12 7.24
C GLU D 362 40.63 -19.76 8.52
N LYS D 363 39.76 -20.29 9.36
CA LYS D 363 40.23 -20.92 10.59
C LYS D 363 40.56 -22.40 10.44
N GLY D 364 40.48 -22.95 9.24
CA GLY D 364 40.74 -24.37 9.04
C GLY D 364 39.63 -25.31 9.54
N LEU D 365 38.42 -24.82 9.71
CA LEU D 365 37.31 -25.70 10.06
C LEU D 365 36.66 -26.33 8.83
N ILE D 366 37.07 -25.92 7.63
CA ILE D 366 36.59 -26.48 6.36
C ILE D 366 37.80 -26.69 5.41
N GLN D 367 37.79 -27.73 4.57
CA GLN D 367 38.90 -28.07 3.62
C GLN D 367 39.02 -27.16 2.39
#